data_5HZN
#
_entry.id   5HZN
#
_cell.length_a   111.435
_cell.length_b   190.045
_cell.length_c   155.488
_cell.angle_alpha   90.000
_cell.angle_beta   90.220
_cell.angle_gamma   90.000
#
_symmetry.space_group_name_H-M   'C 1 2 1'
#
loop_
_entity.id
_entity.type
_entity.pdbx_description
1 polymer 'Insulin-like growth factor 1 receptor'
2 non-polymer 7-[cis-3-(azetidin-1-ylmethyl)cyclobutyl]-5-[3-(benzyloxy)phenyl]-7H-pyrrolo[2,3-d]pyrimidin-4-amine
3 non-polymer '2-(N-MORPHOLINO)-ETHANESULFONIC ACID'
4 non-polymer 'SULFATE ION'
5 water water
#
_entity_poly.entity_id   1
_entity_poly.type   'polypeptide(L)'
_entity_poly.pdbx_seq_one_letter_code
;AADVYVPDEWEVAREKITMSRELGQGSFGMVYEGVAKGVVKDEPETRVAIKTVNEAASMRERIEFLNEASVMKEFNCHHV
VRLLGVVSQGQPTLVIMELMTRGDLKSYLRSLRPAMANNPVLAPPSLSKMIQMAGEIADGMAYLNANKFVHRDLAARNCM
VAEDFTVKIGDFGMTRDIYETDYYRKGGKGLLPVRWMSPESLKDGVFTTYSDVWSFGVVLWEIATLAEQPYQGLSNEQVL
RFVMEGGLLDKPDNCPDMLFELMRMCWQYNPKMRPSFLEIISSIKEEMEPGFREVSFYYSEENK
;
_entity_poly.pdbx_strand_id   A,B,C,D,E,F,G,H
#
loop_
_chem_comp.id
_chem_comp.type
_chem_comp.name
_chem_comp.formula
66A non-polymer 7-[cis-3-(azetidin-1-ylmethyl)cyclobutyl]-5-[3-(benzyloxy)phenyl]-7H-pyrrolo[2,3-d]pyrimidin-4-amine 'C27 H29 N5 O'
MES non-polymer '2-(N-MORPHOLINO)-ETHANESULFONIC ACID' 'C6 H13 N O4 S'
SO4 non-polymer 'SULFATE ION' 'O4 S -2'
#
# COMPACT_ATOMS: atom_id res chain seq x y z
N ALA A 1 -64.36 24.31 10.20
CA ALA A 1 -63.32 24.51 11.26
C ALA A 1 -61.92 24.27 10.71
N ALA A 2 -60.95 25.01 11.23
CA ALA A 2 -59.53 24.92 10.82
C ALA A 2 -58.60 25.25 11.99
N ASP A 3 -57.40 24.68 11.98
CA ASP A 3 -56.37 24.99 12.98
C ASP A 3 -55.09 25.59 12.37
N VAL A 4 -55.27 26.43 11.35
CA VAL A 4 -54.16 27.16 10.76
C VAL A 4 -53.99 28.52 11.41
N TYR A 5 -52.80 29.12 11.26
CA TYR A 5 -52.57 30.48 11.70
C TYR A 5 -53.62 31.41 11.09
N VAL A 6 -54.25 32.21 11.93
CA VAL A 6 -55.29 33.14 11.51
C VAL A 6 -54.75 34.56 11.59
N PRO A 7 -54.61 35.23 10.44
CA PRO A 7 -54.20 36.65 10.43
C PRO A 7 -55.08 37.51 11.32
N ASP A 8 -54.46 38.43 12.04
CA ASP A 8 -55.17 39.28 13.01
C ASP A 8 -54.64 40.72 12.97
N GLU A 9 -54.84 41.47 14.04
CA GLU A 9 -54.37 42.86 14.11
C GLU A 9 -52.85 43.02 14.02
N TRP A 10 -52.10 41.91 14.15
CA TRP A 10 -50.65 41.91 14.06
C TRP A 10 -50.14 41.84 12.61
N GLU A 11 -51.01 41.42 11.69
CA GLU A 11 -50.67 41.28 10.27
C GLU A 11 -50.29 42.62 9.63
N VAL A 12 -49.24 42.58 8.82
CA VAL A 12 -48.71 43.77 8.19
C VAL A 12 -48.63 43.49 6.69
N ALA A 13 -49.12 44.46 5.90
CA ALA A 13 -48.96 44.41 4.44
C ALA A 13 -47.48 44.33 4.04
N ARG A 14 -47.19 43.39 3.15
CA ARG A 14 -45.81 43.10 2.71
C ARG A 14 -45.10 44.35 2.20
N GLU A 15 -45.85 45.22 1.52
CA GLU A 15 -45.30 46.44 0.88
C GLU A 15 -44.84 47.49 1.88
N LYS A 16 -45.25 47.34 3.13
CA LYS A 16 -44.82 48.26 4.19
C LYS A 16 -43.46 47.93 4.86
N ILE A 17 -42.83 46.83 4.43
CA ILE A 17 -41.53 46.40 4.97
C ILE A 17 -40.44 46.37 3.91
N THR A 18 -39.31 47.02 4.18
CA THR A 18 -38.10 46.84 3.37
C THR A 18 -36.94 46.35 4.24
N MET A 19 -36.07 45.52 3.68
CA MET A 19 -34.86 45.05 4.34
C MET A 19 -33.66 45.81 3.79
N SER A 20 -32.69 46.10 4.64
CA SER A 20 -31.48 46.78 4.18
C SER A 20 -30.19 46.02 4.51
N ARG A 21 -30.14 45.30 5.63
CA ARG A 21 -28.98 44.46 5.86
C ARG A 21 -29.16 43.25 6.78
N GLU A 22 -28.18 42.36 6.71
CA GLU A 22 -28.07 41.19 7.55
C GLU A 22 -27.63 41.59 8.95
N LEU A 23 -28.31 41.05 9.95
CA LEU A 23 -27.89 41.19 11.35
C LEU A 23 -27.31 39.89 11.91
N GLY A 24 -27.80 38.75 11.40
CA GLY A 24 -27.26 37.46 11.77
C GLY A 24 -28.35 36.44 11.97
N GLN A 25 -27.94 35.18 12.11
CA GLN A 25 -28.85 34.06 12.23
C GLN A 25 -28.79 33.41 13.61
N GLY A 26 -29.93 33.40 14.31
CA GLY A 26 -30.12 32.61 15.54
C GLY A 26 -31.01 31.43 15.19
N SER A 27 -32.19 31.33 15.80
CA SER A 27 -33.13 30.28 15.42
C SER A 27 -33.79 30.64 14.08
N PHE A 28 -34.25 29.62 13.36
CA PHE A 28 -34.91 29.78 12.07
C PHE A 28 -33.96 30.48 11.07
N GLY A 29 -34.39 31.54 10.40
CA GLY A 29 -33.59 32.09 9.31
C GLY A 29 -32.82 33.34 9.68
N MET A 30 -32.16 33.92 8.69
CA MET A 30 -31.49 35.20 8.83
C MET A 30 -32.40 36.29 9.42
N VAL A 31 -31.85 37.10 10.32
CA VAL A 31 -32.47 38.33 10.78
C VAL A 31 -31.86 39.52 10.02
N TYR A 32 -32.74 40.34 9.46
CA TYR A 32 -32.37 41.53 8.70
C TYR A 32 -32.77 42.80 9.44
N GLU A 33 -31.93 43.83 9.34
CA GLU A 33 -32.34 45.18 9.71
C GLU A 33 -33.17 45.78 8.55
N GLY A 34 -34.22 46.51 8.89
CA GLY A 34 -35.08 47.13 7.91
C GLY A 34 -35.94 48.23 8.49
N VAL A 35 -37.02 48.54 7.76
CA VAL A 35 -37.94 49.61 8.11
C VAL A 35 -39.37 49.09 7.90
N ALA A 36 -40.26 49.38 8.85
CA ALA A 36 -41.67 49.06 8.73
C ALA A 36 -42.53 50.30 8.98
N LYS A 37 -43.51 50.51 8.10
CA LYS A 37 -44.43 51.65 8.18
C LYS A 37 -45.72 51.23 8.89
N GLY A 38 -46.15 52.07 9.83
CA GLY A 38 -47.43 51.85 10.51
C GLY A 38 -47.45 50.75 11.56
N VAL A 39 -46.31 50.50 12.22
CA VAL A 39 -46.22 49.43 13.23
C VAL A 39 -46.18 49.99 14.64
N VAL A 40 -45.73 51.24 14.77
CA VAL A 40 -45.72 51.93 16.05
C VAL A 40 -46.71 53.10 15.98
N LYS A 41 -47.52 53.25 17.02
CA LYS A 41 -48.54 54.28 17.10
C LYS A 41 -47.93 55.69 17.05
N ASP A 42 -48.35 56.47 16.05
CA ASP A 42 -47.91 57.87 15.89
C ASP A 42 -46.46 58.03 15.38
N GLU A 43 -45.86 56.92 14.95
CA GLU A 43 -44.64 56.93 14.15
C GLU A 43 -45.04 56.48 12.76
N PRO A 44 -44.80 57.29 11.73
CA PRO A 44 -45.01 56.85 10.35
C PRO A 44 -44.09 55.68 9.98
N GLU A 45 -42.83 55.76 10.41
CA GLU A 45 -41.80 54.78 10.07
C GLU A 45 -41.08 54.29 11.32
N THR A 46 -40.69 53.01 11.32
CA THR A 46 -39.97 52.44 12.45
C THR A 46 -38.83 51.54 11.95
N ARG A 47 -37.63 51.76 12.48
CA ARG A 47 -36.53 50.81 12.28
C ARG A 47 -36.84 49.53 13.03
N VAL A 48 -36.65 48.40 12.35
CA VAL A 48 -37.10 47.10 12.84
C VAL A 48 -36.07 46.01 12.55
N ALA A 49 -36.21 44.87 13.22
CA ALA A 49 -35.49 43.67 12.86
C ALA A 49 -36.51 42.77 12.20
N ILE A 50 -36.11 42.08 11.15
CA ILE A 50 -37.04 41.25 10.37
C ILE A 50 -36.48 39.83 10.27
N LYS A 51 -37.23 38.89 10.82
CA LYS A 51 -36.81 37.51 10.91
C LYS A 51 -37.52 36.63 9.86
N THR A 52 -36.74 35.76 9.21
CA THR A 52 -37.26 34.82 8.23
C THR A 52 -37.13 33.37 8.70
N VAL A 53 -37.69 32.44 7.93
CA VAL A 53 -37.42 31.01 8.11
C VAL A 53 -36.11 30.61 7.39
N ASN A 54 -35.62 29.43 7.69
CA ASN A 54 -34.36 28.97 7.11
C ASN A 54 -34.61 28.19 5.80
N GLU A 55 -35.66 27.36 5.80
CA GLU A 55 -36.00 26.51 4.68
C GLU A 55 -37.35 26.90 4.09
N ALA A 56 -37.29 27.59 2.95
CA ALA A 56 -38.48 28.11 2.27
C ALA A 56 -39.57 27.05 2.04
N ALA A 57 -39.17 25.86 1.61
CA ALA A 57 -40.11 24.81 1.18
C ALA A 57 -40.74 23.99 2.32
N SER A 58 -40.45 24.35 3.58
CA SER A 58 -40.95 23.57 4.72
C SER A 58 -42.19 24.18 5.36
N MET A 59 -43.34 23.55 5.16
CA MET A 59 -44.58 24.03 5.74
C MET A 59 -44.56 23.89 7.27
N ARG A 60 -43.93 22.81 7.75
CA ARG A 60 -43.82 22.56 9.21
C ARG A 60 -42.99 23.64 9.90
N GLU A 61 -41.89 24.04 9.27
CA GLU A 61 -41.06 25.10 9.82
C GLU A 61 -41.87 26.39 9.83
N ARG A 62 -42.64 26.60 8.76
CA ARG A 62 -43.50 27.78 8.62
C ARG A 62 -44.53 27.92 9.76
N ILE A 63 -45.25 26.83 10.02
CA ILE A 63 -46.26 26.77 11.08
C ILE A 63 -45.62 26.97 12.46
N GLU A 64 -44.45 26.36 12.68
CA GLU A 64 -43.77 26.44 13.96
C GLU A 64 -43.29 27.87 14.21
N PHE A 65 -42.67 28.44 13.18
CA PHE A 65 -42.24 29.84 13.13
C PHE A 65 -43.36 30.78 13.61
N LEU A 66 -44.53 30.65 12.98
CA LEU A 66 -45.68 31.49 13.32
C LEU A 66 -46.26 31.21 14.72
N ASN A 67 -46.32 29.94 15.13
CA ASN A 67 -46.73 29.62 16.52
C ASN A 67 -45.82 30.26 17.55
N GLU A 68 -44.52 30.27 17.29
CA GLU A 68 -43.56 30.86 18.20
C GLU A 68 -43.64 32.40 18.22
N ALA A 69 -43.83 33.03 17.06
CA ALA A 69 -44.12 34.46 17.00
C ALA A 69 -45.41 34.81 17.75
N SER A 70 -46.45 33.98 17.61
CA SER A 70 -47.72 34.20 18.32
C SER A 70 -47.59 34.22 19.84
N VAL A 71 -46.66 33.43 20.38
CA VAL A 71 -46.34 33.49 21.81
C VAL A 71 -45.97 34.92 22.23
N MET A 72 -45.18 35.63 21.40
CA MET A 72 -44.68 36.98 21.72
C MET A 72 -45.76 38.04 21.70
N LYS A 73 -46.87 37.76 21.02
CA LYS A 73 -48.00 38.68 20.94
C LYS A 73 -48.53 39.02 22.32
N GLU A 74 -48.25 38.16 23.31
CA GLU A 74 -48.78 38.31 24.66
C GLU A 74 -47.90 39.14 25.55
N PHE A 75 -46.67 39.39 25.08
CA PHE A 75 -45.65 39.99 25.93
C PHE A 75 -45.59 41.49 25.75
N ASN A 76 -45.58 42.17 26.89
CA ASN A 76 -45.48 43.61 26.91
C ASN A 76 -44.64 43.96 28.12
N CYS A 77 -43.34 43.99 27.92
CA CYS A 77 -42.41 44.24 29.01
C CYS A 77 -41.22 44.99 28.46
N HIS A 78 -40.86 46.06 29.14
CA HIS A 78 -39.70 46.85 28.77
C HIS A 78 -38.43 45.99 28.63
N HIS A 79 -38.37 44.89 29.35
CA HIS A 79 -37.15 44.09 29.39
C HIS A 79 -37.22 42.80 28.59
N VAL A 80 -38.21 42.71 27.70
CA VAL A 80 -38.30 41.64 26.70
C VAL A 80 -38.44 42.30 25.31
N VAL A 81 -37.66 41.83 24.35
CA VAL A 81 -37.79 42.33 22.99
C VAL A 81 -39.25 42.15 22.51
N ARG A 82 -39.80 43.21 21.93
CA ARG A 82 -41.20 43.25 21.55
C ARG A 82 -41.43 42.76 20.14
N LEU A 83 -42.53 42.02 19.94
CA LEU A 83 -43.04 41.77 18.61
C LEU A 83 -43.69 43.05 18.07
N LEU A 84 -43.52 43.34 16.79
CA LEU A 84 -44.18 44.50 16.17
C LEU A 84 -45.15 44.10 15.08
N GLY A 85 -44.98 42.91 14.52
CA GLY A 85 -45.85 42.48 13.44
C GLY A 85 -45.44 41.17 12.81
N VAL A 86 -46.25 40.73 11.85
CA VAL A 86 -46.14 39.43 11.21
C VAL A 86 -46.59 39.54 9.75
N VAL A 87 -45.84 38.92 8.84
CA VAL A 87 -46.30 38.80 7.46
C VAL A 87 -46.50 37.31 7.19
N SER A 88 -47.76 36.87 7.23
CA SER A 88 -48.07 35.45 7.19
C SER A 88 -48.66 34.98 5.85
N GLN A 89 -49.17 35.94 5.07
CA GLN A 89 -49.83 35.64 3.81
C GLN A 89 -48.82 35.69 2.67
N GLY A 90 -48.68 34.57 1.96
CA GLY A 90 -47.66 34.43 0.93
C GLY A 90 -46.27 34.24 1.52
N GLN A 91 -45.28 34.16 0.64
CA GLN A 91 -43.89 33.92 1.00
C GLN A 91 -43.06 35.14 0.61
N PRO A 92 -42.03 35.51 1.38
CA PRO A 92 -41.61 34.77 2.56
C PRO A 92 -42.39 35.14 3.82
N THR A 93 -42.43 34.20 4.77
CA THR A 93 -43.04 34.45 6.08
C THR A 93 -42.08 35.33 6.87
N LEU A 94 -42.60 36.43 7.43
CA LEU A 94 -41.78 37.41 8.16
C LEU A 94 -42.31 37.69 9.56
N VAL A 95 -41.37 37.92 10.49
CA VAL A 95 -41.69 38.31 11.86
C VAL A 95 -40.95 39.61 12.12
N ILE A 96 -41.71 40.65 12.49
CA ILE A 96 -41.18 41.99 12.64
C ILE A 96 -41.05 42.33 14.12
N MET A 97 -39.86 42.74 14.51
CA MET A 97 -39.56 42.92 15.93
C MET A 97 -38.91 44.27 16.18
N GLU A 98 -38.97 44.69 17.44
CA GLU A 98 -38.16 45.77 17.96
C GLU A 98 -36.70 45.56 17.57
N LEU A 99 -36.10 46.57 16.95
CA LEU A 99 -34.67 46.54 16.61
C LEU A 99 -33.82 46.83 17.84
N MET A 100 -32.93 45.89 18.17
CA MET A 100 -31.98 46.03 19.26
C MET A 100 -30.66 46.41 18.60
N THR A 101 -30.31 47.70 18.67
CA THR A 101 -29.24 48.26 17.81
C THR A 101 -27.83 47.89 18.25
N ARG A 102 -27.65 47.43 19.49
CA ARG A 102 -26.30 47.04 19.91
C ARG A 102 -26.04 45.54 19.89
N GLY A 103 -26.98 44.77 19.34
CA GLY A 103 -26.71 43.35 19.05
C GLY A 103 -26.85 42.49 20.27
N ASP A 104 -26.20 41.35 20.30
CA ASP A 104 -26.44 40.39 21.39
C ASP A 104 -25.52 40.66 22.57
N LEU A 105 -25.95 40.30 23.76
CA LEU A 105 -25.16 40.60 24.95
C LEU A 105 -23.76 39.96 24.90
N LYS A 106 -23.67 38.73 24.41
CA LYS A 106 -22.36 38.04 24.35
C LYS A 106 -21.36 38.84 23.49
N SER A 107 -21.79 39.27 22.30
CA SER A 107 -20.93 40.09 21.42
C SER A 107 -20.60 41.41 22.08
N TYR A 108 -21.55 41.96 22.82
CA TYR A 108 -21.32 43.22 23.52
C TYR A 108 -20.27 43.05 24.60
N LEU A 109 -20.43 42.03 25.44
CA LEU A 109 -19.47 41.74 26.51
C LEU A 109 -18.06 41.49 25.95
N ARG A 110 -17.96 40.73 24.86
CA ARG A 110 -16.68 40.49 24.20
C ARG A 110 -16.02 41.80 23.71
N SER A 111 -16.83 42.73 23.21
CA SER A 111 -16.31 44.03 22.73
C SER A 111 -15.65 44.87 23.81
N LEU A 112 -15.96 44.57 25.08
CA LEU A 112 -15.44 45.36 26.21
C LEU A 112 -14.09 44.84 26.74
N ARG A 113 -13.55 43.81 26.10
CA ARG A 113 -12.21 43.29 26.39
C ARG A 113 -11.19 44.14 25.64
N PRO A 114 -10.03 44.39 26.26
CA PRO A 114 -8.87 44.85 25.51
C PRO A 114 -7.90 43.70 25.24
N ALA A 123 -11.38 50.79 31.29
CA ALA A 123 -11.62 49.93 32.46
C ALA A 123 -12.82 49.00 32.25
N PRO A 124 -12.79 47.81 32.85
CA PRO A 124 -13.91 46.84 32.70
C PRO A 124 -15.19 47.35 33.36
N PRO A 125 -16.36 46.80 32.97
CA PRO A 125 -17.65 47.20 33.56
C PRO A 125 -17.61 47.25 35.08
N SER A 126 -18.05 48.37 35.66
CA SER A 126 -18.16 48.50 37.10
C SER A 126 -19.26 47.59 37.65
N LEU A 127 -19.19 47.28 38.93
CA LEU A 127 -20.19 46.46 39.60
C LEU A 127 -21.60 46.99 39.34
N SER A 128 -21.73 48.31 39.40
CA SER A 128 -23.01 48.97 39.23
C SER A 128 -23.60 48.66 37.86
N LYS A 129 -22.77 48.76 36.82
CA LYS A 129 -23.17 48.40 35.46
C LYS A 129 -23.59 46.92 35.37
N MET A 130 -22.82 46.05 36.00
CA MET A 130 -23.11 44.63 36.04
C MET A 130 -24.44 44.32 36.73
N ILE A 131 -24.69 44.97 37.87
CA ILE A 131 -25.94 44.83 38.61
C ILE A 131 -27.11 45.29 37.77
N GLN A 132 -26.92 46.39 37.07
CA GLN A 132 -27.97 46.95 36.24
C GLN A 132 -28.37 45.95 35.15
N MET A 133 -27.38 45.36 34.47
CA MET A 133 -27.65 44.31 33.47
C MET A 133 -28.41 43.12 34.09
N ALA A 134 -27.93 42.68 35.27
CA ALA A 134 -28.51 41.56 35.97
C ALA A 134 -29.96 41.79 36.30
N GLY A 135 -30.27 42.95 36.86
CA GLY A 135 -31.65 43.31 37.23
C GLY A 135 -32.59 43.44 36.05
N GLU A 136 -32.09 43.96 34.93
CA GLU A 136 -32.87 44.04 33.71
C GLU A 136 -33.22 42.65 33.16
N ILE A 137 -32.23 41.76 33.16
CA ILE A 137 -32.42 40.39 32.68
C ILE A 137 -33.38 39.66 33.61
N ALA A 138 -33.15 39.77 34.92
CA ALA A 138 -34.02 39.14 35.92
C ALA A 138 -35.47 39.67 35.83
N ASP A 139 -35.62 40.97 35.57
CA ASP A 139 -36.94 41.60 35.42
C ASP A 139 -37.69 41.04 34.20
N GLY A 140 -37.00 40.97 33.06
CA GLY A 140 -37.55 40.31 31.87
C GLY A 140 -38.01 38.87 32.15
N MET A 141 -37.16 38.14 32.87
CA MET A 141 -37.43 36.74 33.19
C MET A 141 -38.56 36.55 34.19
N ALA A 142 -38.61 37.43 35.20
CA ALA A 142 -39.72 37.49 36.15
C ALA A 142 -41.05 37.74 35.45
N TYR A 143 -41.05 38.66 34.49
CA TYR A 143 -42.26 38.91 33.69
C TYR A 143 -42.68 37.65 32.94
N LEU A 144 -41.72 37.05 32.22
CA LEU A 144 -42.00 35.85 31.45
C LEU A 144 -42.49 34.71 32.33
N ASN A 145 -41.79 34.43 33.42
CA ASN A 145 -42.22 33.38 34.35
C ASN A 145 -43.66 33.67 34.87
N ALA A 146 -43.91 34.90 35.32
CA ALA A 146 -45.25 35.35 35.71
C ALA A 146 -46.30 35.14 34.62
N ASN A 147 -45.89 35.21 33.36
CA ASN A 147 -46.80 34.91 32.26
C ASN A 147 -46.72 33.45 31.75
N LYS A 148 -46.27 32.56 32.64
CA LYS A 148 -46.20 31.11 32.37
C LYS A 148 -45.28 30.72 31.18
N PHE A 149 -44.25 31.53 30.93
CA PHE A 149 -43.32 31.24 29.87
C PHE A 149 -41.99 30.84 30.49
N VAL A 150 -41.50 29.70 30.07
CA VAL A 150 -40.18 29.20 30.47
C VAL A 150 -39.30 29.37 29.25
N HIS A 151 -38.23 30.15 29.35
CA HIS A 151 -37.44 30.49 28.16
C HIS A 151 -36.68 29.29 27.59
N ARG A 152 -36.06 28.52 28.47
CA ARG A 152 -35.25 27.32 28.16
C ARG A 152 -33.87 27.55 27.54
N ASP A 153 -33.58 28.74 27.05
CA ASP A 153 -32.26 28.97 26.42
C ASP A 153 -31.66 30.32 26.82
N LEU A 154 -31.79 30.65 28.10
CA LEU A 154 -31.27 31.90 28.58
C LEU A 154 -29.74 31.81 28.61
N ALA A 155 -29.10 32.81 28.01
CA ALA A 155 -27.65 32.85 27.82
C ALA A 155 -27.37 34.24 27.26
N ALA A 156 -26.14 34.76 27.40
CA ALA A 156 -25.82 36.12 26.92
C ALA A 156 -26.10 36.25 25.43
N ARG A 157 -25.91 35.17 24.69
CA ARG A 157 -26.12 35.21 23.23
C ARG A 157 -27.58 35.45 22.87
N ASN A 158 -28.50 35.19 23.81
CA ASN A 158 -29.93 35.35 23.59
C ASN A 158 -30.56 36.47 24.42
N CYS A 159 -29.70 37.35 24.95
CA CYS A 159 -30.10 38.65 25.49
C CYS A 159 -29.61 39.68 24.49
N MET A 160 -30.28 40.82 24.42
CA MET A 160 -29.99 41.81 23.38
C MET A 160 -29.72 43.16 24.03
N VAL A 161 -28.94 44.00 23.37
CA VAL A 161 -28.59 45.30 23.93
C VAL A 161 -29.19 46.44 23.05
N ALA A 162 -29.89 47.35 23.71
CA ALA A 162 -30.49 48.54 23.10
C ALA A 162 -29.49 49.67 22.90
N GLU A 163 -29.83 50.61 22.02
CA GLU A 163 -29.04 51.86 21.82
C GLU A 163 -28.63 52.47 23.16
N ASP A 164 -29.57 52.51 24.12
CA ASP A 164 -29.30 53.12 25.43
C ASP A 164 -28.66 52.15 26.45
N PHE A 165 -28.31 50.95 25.96
CA PHE A 165 -27.59 49.94 26.72
C PHE A 165 -28.46 49.03 27.61
N THR A 166 -29.76 49.25 27.63
CA THR A 166 -30.73 48.34 28.28
C THR A 166 -30.60 46.93 27.72
N VAL A 167 -30.51 45.94 28.60
CA VAL A 167 -30.47 44.54 28.19
C VAL A 167 -31.91 44.01 28.23
N LYS A 168 -32.28 43.24 27.21
CA LYS A 168 -33.63 42.67 27.13
C LYS A 168 -33.52 41.20 26.70
N ILE A 169 -34.51 40.39 27.11
CA ILE A 169 -34.55 38.97 26.81
C ILE A 169 -34.92 38.73 25.34
N GLY A 170 -34.17 37.87 24.66
CA GLY A 170 -34.39 37.62 23.25
C GLY A 170 -34.66 36.17 22.81
N ASP A 171 -33.98 35.77 21.74
CA ASP A 171 -34.30 34.56 20.99
C ASP A 171 -34.50 33.31 21.88
N PHE A 172 -35.71 32.75 21.85
CA PHE A 172 -36.04 31.54 22.59
C PHE A 172 -36.34 30.34 21.66
N GLY A 173 -36.15 30.52 20.35
CA GLY A 173 -36.48 29.47 19.39
C GLY A 173 -35.48 28.32 19.18
N MET A 174 -34.25 28.44 19.67
CA MET A 174 -33.21 27.46 19.29
C MET A 174 -33.51 26.02 19.74
N THR A 175 -34.22 25.86 20.83
CA THR A 175 -34.33 24.54 21.42
C THR A 175 -35.76 24.03 21.49
N ARG A 176 -36.65 24.63 20.70
CA ARG A 176 -38.04 24.20 20.64
C ARG A 176 -38.23 23.32 19.42
N ASP A 177 -38.79 22.14 19.64
CA ASP A 177 -39.02 21.14 18.60
C ASP A 177 -40.46 21.33 18.15
N ILE A 178 -40.74 21.02 16.88
CA ILE A 178 -42.08 21.28 16.35
C ILE A 178 -43.16 20.39 17.00
N TYR A 179 -42.81 19.17 17.39
CA TYR A 179 -43.79 18.18 17.87
C TYR A 179 -43.89 18.05 19.41
N GLU A 180 -42.94 18.63 20.15
CA GLU A 180 -42.68 18.30 21.57
C GLU A 180 -43.90 18.03 22.51
N THR A 181 -44.96 18.82 22.39
CA THR A 181 -46.12 18.68 23.31
C THR A 181 -46.96 17.42 23.10
N ASP A 182 -46.96 16.90 21.87
CA ASP A 182 -47.75 15.71 21.56
C ASP A 182 -46.89 14.51 21.28
N TYR A 183 -45.69 14.75 20.75
CA TYR A 183 -44.78 13.68 20.32
C TYR A 183 -43.37 13.85 20.86
N TYR A 184 -42.71 12.72 21.07
CA TYR A 184 -41.34 12.65 21.48
C TYR A 184 -40.56 11.98 20.38
N ARG A 185 -39.37 12.48 20.09
CA ARG A 185 -38.45 11.80 19.18
C ARG A 185 -37.53 10.90 19.99
N LYS A 186 -37.53 9.60 19.68
CA LYS A 186 -36.77 8.66 20.51
C LYS A 186 -35.26 8.95 20.47
N GLY A 187 -34.63 8.95 21.65
CA GLY A 187 -33.23 9.35 21.78
C GLY A 187 -33.12 10.86 21.87
N GLY A 188 -33.22 11.53 20.73
CA GLY A 188 -33.32 13.00 20.69
C GLY A 188 -32.34 13.71 19.78
N LYS A 189 -32.85 14.21 18.65
CA LYS A 189 -32.07 15.09 17.76
C LYS A 189 -32.03 16.55 18.28
N GLY A 190 -32.65 16.79 19.44
CA GLY A 190 -32.78 18.16 19.98
C GLY A 190 -31.49 18.84 20.36
N LEU A 191 -31.43 20.15 20.13
CA LEU A 191 -30.29 20.98 20.56
C LEU A 191 -30.37 21.28 22.05
N LEU A 192 -29.27 21.04 22.75
CA LEU A 192 -29.22 21.17 24.21
C LEU A 192 -28.08 22.11 24.58
N PRO A 193 -28.40 23.28 25.12
CA PRO A 193 -27.34 24.21 25.55
C PRO A 193 -26.71 23.77 26.88
N VAL A 194 -25.89 22.71 26.85
CA VAL A 194 -25.52 22.02 28.09
C VAL A 194 -24.80 22.91 29.11
N ARG A 195 -24.01 23.87 28.63
CA ARG A 195 -23.20 24.72 29.52
C ARG A 195 -24.06 25.73 30.32
N TRP A 196 -25.31 25.89 29.88
CA TRP A 196 -26.29 26.75 30.57
C TRP A 196 -27.35 25.98 31.36
N MET A 197 -27.27 24.66 31.32
CA MET A 197 -28.38 23.78 31.82
C MET A 197 -28.29 23.27 33.25
N SER A 198 -29.43 23.31 33.96
CA SER A 198 -29.51 22.77 35.33
C SER A 198 -29.32 21.24 35.37
N PRO A 199 -28.90 20.69 36.50
CA PRO A 199 -28.76 19.25 36.57
C PRO A 199 -30.05 18.49 36.15
N GLU A 200 -31.24 18.98 36.48
CA GLU A 200 -32.48 18.25 36.16
C GLU A 200 -32.88 18.34 34.68
N SER A 201 -32.45 19.42 34.02
CA SER A 201 -32.64 19.59 32.59
C SER A 201 -31.71 18.64 31.86
N LEU A 202 -30.45 18.58 32.34
CA LEU A 202 -29.47 17.62 31.82
C LEU A 202 -29.93 16.18 32.03
N LYS A 203 -30.50 15.89 33.19
CA LYS A 203 -30.97 14.54 33.51
C LYS A 203 -32.17 14.07 32.70
N ASP A 204 -33.24 14.86 32.71
CA ASP A 204 -34.56 14.42 32.26
C ASP A 204 -35.24 15.35 31.27
N GLY A 205 -34.53 16.38 30.81
CA GLY A 205 -35.14 17.37 29.91
C GLY A 205 -36.22 18.22 30.56
N VAL A 206 -36.14 18.42 31.86
CA VAL A 206 -37.16 19.19 32.55
C VAL A 206 -36.70 20.66 32.55
N PHE A 207 -37.61 21.54 32.16
CA PHE A 207 -37.37 22.97 32.07
C PHE A 207 -38.48 23.68 32.81
N THR A 208 -38.11 24.50 33.80
CA THR A 208 -39.05 25.22 34.67
C THR A 208 -38.47 26.60 34.91
N THR A 209 -39.20 27.42 35.65
CA THR A 209 -38.69 28.73 36.08
C THR A 209 -37.42 28.55 36.90
N TYR A 210 -37.34 27.45 37.62
CA TYR A 210 -36.13 27.12 38.40
C TYR A 210 -34.90 26.82 37.55
N SER A 211 -35.09 26.16 36.40
CA SER A 211 -33.94 25.91 35.53
C SER A 211 -33.54 27.17 34.76
N ASP A 212 -34.52 28.04 34.47
CA ASP A 212 -34.22 29.36 33.93
C ASP A 212 -33.33 30.17 34.94
N VAL A 213 -33.63 30.08 36.23
CA VAL A 213 -32.78 30.70 37.27
C VAL A 213 -31.34 30.12 37.24
N TRP A 214 -31.22 28.80 37.08
CA TRP A 214 -29.90 28.22 36.89
C TRP A 214 -29.14 28.89 35.72
N SER A 215 -29.74 28.94 34.53
CA SER A 215 -29.12 29.63 33.38
C SER A 215 -28.76 31.09 33.67
N PHE A 216 -29.64 31.76 34.43
CA PHE A 216 -29.42 33.15 34.82
C PHE A 216 -28.09 33.25 35.58
N GLY A 217 -27.88 32.34 36.52
CA GLY A 217 -26.59 32.24 37.21
C GLY A 217 -25.40 32.19 36.27
N VAL A 218 -25.53 31.43 35.18
CA VAL A 218 -24.46 31.28 34.19
C VAL A 218 -24.30 32.57 33.38
N VAL A 219 -25.40 33.27 33.10
CA VAL A 219 -25.33 34.60 32.46
C VAL A 219 -24.58 35.62 33.35
N LEU A 220 -24.87 35.65 34.66
CA LEU A 220 -24.05 36.44 35.60
C LEU A 220 -22.55 36.16 35.46
N TRP A 221 -22.18 34.88 35.38
CA TRP A 221 -20.77 34.46 35.23
C TRP A 221 -20.21 34.94 33.88
N GLU A 222 -21.02 34.85 32.83
CA GLU A 222 -20.68 35.44 31.53
C GLU A 222 -20.44 36.97 31.65
N ILE A 223 -21.34 37.67 32.34
CA ILE A 223 -21.14 39.11 32.56
C ILE A 223 -19.81 39.37 33.29
N ALA A 224 -19.57 38.66 34.39
CA ALA A 224 -18.36 38.85 35.21
C ALA A 224 -17.03 38.43 34.53
N THR A 225 -17.09 37.55 33.54
CA THR A 225 -15.89 37.13 32.81
C THR A 225 -15.77 37.80 31.45
N LEU A 226 -16.72 38.68 31.13
CA LEU A 226 -16.86 39.23 29.77
C LEU A 226 -16.99 38.13 28.71
N ALA A 227 -17.96 37.24 28.95
CA ALA A 227 -18.29 36.15 28.04
C ALA A 227 -17.12 35.20 27.75
N GLU A 228 -16.45 34.75 28.80
CA GLU A 228 -15.64 33.56 28.71
C GLU A 228 -16.60 32.36 28.45
N GLN A 229 -16.05 31.26 27.96
CA GLN A 229 -16.80 30.04 27.75
C GLN A 229 -16.95 29.29 29.06
N PRO A 230 -18.19 29.06 29.51
CA PRO A 230 -18.38 28.30 30.75
C PRO A 230 -17.80 26.89 30.57
N TYR A 231 -17.07 26.42 31.57
CA TYR A 231 -16.48 25.08 31.60
C TYR A 231 -15.55 24.89 30.41
N GLN A 232 -14.88 25.99 30.04
CA GLN A 232 -13.85 26.01 29.01
C GLN A 232 -12.90 24.85 29.23
N GLY A 233 -12.61 24.09 28.18
CA GLY A 233 -11.70 22.95 28.35
C GLY A 233 -12.36 21.63 28.67
N LEU A 234 -13.68 21.62 28.92
CA LEU A 234 -14.44 20.37 29.00
C LEU A 234 -15.25 20.22 27.72
N SER A 235 -15.33 19.00 27.18
CA SER A 235 -16.29 18.74 26.09
C SER A 235 -17.74 18.84 26.61
N ASN A 236 -18.68 19.03 25.68
CA ASN A 236 -20.10 18.89 25.98
C ASN A 236 -20.49 17.70 26.86
N GLU A 237 -19.98 16.52 26.55
CA GLU A 237 -20.27 15.33 27.31
C GLU A 237 -19.69 15.35 28.71
N GLN A 238 -18.49 15.93 28.82
CA GLN A 238 -17.87 16.16 30.12
C GLN A 238 -18.63 17.19 30.97
N VAL A 239 -19.15 18.26 30.37
CA VAL A 239 -19.93 19.25 31.12
C VAL A 239 -21.19 18.56 31.71
N LEU A 240 -21.89 17.79 30.89
CA LEU A 240 -23.11 17.15 31.32
C LEU A 240 -22.88 16.33 32.58
N ARG A 241 -21.86 15.46 32.55
CA ARG A 241 -21.52 14.62 33.68
C ARG A 241 -21.03 15.45 34.87
N PHE A 242 -20.11 16.39 34.62
CA PHE A 242 -19.56 17.28 35.64
C PHE A 242 -20.65 17.98 36.48
N VAL A 243 -21.60 18.64 35.81
CA VAL A 243 -22.70 19.36 36.49
C VAL A 243 -23.69 18.41 37.21
N MET A 244 -24.08 17.32 36.55
CA MET A 244 -24.88 16.26 37.18
C MET A 244 -24.21 15.62 38.41
N GLU A 245 -22.89 15.67 38.49
CA GLU A 245 -22.15 15.18 39.68
C GLU A 245 -21.86 16.30 40.70
N GLY A 246 -22.49 17.46 40.49
CA GLY A 246 -22.42 18.55 41.43
C GLY A 246 -21.30 19.56 41.14
N GLY A 247 -20.63 19.43 40.01
CA GLY A 247 -19.61 20.39 39.60
C GLY A 247 -20.20 21.78 39.38
N LEU A 248 -19.40 22.80 39.72
CA LEU A 248 -19.78 24.19 39.61
C LEU A 248 -18.70 24.98 38.91
N LEU A 249 -19.08 26.11 38.32
CA LEU A 249 -18.13 27.06 37.73
C LEU A 249 -17.38 27.76 38.87
N ASP A 250 -16.10 28.06 38.64
CA ASP A 250 -15.29 28.79 39.64
C ASP A 250 -15.68 30.28 39.68
N LYS A 251 -15.47 30.90 40.84
CA LYS A 251 -15.57 32.36 40.98
C LYS A 251 -14.56 33.02 40.03
N PRO A 252 -15.04 33.91 39.16
CA PRO A 252 -14.16 34.58 38.22
C PRO A 252 -13.19 35.47 38.97
N ASP A 253 -12.02 35.69 38.37
CA ASP A 253 -11.04 36.65 38.87
C ASP A 253 -11.69 38.01 39.08
N ASN A 254 -11.45 38.60 40.25
CA ASN A 254 -11.94 39.95 40.57
C ASN A 254 -13.47 40.08 40.53
N CYS A 255 -14.17 38.96 40.67
CA CYS A 255 -15.63 38.98 40.73
C CYS A 255 -16.04 39.56 42.07
N PRO A 256 -16.91 40.57 42.05
CA PRO A 256 -17.50 41.11 43.29
C PRO A 256 -18.15 39.97 44.05
N ASP A 257 -17.89 39.91 45.37
CA ASP A 257 -18.40 38.83 46.20
C ASP A 257 -19.91 38.65 46.08
N MET A 258 -20.61 39.76 45.92
CA MET A 258 -22.06 39.74 45.91
C MET A 258 -22.61 39.02 44.67
N LEU A 259 -21.93 39.18 43.55
CA LEU A 259 -22.32 38.54 42.30
C LEU A 259 -22.13 37.04 42.38
N PHE A 260 -20.97 36.62 42.89
CA PHE A 260 -20.70 35.20 43.02
C PHE A 260 -21.69 34.54 43.98
N GLU A 261 -22.10 35.31 44.99
CA GLU A 261 -23.04 34.81 45.96
C GLU A 261 -24.39 34.53 45.29
N LEU A 262 -24.82 35.46 44.42
CA LEU A 262 -25.99 35.24 43.58
C LEU A 262 -25.86 33.98 42.71
N MET A 263 -24.70 33.80 42.07
CA MET A 263 -24.46 32.63 41.21
C MET A 263 -24.68 31.34 42.00
N ARG A 264 -24.08 31.32 43.19
CA ARG A 264 -24.15 30.21 44.11
C ARG A 264 -25.60 29.83 44.49
N MET A 265 -26.44 30.85 44.68
CA MET A 265 -27.84 30.64 44.97
C MET A 265 -28.58 30.05 43.75
N CYS A 266 -28.33 30.61 42.56
CA CYS A 266 -28.91 30.09 41.30
C CYS A 266 -28.50 28.66 40.98
N TRP A 267 -27.33 28.26 41.48
CA TRP A 267 -26.74 26.95 41.19
C TRP A 267 -26.93 25.96 42.34
N GLN A 268 -27.95 26.16 43.17
CA GLN A 268 -28.33 25.10 44.10
C GLN A 268 -28.71 23.86 43.27
N TYR A 269 -28.22 22.70 43.65
CA TYR A 269 -28.50 21.47 42.87
C TYR A 269 -29.99 21.17 42.82
N ASN A 270 -30.64 21.31 43.97
CA ASN A 270 -32.09 21.08 44.09
C ASN A 270 -32.85 22.34 43.63
N PRO A 271 -33.72 22.23 42.62
CA PRO A 271 -34.41 23.40 42.05
C PRO A 271 -35.25 24.19 43.05
N LYS A 272 -35.75 23.52 44.08
CA LYS A 272 -36.61 24.20 45.06
C LYS A 272 -35.82 25.06 46.05
N MET A 273 -34.50 24.92 46.03
CA MET A 273 -33.61 25.69 46.90
C MET A 273 -33.04 26.94 46.25
N ARG A 274 -33.41 27.16 45.01
CA ARG A 274 -32.98 28.30 44.22
C ARG A 274 -33.93 29.49 44.47
N PRO A 275 -33.42 30.73 44.39
CA PRO A 275 -34.29 31.91 44.48
C PRO A 275 -35.19 31.97 43.24
N SER A 276 -36.33 32.66 43.34
CA SER A 276 -37.10 33.05 42.15
C SER A 276 -36.46 34.27 41.53
N PHE A 277 -36.83 34.62 40.31
CA PHE A 277 -36.40 35.91 39.74
C PHE A 277 -36.87 37.12 40.60
N LEU A 278 -38.08 37.04 41.14
CA LEU A 278 -38.54 38.14 42.03
C LEU A 278 -37.65 38.29 43.25
N GLU A 279 -37.19 37.18 43.82
CA GLU A 279 -36.30 37.22 44.98
C GLU A 279 -34.91 37.77 44.61
N ILE A 280 -34.48 37.54 43.38
CA ILE A 280 -33.20 38.09 42.92
C ILE A 280 -33.26 39.62 42.79
N ILE A 281 -34.30 40.10 42.13
CA ILE A 281 -34.53 41.53 41.94
C ILE A 281 -34.65 42.21 43.30
N SER A 282 -35.44 41.62 44.20
CA SER A 282 -35.58 42.10 45.56
C SER A 282 -34.23 42.32 46.29
N SER A 283 -33.31 41.38 46.13
CA SER A 283 -32.00 41.45 46.79
C SER A 283 -31.08 42.51 46.19
N ILE A 284 -31.36 42.98 44.98
CA ILE A 284 -30.46 43.95 44.32
C ILE A 284 -31.13 45.28 43.95
N LYS A 285 -32.41 45.41 44.28
CA LYS A 285 -33.20 46.54 43.82
C LYS A 285 -32.65 47.92 44.23
N GLU A 286 -32.01 47.99 45.40
CA GLU A 286 -31.43 49.24 45.89
C GLU A 286 -30.21 49.70 45.09
N GLU A 287 -29.57 48.77 44.38
CA GLU A 287 -28.40 49.09 43.57
C GLU A 287 -28.72 49.35 42.09
N MET A 288 -30.01 49.27 41.75
CA MET A 288 -30.46 49.58 40.38
C MET A 288 -30.55 51.11 40.17
N GLU A 289 -30.44 51.55 38.91
CA GLU A 289 -30.65 52.95 38.54
C GLU A 289 -32.10 53.36 38.86
N PRO A 290 -32.31 54.64 39.24
CA PRO A 290 -33.64 55.12 39.65
C PRO A 290 -34.74 54.89 38.61
N GLY A 291 -34.41 55.03 37.34
CA GLY A 291 -35.39 54.78 36.26
C GLY A 291 -35.97 53.37 36.19
N PHE A 292 -35.34 52.40 36.85
CA PHE A 292 -35.80 51.00 36.88
C PHE A 292 -37.18 50.86 37.50
N ARG A 293 -37.44 51.60 38.57
CA ARG A 293 -38.76 51.69 39.20
C ARG A 293 -39.89 52.01 38.20
N GLU A 294 -39.60 52.84 37.19
CA GLU A 294 -40.62 53.33 36.26
C GLU A 294 -40.88 52.41 35.06
N VAL A 295 -39.90 51.58 34.72
CA VAL A 295 -40.00 50.74 33.52
C VAL A 295 -40.16 49.25 33.83
N SER A 296 -39.79 48.85 35.04
CA SER A 296 -39.72 47.43 35.37
C SER A 296 -41.09 46.77 35.55
N PHE A 297 -41.16 45.49 35.19
CA PHE A 297 -42.26 44.64 35.61
C PHE A 297 -42.34 44.58 37.15
N TYR A 298 -41.19 44.47 37.83
CA TYR A 298 -41.12 44.28 39.29
C TYR A 298 -41.97 45.32 40.08
N TYR A 299 -41.88 46.58 39.67
CA TYR A 299 -42.55 47.69 40.35
C TYR A 299 -43.91 48.03 39.75
N SER A 300 -44.29 47.30 38.70
CA SER A 300 -45.53 47.56 38.00
C SER A 300 -46.70 46.96 38.76
N GLU A 301 -47.91 47.33 38.35
CA GLU A 301 -49.12 46.79 38.96
C GLU A 301 -49.40 45.37 38.51
N GLU A 302 -48.74 44.93 37.45
CA GLU A 302 -48.82 43.55 37.01
C GLU A 302 -48.18 42.60 38.03
N ASN A 303 -47.13 43.06 38.72
CA ASN A 303 -46.45 42.25 39.72
C ASN A 303 -47.29 42.06 41.00
N LYS A 304 -48.16 41.04 40.96
CA LYS A 304 -49.03 40.66 42.08
C LYS A 304 -49.00 39.15 42.31
N ALA B 1 -44.01 -7.87 -14.47
CA ALA B 1 -44.55 -7.74 -13.09
C ALA B 1 -44.00 -6.50 -12.39
N ALA B 2 -44.87 -5.84 -11.62
CA ALA B 2 -44.50 -4.64 -10.85
C ALA B 2 -45.06 -4.70 -9.42
N ASP B 3 -44.74 -3.67 -8.62
CA ASP B 3 -45.24 -3.57 -7.24
C ASP B 3 -45.59 -2.14 -6.79
N VAL B 4 -45.70 -1.22 -7.76
CA VAL B 4 -45.94 0.20 -7.47
C VAL B 4 -47.44 0.50 -7.24
N TYR B 5 -47.78 1.74 -6.87
CA TYR B 5 -49.19 2.12 -6.81
C TYR B 5 -49.79 2.06 -8.21
N VAL B 6 -50.79 1.21 -8.36
CA VAL B 6 -51.53 1.09 -9.61
C VAL B 6 -52.88 1.74 -9.39
N PRO B 7 -53.20 2.78 -10.17
CA PRO B 7 -54.51 3.45 -10.10
C PRO B 7 -55.67 2.45 -10.27
N ASP B 8 -56.76 2.72 -9.56
CA ASP B 8 -57.92 1.83 -9.55
C ASP B 8 -59.25 2.60 -9.65
N GLU B 9 -60.35 1.94 -9.30
CA GLU B 9 -61.69 2.55 -9.39
C GLU B 9 -61.87 3.70 -8.39
N TRP B 10 -60.87 3.89 -7.53
CA TRP B 10 -60.84 5.01 -6.60
C TRP B 10 -60.22 6.25 -7.24
N GLU B 11 -59.48 6.06 -8.32
CA GLU B 11 -58.85 7.16 -9.06
C GLU B 11 -59.86 8.23 -9.46
N VAL B 12 -59.43 9.48 -9.39
CA VAL B 12 -60.25 10.62 -9.74
C VAL B 12 -59.43 11.57 -10.62
N ALA B 13 -60.08 12.12 -11.64
CA ALA B 13 -59.47 13.12 -12.51
C ALA B 13 -59.27 14.43 -11.75
N ARG B 14 -58.04 14.94 -11.79
CA ARG B 14 -57.65 16.14 -11.05
C ARG B 14 -58.61 17.32 -11.24
N GLU B 15 -59.12 17.49 -12.45
CA GLU B 15 -59.94 18.65 -12.80
C GLU B 15 -61.30 18.69 -12.09
N LYS B 16 -61.77 17.54 -11.60
CA LYS B 16 -63.06 17.47 -10.90
C LYS B 16 -62.99 17.95 -9.43
N ILE B 17 -61.81 18.34 -8.99
CA ILE B 17 -61.61 18.79 -7.60
C ILE B 17 -61.08 20.22 -7.56
N THR B 18 -61.54 20.99 -6.57
CA THR B 18 -61.07 22.37 -6.32
C THR B 18 -60.88 22.62 -4.83
N MET B 19 -59.75 23.24 -4.50
CA MET B 19 -59.37 23.45 -3.11
C MET B 19 -59.70 24.86 -2.66
N SER B 20 -60.43 24.96 -1.55
CA SER B 20 -60.74 26.25 -0.96
C SER B 20 -59.64 26.61 0.04
N ARG B 21 -59.98 26.55 1.33
CA ARG B 21 -59.12 27.09 2.36
C ARG B 21 -58.33 26.03 3.13
N GLU B 22 -57.29 26.49 3.80
CA GLU B 22 -56.43 25.64 4.63
C GLU B 22 -57.19 25.21 5.87
N LEU B 23 -57.22 23.90 6.12
CA LEU B 23 -57.81 23.34 7.35
C LEU B 23 -56.80 22.94 8.44
N GLY B 24 -55.59 22.60 8.04
CA GLY B 24 -54.53 22.21 8.96
C GLY B 24 -53.65 21.08 8.46
N GLN B 25 -52.53 20.89 9.15
CA GLN B 25 -51.56 19.88 8.77
C GLN B 25 -51.41 18.86 9.89
N GLY B 26 -51.66 17.59 9.58
CA GLY B 26 -51.37 16.48 10.46
C GLY B 26 -50.21 15.73 9.86
N SER B 27 -50.40 14.45 9.62
CA SER B 27 -49.39 13.72 8.87
C SER B 27 -49.34 14.26 7.45
N PHE B 28 -48.15 14.22 6.86
CA PHE B 28 -47.90 14.69 5.50
C PHE B 28 -48.25 16.17 5.31
N GLY B 29 -48.97 16.49 4.23
CA GLY B 29 -49.19 17.87 3.83
C GLY B 29 -50.46 18.49 4.35
N MET B 30 -50.72 19.69 3.87
CA MET B 30 -51.90 20.46 4.21
C MET B 30 -53.19 19.77 3.79
N VAL B 31 -54.18 19.82 4.67
CA VAL B 31 -55.54 19.40 4.37
C VAL B 31 -56.32 20.66 4.02
N TYR B 32 -57.05 20.62 2.90
CA TYR B 32 -57.86 21.74 2.44
C TYR B 32 -59.35 21.41 2.37
N GLU B 33 -60.18 22.38 2.73
CA GLU B 33 -61.62 22.32 2.45
C GLU B 33 -61.79 22.41 0.94
N GLY B 34 -62.70 21.63 0.38
CA GLY B 34 -62.86 21.60 -1.07
C GLY B 34 -64.19 21.14 -1.61
N VAL B 35 -64.21 20.90 -2.92
CA VAL B 35 -65.36 20.36 -3.64
C VAL B 35 -64.88 19.35 -4.68
N ALA B 36 -65.45 18.15 -4.66
CA ALA B 36 -65.17 17.13 -5.68
C ALA B 36 -66.42 16.75 -6.45
N LYS B 37 -66.25 16.47 -7.74
CA LYS B 37 -67.35 16.06 -8.61
C LYS B 37 -67.28 14.56 -8.93
N GLY B 38 -68.46 13.91 -8.97
CA GLY B 38 -68.57 12.49 -9.30
C GLY B 38 -67.84 11.56 -8.34
N VAL B 39 -68.09 11.72 -7.03
CA VAL B 39 -67.44 10.87 -6.02
C VAL B 39 -68.44 10.26 -5.02
N VAL B 40 -69.67 10.79 -5.04
CA VAL B 40 -70.78 10.23 -4.26
C VAL B 40 -71.93 9.90 -5.22
N LYS B 41 -72.49 8.70 -5.09
CA LYS B 41 -73.55 8.25 -6.00
C LYS B 41 -74.82 9.11 -5.88
N ASP B 42 -75.42 9.41 -7.02
CA ASP B 42 -76.63 10.25 -7.12
C ASP B 42 -76.45 11.66 -6.55
N GLU B 43 -75.21 12.15 -6.56
CA GLU B 43 -74.88 13.49 -6.09
C GLU B 43 -73.81 14.10 -7.00
N PRO B 44 -74.06 15.30 -7.53
CA PRO B 44 -73.13 15.94 -8.48
C PRO B 44 -71.90 16.54 -7.80
N GLU B 45 -72.11 17.50 -6.90
CA GLU B 45 -71.04 18.11 -6.09
C GLU B 45 -71.03 17.52 -4.68
N THR B 46 -69.84 17.44 -4.09
CA THR B 46 -69.71 17.04 -2.70
C THR B 46 -68.62 17.84 -1.99
N ARG B 47 -68.95 18.38 -0.82
CA ARG B 47 -67.97 19.04 0.04
C ARG B 47 -66.97 18.01 0.57
N VAL B 48 -65.68 18.29 0.39
CA VAL B 48 -64.63 17.34 0.78
C VAL B 48 -63.48 17.99 1.55
N ALA B 49 -62.70 17.14 2.22
CA ALA B 49 -61.37 17.49 2.66
C ALA B 49 -60.39 16.94 1.63
N ILE B 50 -59.36 17.72 1.32
CA ILE B 50 -58.32 17.29 0.38
C ILE B 50 -56.95 17.33 1.06
N LYS B 51 -56.38 16.16 1.29
CA LYS B 51 -55.09 16.02 1.95
C LYS B 51 -53.98 15.85 0.93
N THR B 52 -52.93 16.64 1.09
CA THR B 52 -51.77 16.64 0.19
C THR B 52 -50.53 16.03 0.84
N VAL B 53 -49.51 15.78 0.02
CA VAL B 53 -48.12 15.70 0.46
C VAL B 53 -47.46 17.00 -0.02
N ASN B 54 -46.28 17.33 0.53
CA ASN B 54 -45.50 18.46 0.03
C ASN B 54 -45.04 18.20 -1.40
N GLU B 55 -45.05 19.25 -2.22
CA GLU B 55 -44.58 19.20 -3.62
C GLU B 55 -43.19 18.56 -3.70
N ALA B 56 -42.26 19.09 -2.92
CA ALA B 56 -40.87 18.66 -2.92
C ALA B 56 -40.68 17.34 -2.18
N ALA B 57 -41.78 16.71 -1.78
CA ALA B 57 -41.74 15.44 -1.06
C ALA B 57 -41.03 14.38 -1.88
N SER B 58 -40.33 13.50 -1.15
CA SER B 58 -39.66 12.34 -1.72
C SER B 58 -40.63 11.45 -2.49
N MET B 59 -40.14 10.87 -3.57
CA MET B 59 -40.89 9.84 -4.29
C MET B 59 -41.27 8.69 -3.34
N ARG B 60 -40.41 8.41 -2.37
CA ARG B 60 -40.66 7.41 -1.34
C ARG B 60 -41.78 7.83 -0.36
N GLU B 61 -41.84 9.12 -0.06
CA GLU B 61 -42.93 9.66 0.78
C GLU B 61 -44.22 9.64 0.01
N ARG B 62 -44.15 10.02 -1.28
CA ARG B 62 -45.28 10.00 -2.18
C ARG B 62 -45.94 8.62 -2.24
N ILE B 63 -45.12 7.59 -2.45
CA ILE B 63 -45.56 6.19 -2.42
C ILE B 63 -46.16 5.80 -1.06
N GLU B 64 -45.46 6.11 0.03
CA GLU B 64 -45.96 5.79 1.37
C GLU B 64 -47.33 6.44 1.62
N PHE B 65 -47.44 7.70 1.19
CA PHE B 65 -48.68 8.48 1.30
C PHE B 65 -49.85 7.74 0.65
N LEU B 66 -49.62 7.23 -0.56
CA LEU B 66 -50.63 6.46 -1.29
C LEU B 66 -50.92 5.10 -0.64
N ASN B 67 -49.88 4.44 -0.13
CA ASN B 67 -50.04 3.14 0.54
C ASN B 67 -50.87 3.24 1.82
N GLU B 68 -50.70 4.37 2.52
CA GLU B 68 -51.48 4.66 3.72
C GLU B 68 -52.92 5.08 3.42
N ALA B 69 -53.12 5.84 2.35
CA ALA B 69 -54.46 6.12 1.82
C ALA B 69 -55.20 4.82 1.48
N SER B 70 -54.57 3.98 0.65
CA SER B 70 -55.14 2.70 0.19
C SER B 70 -55.77 1.85 1.29
N VAL B 71 -55.21 1.94 2.50
CA VAL B 71 -55.71 1.22 3.66
C VAL B 71 -57.19 1.55 3.90
N MET B 72 -57.54 2.83 3.79
CA MET B 72 -58.90 3.31 4.03
C MET B 72 -59.91 2.84 2.97
N LYS B 73 -59.40 2.27 1.88
CA LYS B 73 -60.27 1.74 0.82
C LYS B 73 -61.19 0.65 1.35
N GLU B 74 -60.69 -0.11 2.32
CA GLU B 74 -61.41 -1.26 2.88
C GLU B 74 -62.34 -0.85 4.01
N PHE B 75 -62.27 0.42 4.41
CA PHE B 75 -63.04 0.88 5.57
C PHE B 75 -64.42 1.43 5.20
N ASN B 76 -65.46 0.79 5.73
CA ASN B 76 -66.83 1.24 5.58
C ASN B 76 -67.53 1.26 6.94
N CYS B 77 -67.37 2.37 7.66
CA CYS B 77 -67.88 2.48 9.04
C CYS B 77 -68.28 3.91 9.36
N HIS B 78 -69.46 4.05 9.96
CA HIS B 78 -69.98 5.36 10.33
C HIS B 78 -69.05 6.14 11.27
N HIS B 79 -68.20 5.41 12.01
CA HIS B 79 -67.37 6.05 13.05
C HIS B 79 -65.87 6.07 12.72
N VAL B 80 -65.57 5.90 11.45
CA VAL B 80 -64.24 6.11 10.89
C VAL B 80 -64.44 7.02 9.68
N VAL B 81 -63.65 8.09 9.60
CA VAL B 81 -63.71 9.04 8.48
C VAL B 81 -63.49 8.31 7.15
N ARG B 82 -64.33 8.60 6.16
CA ARG B 82 -64.30 7.85 4.90
C ARG B 82 -63.37 8.44 3.85
N LEU B 83 -62.65 7.56 3.18
CA LEU B 83 -61.95 7.88 1.95
C LEU B 83 -62.98 8.03 0.84
N LEU B 84 -62.79 9.02 -0.03
CA LEU B 84 -63.66 9.21 -1.19
C LEU B 84 -62.92 9.10 -2.52
N GLY B 85 -61.61 9.33 -2.54
CA GLY B 85 -60.87 9.33 -3.80
C GLY B 85 -59.37 9.59 -3.74
N VAL B 86 -58.70 9.21 -4.84
CA VAL B 86 -57.25 9.29 -4.95
C VAL B 86 -56.86 9.92 -6.28
N VAL B 87 -56.03 10.95 -6.22
CA VAL B 87 -55.44 11.56 -7.39
C VAL B 87 -53.94 11.18 -7.41
N SER B 88 -53.65 10.03 -8.02
CA SER B 88 -52.31 9.46 -8.05
C SER B 88 -51.50 9.90 -9.26
N GLN B 89 -52.12 10.64 -10.16
CA GLN B 89 -51.51 11.05 -11.42
C GLN B 89 -51.15 12.53 -11.39
N GLY B 90 -49.88 12.84 -11.64
CA GLY B 90 -49.43 14.24 -11.67
C GLY B 90 -49.24 14.85 -10.28
N GLN B 91 -49.14 16.18 -10.25
CA GLN B 91 -48.68 16.90 -9.04
C GLN B 91 -49.70 17.92 -8.51
N PRO B 92 -49.72 18.13 -7.19
CA PRO B 92 -49.23 17.15 -6.21
C PRO B 92 -50.25 16.06 -5.92
N THR B 93 -49.77 14.91 -5.42
CA THR B 93 -50.60 13.76 -5.07
C THR B 93 -51.66 14.14 -4.04
N LEU B 94 -52.90 13.68 -4.26
CA LEU B 94 -54.05 14.08 -3.44
C LEU B 94 -54.86 12.91 -2.90
N VAL B 95 -55.52 13.15 -1.78
CA VAL B 95 -56.47 12.22 -1.19
C VAL B 95 -57.73 13.00 -0.79
N ILE B 96 -58.88 12.46 -1.17
CA ILE B 96 -60.17 13.11 -0.93
C ILE B 96 -60.92 12.34 0.13
N MET B 97 -61.52 13.06 1.07
CA MET B 97 -62.12 12.43 2.24
C MET B 97 -63.42 13.09 2.67
N GLU B 98 -64.23 12.31 3.38
CA GLU B 98 -65.39 12.83 4.07
C GLU B 98 -64.97 14.05 4.89
N LEU B 99 -65.45 15.21 4.49
CA LEU B 99 -65.20 16.45 5.21
C LEU B 99 -65.79 16.42 6.62
N MET B 100 -64.95 16.70 7.61
CA MET B 100 -65.38 16.78 8.99
C MET B 100 -65.41 18.26 9.39
N THR B 101 -66.63 18.81 9.43
CA THR B 101 -66.85 20.25 9.53
C THR B 101 -66.50 20.90 10.87
N ARG B 102 -66.54 20.14 11.96
CA ARG B 102 -66.28 20.72 13.28
C ARG B 102 -64.84 20.53 13.80
N GLY B 103 -63.94 20.05 12.94
CA GLY B 103 -62.51 19.93 13.28
C GLY B 103 -62.15 18.77 14.20
N ASP B 104 -60.92 18.80 14.74
CA ASP B 104 -60.43 17.72 15.60
C ASP B 104 -61.07 17.79 16.99
N LEU B 105 -61.21 16.64 17.62
CA LEU B 105 -61.88 16.55 18.92
C LEU B 105 -61.21 17.41 20.00
N LYS B 106 -59.87 17.42 20.04
CA LYS B 106 -59.15 18.21 21.06
C LYS B 106 -59.51 19.68 20.97
N SER B 107 -59.45 20.24 19.76
CA SER B 107 -59.87 21.62 19.48
C SER B 107 -61.32 21.84 19.92
N TYR B 108 -62.19 20.90 19.56
CA TYR B 108 -63.59 20.96 19.99
C TYR B 108 -63.70 21.01 21.52
N LEU B 109 -63.03 20.09 22.20
CA LEU B 109 -63.08 20.00 23.66
C LEU B 109 -62.58 21.29 24.31
N ARG B 110 -61.50 21.85 23.78
CA ARG B 110 -60.96 23.12 24.29
C ARG B 110 -61.96 24.28 24.18
N SER B 111 -62.65 24.35 23.04
CA SER B 111 -63.67 25.39 22.79
C SER B 111 -64.85 25.37 23.77
N LEU B 112 -65.05 24.24 24.44
CA LEU B 112 -66.09 24.09 25.45
C LEU B 112 -65.69 24.67 26.81
N ARG B 113 -64.48 25.23 26.88
CA ARG B 113 -63.95 25.81 28.11
C ARG B 113 -64.36 27.27 28.34
N PRO B 114 -64.68 27.60 29.59
CA PRO B 114 -64.58 28.97 30.06
C PRO B 114 -63.19 29.18 30.67
N ALA B 123 -72.56 25.28 31.00
CA ALA B 123 -72.21 23.99 31.58
C ALA B 123 -71.36 23.14 30.63
N PRO B 124 -70.38 22.39 31.18
CA PRO B 124 -69.62 21.43 30.37
C PRO B 124 -70.53 20.30 29.87
N PRO B 125 -70.06 19.49 28.92
CA PRO B 125 -70.82 18.34 28.44
C PRO B 125 -71.29 17.45 29.60
N SER B 126 -72.55 17.02 29.52
CA SER B 126 -73.11 16.07 30.47
C SER B 126 -72.45 14.69 30.34
N LEU B 127 -72.66 13.83 31.33
CA LEU B 127 -72.15 12.46 31.28
C LEU B 127 -72.63 11.75 30.00
N SER B 128 -73.94 11.81 29.75
CA SER B 128 -74.57 11.23 28.57
C SER B 128 -73.94 11.68 27.25
N LYS B 129 -73.50 12.93 27.19
CA LYS B 129 -72.78 13.45 26.01
C LYS B 129 -71.38 12.82 25.91
N MET B 130 -70.71 12.72 27.05
CA MET B 130 -69.37 12.14 27.10
C MET B 130 -69.39 10.65 26.74
N ILE B 131 -70.42 9.93 27.19
CA ILE B 131 -70.57 8.51 26.90
C ILE B 131 -70.81 8.30 25.40
N GLN B 132 -71.64 9.15 24.80
CA GLN B 132 -71.88 9.11 23.36
C GLN B 132 -70.56 9.18 22.57
N MET B 133 -69.77 10.22 22.83
CA MET B 133 -68.42 10.36 22.24
C MET B 133 -67.56 9.14 22.46
N ALA B 134 -67.55 8.65 23.70
CA ALA B 134 -66.79 7.47 24.07
C ALA B 134 -67.22 6.25 23.25
N GLY B 135 -68.53 6.00 23.16
CA GLY B 135 -69.08 4.89 22.39
C GLY B 135 -68.86 5.00 20.89
N GLU B 136 -68.98 6.22 20.36
CA GLU B 136 -68.65 6.51 18.97
C GLU B 136 -67.19 6.14 18.61
N ILE B 137 -66.24 6.67 19.39
CA ILE B 137 -64.81 6.36 19.23
C ILE B 137 -64.51 4.87 19.40
N ALA B 138 -65.02 4.29 20.50
CA ALA B 138 -64.84 2.87 20.76
C ALA B 138 -65.37 2.05 19.61
N ASP B 139 -66.47 2.51 19.00
CA ASP B 139 -67.11 1.79 17.90
C ASP B 139 -66.30 1.79 16.61
N GLY B 140 -65.79 2.96 16.23
CA GLY B 140 -64.84 3.05 15.11
C GLY B 140 -63.58 2.23 15.34
N MET B 141 -63.11 2.24 16.59
CA MET B 141 -61.93 1.46 16.95
C MET B 141 -62.20 -0.05 16.95
N ALA B 142 -63.39 -0.44 17.40
CA ALA B 142 -63.80 -1.84 17.39
C ALA B 142 -63.87 -2.36 15.95
N TYR B 143 -64.34 -1.51 15.04
CA TYR B 143 -64.41 -1.82 13.62
C TYR B 143 -63.02 -2.01 13.02
N LEU B 144 -62.15 -1.04 13.29
CA LEU B 144 -60.76 -1.06 12.82
C LEU B 144 -59.99 -2.28 13.32
N ASN B 145 -60.08 -2.54 14.62
CA ASN B 145 -59.44 -3.72 15.19
C ASN B 145 -60.04 -5.00 14.56
N ALA B 146 -61.35 -5.03 14.33
CA ALA B 146 -61.99 -6.18 13.66
C ALA B 146 -61.55 -6.36 12.20
N ASN B 147 -61.01 -5.31 11.59
CA ASN B 147 -60.46 -5.40 10.23
C ASN B 147 -58.93 -5.44 10.21
N LYS B 148 -58.35 -5.87 11.33
CA LYS B 148 -56.90 -6.09 11.48
C LYS B 148 -56.05 -4.81 11.44
N PHE B 149 -56.64 -3.69 11.82
CA PHE B 149 -55.95 -2.42 11.80
C PHE B 149 -55.67 -1.95 13.22
N VAL B 150 -54.41 -1.57 13.45
CA VAL B 150 -53.97 -0.97 14.69
C VAL B 150 -53.60 0.46 14.38
N HIS B 151 -54.28 1.40 15.03
CA HIS B 151 -54.16 2.82 14.71
C HIS B 151 -52.84 3.45 15.23
N ARG B 152 -52.44 3.11 16.45
CA ARG B 152 -51.13 3.51 17.03
C ARG B 152 -51.03 4.95 17.51
N ASP B 153 -51.92 5.80 17.04
CA ASP B 153 -51.87 7.20 17.39
C ASP B 153 -53.25 7.73 17.75
N LEU B 154 -54.04 6.94 18.47
CA LEU B 154 -55.33 7.39 18.96
C LEU B 154 -55.15 8.46 20.03
N ALA B 155 -55.80 9.60 19.82
CA ALA B 155 -55.68 10.77 20.68
C ALA B 155 -56.78 11.71 20.24
N ALA B 156 -57.26 12.58 21.13
CA ALA B 156 -58.30 13.54 20.78
C ALA B 156 -57.96 14.31 19.50
N ARG B 157 -56.72 14.77 19.38
CA ARG B 157 -56.27 15.48 18.17
C ARG B 157 -56.46 14.66 16.85
N ASN B 158 -56.54 13.34 16.94
CA ASN B 158 -56.70 12.49 15.75
C ASN B 158 -58.12 11.91 15.65
N CYS B 159 -59.01 12.39 16.52
CA CYS B 159 -60.43 12.12 16.38
C CYS B 159 -61.04 13.35 15.73
N MET B 160 -62.06 13.14 14.91
CA MET B 160 -62.72 14.22 14.15
C MET B 160 -64.21 14.34 14.50
N VAL B 161 -64.74 15.56 14.42
CA VAL B 161 -66.13 15.84 14.78
C VAL B 161 -66.95 16.32 13.56
N ALA B 162 -68.07 15.63 13.30
CA ALA B 162 -68.93 15.92 12.16
C ALA B 162 -69.81 17.14 12.40
N GLU B 163 -70.52 17.57 11.35
CA GLU B 163 -71.54 18.61 11.46
C GLU B 163 -72.55 18.36 12.59
N ASP B 164 -73.12 17.14 12.62
CA ASP B 164 -74.08 16.76 13.65
C ASP B 164 -73.47 16.42 15.03
N PHE B 165 -72.15 16.56 15.16
CA PHE B 165 -71.37 16.31 16.40
C PHE B 165 -70.93 14.86 16.62
N THR B 166 -71.13 14.02 15.60
CA THR B 166 -70.63 12.64 15.64
C THR B 166 -69.11 12.62 15.64
N VAL B 167 -68.52 11.77 16.50
CA VAL B 167 -67.06 11.60 16.58
C VAL B 167 -66.61 10.42 15.72
N LYS B 168 -65.48 10.60 15.03
CA LYS B 168 -64.96 9.59 14.11
C LYS B 168 -63.43 9.53 14.17
N ILE B 169 -62.90 8.33 13.93
CA ILE B 169 -61.46 8.09 13.99
C ILE B 169 -60.78 8.73 12.78
N GLY B 170 -59.70 9.45 13.04
CA GLY B 170 -58.99 10.16 11.98
C GLY B 170 -57.54 9.76 11.79
N ASP B 171 -56.73 10.76 11.44
CA ASP B 171 -55.32 10.63 11.09
C ASP B 171 -54.51 9.57 11.86
N PHE B 172 -54.06 8.54 11.14
CA PHE B 172 -53.18 7.49 11.65
C PHE B 172 -51.75 7.54 11.07
N GLY B 173 -51.41 8.58 10.31
CA GLY B 173 -50.11 8.66 9.65
C GLY B 173 -48.94 9.26 10.43
N MET B 174 -49.18 10.00 11.51
CA MET B 174 -48.07 10.75 12.18
C MET B 174 -46.88 9.89 12.55
N THR B 175 -47.14 8.66 12.98
CA THR B 175 -46.11 7.82 13.58
C THR B 175 -45.66 6.63 12.72
N ARG B 176 -46.17 6.49 11.50
CA ARG B 176 -45.76 5.42 10.61
C ARG B 176 -44.46 5.82 9.93
N ASP B 177 -43.45 4.97 10.03
CA ASP B 177 -42.18 5.16 9.34
C ASP B 177 -42.23 4.38 8.05
N ILE B 178 -41.67 4.96 6.99
CA ILE B 178 -41.76 4.37 5.65
C ILE B 178 -41.12 2.98 5.56
N TYR B 179 -40.03 2.78 6.30
CA TYR B 179 -39.25 1.55 6.21
C TYR B 179 -39.64 0.48 7.23
N GLU B 180 -40.45 0.87 8.23
CA GLU B 180 -40.67 0.08 9.46
C GLU B 180 -40.98 -1.43 9.30
N THR B 181 -41.59 -1.83 8.19
CA THR B 181 -41.94 -3.22 7.98
C THR B 181 -40.75 -4.19 7.86
N ASP B 182 -39.78 -3.86 7.02
CA ASP B 182 -38.61 -4.70 6.79
C ASP B 182 -37.34 -4.12 7.36
N TYR B 183 -37.39 -2.86 7.79
CA TYR B 183 -36.18 -2.19 8.26
C TYR B 183 -36.39 -1.52 9.60
N TYR B 184 -35.37 -1.65 10.45
CA TYR B 184 -35.33 -0.97 11.72
C TYR B 184 -34.31 0.18 11.64
N ARG B 185 -34.69 1.34 12.15
CA ARG B 185 -33.78 2.46 12.34
C ARG B 185 -33.20 2.41 13.75
N LYS B 186 -31.89 2.13 13.87
CA LYS B 186 -31.29 1.94 15.19
C LYS B 186 -31.51 3.17 16.07
N GLY B 187 -31.79 2.92 17.35
CA GLY B 187 -32.26 3.99 18.24
C GLY B 187 -33.61 4.46 17.74
N GLY B 188 -33.59 5.46 16.86
CA GLY B 188 -34.80 5.90 16.14
C GLY B 188 -34.94 7.40 15.89
N LYS B 189 -35.46 7.75 14.71
CA LYS B 189 -35.93 9.11 14.42
C LYS B 189 -37.47 9.18 14.51
N GLY B 190 -38.08 8.13 15.05
CA GLY B 190 -39.54 8.02 15.10
C GLY B 190 -40.23 8.95 16.08
N LEU B 191 -41.33 9.55 15.62
CA LEU B 191 -42.26 10.27 16.49
C LEU B 191 -43.06 9.30 17.36
N LEU B 192 -43.04 9.56 18.67
CA LEU B 192 -43.70 8.70 19.63
C LEU B 192 -44.61 9.57 20.47
N PRO B 193 -45.91 9.28 20.46
CA PRO B 193 -46.85 9.98 21.33
C PRO B 193 -46.85 9.39 22.74
N VAL B 194 -45.78 9.65 23.49
CA VAL B 194 -45.53 8.98 24.76
C VAL B 194 -46.65 9.11 25.79
N ARG B 195 -47.33 10.27 25.83
CA ARG B 195 -48.40 10.52 26.81
C ARG B 195 -49.66 9.69 26.51
N TRP B 196 -49.73 9.09 25.32
CA TRP B 196 -50.83 8.21 24.96
C TRP B 196 -50.43 6.73 24.90
N MET B 197 -49.14 6.44 25.18
CA MET B 197 -48.60 5.10 24.98
C MET B 197 -48.61 4.19 26.20
N SER B 198 -48.97 2.93 25.93
CA SER B 198 -48.97 1.87 26.90
C SER B 198 -47.55 1.52 27.29
N PRO B 199 -47.39 0.91 28.46
CA PRO B 199 -46.09 0.49 28.93
C PRO B 199 -45.28 -0.35 27.93
N GLU B 200 -45.96 -1.28 27.26
CA GLU B 200 -45.33 -2.18 26.28
C GLU B 200 -44.95 -1.45 25.00
N SER B 201 -45.72 -0.42 24.62
CA SER B 201 -45.34 0.46 23.51
C SER B 201 -44.12 1.33 23.86
N LEU B 202 -44.11 1.89 25.06
CA LEU B 202 -42.96 2.65 25.53
C LEU B 202 -41.72 1.77 25.60
N LYS B 203 -41.88 0.53 26.04
CA LYS B 203 -40.78 -0.38 26.32
C LYS B 203 -40.13 -0.90 25.07
N ASP B 204 -40.94 -1.49 24.17
CA ASP B 204 -40.44 -2.32 23.06
C ASP B 204 -41.04 -1.97 21.70
N GLY B 205 -41.83 -0.90 21.64
CA GLY B 205 -42.44 -0.44 20.40
C GLY B 205 -43.52 -1.43 19.96
N VAL B 206 -44.13 -2.10 20.93
CA VAL B 206 -45.25 -3.00 20.66
C VAL B 206 -46.55 -2.23 20.54
N PHE B 207 -47.18 -2.35 19.39
CA PHE B 207 -48.49 -1.75 19.15
C PHE B 207 -49.46 -2.84 18.73
N THR B 208 -50.57 -2.91 19.46
CA THR B 208 -51.61 -3.89 19.21
C THR B 208 -52.97 -3.28 19.49
N THR B 209 -53.99 -4.08 19.33
CA THR B 209 -55.33 -3.65 19.65
C THR B 209 -55.43 -3.25 21.13
N TYR B 210 -54.64 -3.92 21.98
CA TYR B 210 -54.65 -3.70 23.43
C TYR B 210 -54.00 -2.37 23.80
N SER B 211 -52.99 -1.96 23.03
CA SER B 211 -52.36 -0.66 23.25
C SER B 211 -53.26 0.49 22.75
N ASP B 212 -53.99 0.26 21.66
CA ASP B 212 -55.08 1.19 21.24
C ASP B 212 -56.10 1.43 22.37
N VAL B 213 -56.44 0.38 23.09
CA VAL B 213 -57.36 0.52 24.22
C VAL B 213 -56.74 1.37 25.33
N TRP B 214 -55.45 1.17 25.59
CA TRP B 214 -54.74 2.06 26.49
C TRP B 214 -54.94 3.54 26.07
N SER B 215 -54.61 3.85 24.82
CA SER B 215 -54.78 5.20 24.27
C SER B 215 -56.21 5.72 24.38
N PHE B 216 -57.18 4.81 24.17
CA PHE B 216 -58.59 5.15 24.36
C PHE B 216 -58.88 5.68 25.75
N GLY B 217 -58.33 5.00 26.75
CA GLY B 217 -58.42 5.47 28.13
C GLY B 217 -57.94 6.91 28.30
N VAL B 218 -56.81 7.25 27.66
CA VAL B 218 -56.27 8.62 27.74
C VAL B 218 -57.20 9.61 27.02
N VAL B 219 -57.81 9.17 25.91
CA VAL B 219 -58.85 9.98 25.24
C VAL B 219 -60.06 10.25 26.14
N LEU B 220 -60.48 9.24 26.89
CA LEU B 220 -61.56 9.42 27.87
C LEU B 220 -61.19 10.47 28.91
N TRP B 221 -59.93 10.44 29.34
CA TRP B 221 -59.39 11.42 30.27
C TRP B 221 -59.36 12.80 29.62
N GLU B 222 -59.00 12.88 28.34
CA GLU B 222 -59.04 14.15 27.62
C GLU B 222 -60.46 14.72 27.55
N ILE B 223 -61.42 13.87 27.23
CA ILE B 223 -62.83 14.28 27.22
C ILE B 223 -63.24 14.85 28.59
N ALA B 224 -62.90 14.14 29.66
CA ALA B 224 -63.31 14.51 31.01
C ALA B 224 -62.62 15.76 31.54
N THR B 225 -61.50 16.15 30.96
CA THR B 225 -60.76 17.34 31.40
C THR B 225 -60.91 18.48 30.42
N LEU B 226 -61.70 18.25 29.36
CA LEU B 226 -61.77 19.15 28.20
C LEU B 226 -60.35 19.42 27.69
N ALA B 227 -59.62 18.32 27.51
CA ALA B 227 -58.28 18.32 26.91
C ALA B 227 -57.21 19.08 27.69
N GLU B 228 -57.07 18.79 28.98
CA GLU B 228 -55.81 19.13 29.65
C GLU B 228 -54.71 18.28 29.00
N GLN B 229 -53.46 18.68 29.18
CA GLN B 229 -52.33 17.88 28.72
C GLN B 229 -52.12 16.71 29.68
N PRO B 230 -52.18 15.46 29.19
CA PRO B 230 -51.91 14.31 30.07
C PRO B 230 -50.50 14.42 30.69
N TYR B 231 -50.36 14.09 31.97
CA TYR B 231 -49.07 14.15 32.68
C TYR B 231 -48.43 15.51 32.57
N GLN B 232 -49.26 16.55 32.60
CA GLN B 232 -48.79 17.93 32.51
C GLN B 232 -47.72 18.17 33.57
N GLY B 233 -46.62 18.82 33.21
CA GLY B 233 -45.58 19.09 34.23
C GLY B 233 -44.53 17.98 34.34
N LEU B 234 -44.75 16.84 33.68
CA LEU B 234 -43.68 15.88 33.44
C LEU B 234 -43.17 16.09 32.01
N SER B 235 -41.83 16.12 31.85
CA SER B 235 -41.23 16.10 30.51
C SER B 235 -41.48 14.75 29.86
N ASN B 236 -41.22 14.68 28.55
CA ASN B 236 -41.41 13.47 27.80
C ASN B 236 -40.63 12.28 28.35
N GLU B 237 -39.37 12.48 28.70
CA GLU B 237 -38.55 11.43 29.32
C GLU B 237 -39.11 10.96 30.66
N GLN B 238 -39.63 11.89 31.46
CA GLN B 238 -40.20 11.58 32.74
C GLN B 238 -41.50 10.79 32.60
N VAL B 239 -42.28 11.11 31.57
CA VAL B 239 -43.53 10.40 31.26
C VAL B 239 -43.23 8.92 30.96
N LEU B 240 -42.24 8.70 30.11
CA LEU B 240 -41.83 7.34 29.73
C LEU B 240 -41.49 6.50 30.97
N ARG B 241 -40.66 7.06 31.86
CA ARG B 241 -40.28 6.34 33.06
C ARG B 241 -41.47 6.17 34.02
N PHE B 242 -42.19 7.26 34.28
CA PHE B 242 -43.39 7.22 35.11
C PHE B 242 -44.36 6.09 34.75
N VAL B 243 -44.71 5.98 33.47
CA VAL B 243 -45.74 5.03 33.04
C VAL B 243 -45.22 3.61 33.04
N MET B 244 -43.96 3.43 32.65
CA MET B 244 -43.32 2.14 32.71
C MET B 244 -43.12 1.65 34.13
N GLU B 245 -43.10 2.57 35.09
CA GLU B 245 -42.97 2.21 36.51
C GLU B 245 -44.35 2.10 37.18
N GLY B 246 -45.43 2.14 36.41
CA GLY B 246 -46.78 1.89 36.94
C GLY B 246 -47.58 3.15 37.21
N GLY B 247 -47.00 4.30 36.85
CA GLY B 247 -47.64 5.60 36.98
C GLY B 247 -48.94 5.69 36.17
N LEU B 248 -49.91 6.43 36.70
CA LEU B 248 -51.20 6.56 36.07
C LEU B 248 -51.69 7.98 36.19
N LEU B 249 -52.55 8.37 35.26
CA LEU B 249 -53.26 9.66 35.35
C LEU B 249 -54.27 9.65 36.47
N ASP B 250 -54.36 10.77 37.20
CA ASP B 250 -55.33 10.91 38.29
C ASP B 250 -56.74 11.09 37.75
N LYS B 251 -57.71 10.63 38.54
CA LYS B 251 -59.12 10.90 38.29
C LYS B 251 -59.36 12.42 38.25
N PRO B 252 -59.86 12.93 37.13
CA PRO B 252 -60.08 14.37 36.99
C PRO B 252 -61.04 14.95 38.04
N ASP B 253 -61.06 16.28 38.12
CA ASP B 253 -61.95 16.98 39.03
C ASP B 253 -63.39 16.83 38.51
N ASN B 254 -64.26 16.39 39.41
CA ASN B 254 -65.68 16.19 39.10
C ASN B 254 -65.94 15.08 38.08
N CYS B 255 -64.96 14.20 37.89
CA CYS B 255 -65.14 13.08 36.97
C CYS B 255 -66.15 12.05 37.48
N PRO B 256 -67.18 11.79 36.68
CA PRO B 256 -68.16 10.74 36.95
C PRO B 256 -67.50 9.37 37.15
N ASP B 257 -67.83 8.75 38.28
CA ASP B 257 -67.20 7.50 38.74
C ASP B 257 -67.04 6.42 37.68
N MET B 258 -68.01 6.35 36.78
CA MET B 258 -68.05 5.30 35.77
C MET B 258 -67.05 5.52 34.63
N LEU B 259 -66.75 6.78 34.32
CA LEU B 259 -65.76 7.10 33.28
C LEU B 259 -64.36 6.76 33.73
N PHE B 260 -64.03 7.14 34.97
CA PHE B 260 -62.74 6.79 35.56
C PHE B 260 -62.55 5.29 35.69
N GLU B 261 -63.62 4.58 36.04
CA GLU B 261 -63.59 3.13 36.15
C GLU B 261 -63.24 2.48 34.80
N LEU B 262 -63.71 3.09 33.72
CA LEU B 262 -63.37 2.66 32.36
C LEU B 262 -61.90 2.95 32.03
N MET B 263 -61.43 4.16 32.37
CA MET B 263 -60.02 4.56 32.22
C MET B 263 -59.11 3.57 32.96
N ARG B 264 -59.43 3.36 34.23
CA ARG B 264 -58.70 2.44 35.10
C ARG B 264 -58.59 1.05 34.46
N MET B 265 -59.67 0.62 33.78
CA MET B 265 -59.68 -0.65 33.06
C MET B 265 -58.77 -0.62 31.85
N CYS B 266 -58.84 0.46 31.09
CA CYS B 266 -58.00 0.61 29.90
C CYS B 266 -56.51 0.63 30.24
N TRP B 267 -56.17 1.07 31.46
CA TRP B 267 -54.78 1.30 31.88
C TRP B 267 -54.25 0.19 32.77
N GLN B 268 -54.76 -1.03 32.57
CA GLN B 268 -54.15 -2.22 33.20
C GLN B 268 -52.76 -2.37 32.61
N TYR B 269 -51.76 -2.52 33.47
CA TYR B 269 -50.35 -2.63 33.04
C TYR B 269 -50.19 -3.74 32.02
N ASN B 270 -50.78 -4.89 32.33
CA ASN B 270 -50.72 -6.07 31.48
C ASN B 270 -51.80 -5.97 30.40
N PRO B 271 -51.38 -5.95 29.13
CA PRO B 271 -52.30 -5.77 28.00
C PRO B 271 -53.41 -6.81 27.95
N LYS B 272 -53.15 -8.04 28.39
CA LYS B 272 -54.15 -9.11 28.39
C LYS B 272 -55.25 -8.91 29.41
N MET B 273 -55.08 -7.90 30.27
CA MET B 273 -56.04 -7.60 31.33
C MET B 273 -56.93 -6.41 31.02
N ARG B 274 -56.71 -5.82 29.85
CA ARG B 274 -57.54 -4.70 29.38
C ARG B 274 -58.77 -5.24 28.64
N PRO B 275 -59.89 -4.50 28.68
CA PRO B 275 -61.05 -4.83 27.88
C PRO B 275 -60.80 -4.59 26.39
N SER B 276 -61.46 -5.37 25.54
CA SER B 276 -61.49 -5.11 24.11
C SER B 276 -62.44 -3.94 23.87
N PHE B 277 -62.38 -3.37 22.68
CA PHE B 277 -63.27 -2.28 22.36
C PHE B 277 -64.74 -2.71 22.35
N LEU B 278 -65.01 -3.97 22.00
CA LEU B 278 -66.39 -4.53 22.06
C LEU B 278 -66.92 -4.67 23.48
N GLU B 279 -66.05 -5.07 24.40
CA GLU B 279 -66.37 -5.18 25.81
C GLU B 279 -66.68 -3.81 26.42
N ILE B 280 -65.97 -2.79 25.94
CA ILE B 280 -66.21 -1.42 26.37
C ILE B 280 -67.59 -0.94 25.95
N ILE B 281 -67.96 -1.19 24.69
CA ILE B 281 -69.29 -0.79 24.17
C ILE B 281 -70.44 -1.54 24.86
N SER B 282 -70.26 -2.85 25.07
CA SER B 282 -71.23 -3.66 25.83
C SER B 282 -71.57 -3.06 27.20
N SER B 283 -70.59 -2.40 27.82
CA SER B 283 -70.76 -1.88 29.18
C SER B 283 -71.46 -0.53 29.21
N ILE B 284 -71.57 0.12 28.05
CA ILE B 284 -72.14 1.47 27.97
C ILE B 284 -73.26 1.59 26.94
N LYS B 285 -73.63 0.48 26.31
CA LYS B 285 -74.60 0.48 25.20
C LYS B 285 -76.00 0.98 25.58
N GLU B 286 -76.39 0.83 26.85
CA GLU B 286 -77.71 1.28 27.30
C GLU B 286 -77.73 2.79 27.61
N GLU B 287 -76.56 3.42 27.52
CA GLU B 287 -76.40 4.85 27.77
C GLU B 287 -76.22 5.63 26.46
N MET B 288 -76.07 4.88 25.36
CA MET B 288 -75.93 5.45 24.02
C MET B 288 -77.29 5.92 23.50
N GLU B 289 -77.26 6.98 22.68
CA GLU B 289 -78.45 7.43 21.95
C GLU B 289 -79.00 6.28 21.10
N PRO B 290 -80.33 6.14 21.01
CA PRO B 290 -80.93 5.02 20.27
C PRO B 290 -80.63 5.00 18.76
N GLY B 291 -80.06 6.08 18.24
CA GLY B 291 -79.56 6.13 16.86
C GLY B 291 -78.31 5.28 16.64
N PHE B 292 -77.61 5.00 17.73
CA PHE B 292 -76.39 4.18 17.74
C PHE B 292 -76.66 2.75 17.24
N ARG B 293 -77.83 2.20 17.57
CA ARG B 293 -78.26 0.90 17.05
C ARG B 293 -78.07 0.78 15.53
N GLU B 294 -78.58 1.76 14.80
CA GLU B 294 -78.70 1.71 13.35
C GLU B 294 -77.42 2.03 12.57
N VAL B 295 -76.57 2.87 13.14
CA VAL B 295 -75.37 3.35 12.42
C VAL B 295 -74.05 2.67 12.79
N SER B 296 -74.04 1.94 13.91
CA SER B 296 -72.81 1.44 14.51
C SER B 296 -72.36 0.08 13.97
N PHE B 297 -71.04 -0.15 13.97
CA PHE B 297 -70.46 -1.46 13.69
C PHE B 297 -70.88 -2.50 14.72
N TYR B 298 -71.08 -2.05 15.96
CA TYR B 298 -71.38 -2.94 17.06
C TYR B 298 -72.69 -3.72 16.86
N TYR B 299 -73.75 -3.05 16.43
CA TYR B 299 -75.02 -3.73 16.17
C TYR B 299 -75.16 -4.26 14.75
N SER B 300 -74.14 -4.07 13.91
CA SER B 300 -74.19 -4.45 12.51
C SER B 300 -74.15 -5.97 12.29
N GLU B 301 -74.31 -6.38 11.03
CA GLU B 301 -74.18 -7.78 10.66
C GLU B 301 -72.72 -8.19 10.63
N GLU B 302 -71.87 -7.24 10.22
CA GLU B 302 -70.41 -7.45 10.16
C GLU B 302 -69.86 -7.94 11.48
N ASN B 303 -70.47 -7.48 12.58
CA ASN B 303 -70.03 -7.88 13.91
C ASN B 303 -70.43 -9.31 14.27
N LYS B 304 -69.50 -10.23 14.05
CA LYS B 304 -69.63 -11.63 14.44
C LYS B 304 -68.34 -12.10 15.11
N ALA C 1 -4.81 14.95 -10.94
CA ALA C 1 -5.33 13.81 -10.13
C ALA C 1 -6.68 14.14 -9.47
N ALA C 2 -7.66 13.26 -9.70
CA ALA C 2 -9.01 13.41 -9.18
C ALA C 2 -9.52 12.06 -8.68
N ASP C 3 -10.45 12.08 -7.73
CA ASP C 3 -10.97 10.83 -7.13
C ASP C 3 -12.37 10.42 -7.59
N VAL C 4 -12.94 11.18 -8.54
CA VAL C 4 -14.36 11.05 -8.92
C VAL C 4 -14.69 9.91 -9.90
N TYR C 5 -15.99 9.73 -10.17
CA TYR C 5 -16.43 8.81 -11.23
C TYR C 5 -15.91 9.26 -12.59
N VAL C 6 -15.11 8.40 -13.21
CA VAL C 6 -14.63 8.61 -14.58
C VAL C 6 -15.45 7.72 -15.52
N PRO C 7 -16.24 8.34 -16.41
CA PRO C 7 -16.99 7.62 -17.44
C PRO C 7 -16.10 6.64 -18.21
N ASP C 8 -16.61 5.44 -18.46
CA ASP C 8 -15.81 4.39 -19.08
C ASP C 8 -16.60 3.63 -20.13
N GLU C 9 -16.06 2.49 -20.55
CA GLU C 9 -16.69 1.62 -21.55
C GLU C 9 -18.15 1.26 -21.23
N TRP C 10 -18.53 1.38 -19.95
CA TRP C 10 -19.89 1.08 -19.49
C TRP C 10 -20.87 2.20 -19.82
N GLU C 11 -20.33 3.37 -20.16
CA GLU C 11 -21.14 4.55 -20.44
C GLU C 11 -22.07 4.31 -21.64
N VAL C 12 -23.29 4.84 -21.52
CA VAL C 12 -24.28 4.78 -22.57
C VAL C 12 -24.93 6.16 -22.73
N ALA C 13 -25.10 6.61 -23.96
CA ALA C 13 -25.81 7.86 -24.24
C ALA C 13 -27.28 7.70 -23.87
N ARG C 14 -27.82 8.72 -23.21
CA ARG C 14 -29.21 8.75 -22.76
C ARG C 14 -30.24 8.48 -23.85
N GLU C 15 -29.94 8.92 -25.08
CA GLU C 15 -30.86 8.77 -26.22
C GLU C 15 -31.02 7.32 -26.71
N LYS C 16 -30.11 6.44 -26.29
CA LYS C 16 -30.17 5.02 -26.64
C LYS C 16 -31.16 4.26 -25.75
N ILE C 17 -31.83 4.99 -24.87
CA ILE C 17 -32.60 4.41 -23.76
C ILE C 17 -33.96 5.11 -23.64
N THR C 18 -35.02 4.31 -23.58
CA THR C 18 -36.36 4.82 -23.27
C THR C 18 -36.96 4.03 -22.12
N MET C 19 -37.74 4.71 -21.27
CA MET C 19 -38.34 4.09 -20.08
C MET C 19 -39.85 3.93 -20.27
N SER C 20 -40.33 2.71 -20.13
CA SER C 20 -41.70 2.36 -20.54
C SER C 20 -42.75 2.48 -19.43
N ARG C 21 -42.36 2.20 -18.19
CA ARG C 21 -43.27 2.15 -17.03
C ARG C 21 -42.54 1.77 -15.73
N GLU C 22 -43.21 2.00 -14.60
CA GLU C 22 -42.67 1.80 -13.24
C GLU C 22 -42.69 0.33 -12.78
N LEU C 23 -41.54 -0.16 -12.33
CA LEU C 23 -41.42 -1.53 -11.79
C LEU C 23 -41.41 -1.59 -10.25
N GLY C 24 -41.06 -0.46 -9.62
CA GLY C 24 -40.97 -0.37 -8.17
C GLY C 24 -39.76 0.38 -7.64
N GLN C 25 -39.80 0.72 -6.36
CA GLN C 25 -38.68 1.44 -5.73
C GLN C 25 -38.05 0.63 -4.60
N GLY C 26 -36.77 0.28 -4.78
CA GLY C 26 -35.95 -0.29 -3.71
C GLY C 26 -35.05 0.80 -3.16
N SER C 27 -33.74 0.56 -3.16
CA SER C 27 -32.77 1.57 -2.76
C SER C 27 -32.73 2.67 -3.82
N PHE C 28 -32.40 3.89 -3.40
CA PHE C 28 -32.35 5.04 -4.32
C PHE C 28 -33.72 5.27 -4.99
N GLY C 29 -33.73 5.55 -6.29
CA GLY C 29 -34.96 5.96 -6.98
C GLY C 29 -35.73 4.83 -7.67
N MET C 30 -36.76 5.24 -8.43
CA MET C 30 -37.67 4.35 -9.13
C MET C 30 -36.97 3.51 -10.19
N VAL C 31 -37.36 2.23 -10.26
CA VAL C 31 -36.86 1.33 -11.29
C VAL C 31 -37.91 1.22 -12.41
N TYR C 32 -37.49 1.47 -13.64
CA TYR C 32 -38.38 1.48 -14.79
C TYR C 32 -38.07 0.37 -15.77
N GLU C 33 -39.12 -0.23 -16.31
CA GLU C 33 -39.01 -1.10 -17.50
C GLU C 33 -38.64 -0.22 -18.67
N GLY C 34 -37.72 -0.67 -19.52
CA GLY C 34 -37.35 0.12 -20.70
C GLY C 34 -36.76 -0.64 -21.87
N VAL C 35 -36.13 0.11 -22.76
CA VAL C 35 -35.41 -0.45 -23.92
C VAL C 35 -34.06 0.24 -24.08
N ALA C 36 -33.00 -0.55 -24.21
CA ALA C 36 -31.66 -0.01 -24.48
C ALA C 36 -31.08 -0.53 -25.80
N LYS C 37 -30.50 0.39 -26.56
CA LYS C 37 -29.89 0.07 -27.85
C LYS C 37 -28.36 -0.09 -27.73
N GLY C 38 -27.85 -1.13 -28.38
CA GLY C 38 -26.40 -1.36 -28.48
C GLY C 38 -25.71 -1.73 -27.18
N VAL C 39 -26.42 -2.43 -26.30
CA VAL C 39 -25.84 -2.83 -25.01
C VAL C 39 -25.65 -4.34 -24.85
N VAL C 40 -25.86 -5.07 -25.94
CA VAL C 40 -25.53 -6.50 -25.99
C VAL C 40 -24.89 -6.79 -27.34
N LYS C 41 -23.82 -7.58 -27.31
CA LYS C 41 -23.13 -8.04 -28.51
C LYS C 41 -24.07 -8.93 -29.34
N ASP C 42 -24.11 -8.66 -30.65
CA ASP C 42 -24.99 -9.37 -31.60
C ASP C 42 -26.48 -9.06 -31.39
N GLU C 43 -26.76 -8.01 -30.62
CA GLU C 43 -28.14 -7.65 -30.28
C GLU C 43 -28.38 -6.15 -30.47
N PRO C 44 -29.38 -5.79 -31.28
CA PRO C 44 -29.66 -4.39 -31.61
C PRO C 44 -30.30 -3.63 -30.45
N GLU C 45 -31.46 -4.10 -29.98
CA GLU C 45 -32.12 -3.50 -28.82
C GLU C 45 -32.51 -4.54 -27.78
N THR C 46 -32.42 -4.15 -26.51
CA THR C 46 -32.62 -5.07 -25.39
C THR C 46 -33.64 -4.52 -24.39
N ARG C 47 -34.53 -5.40 -23.90
CA ARG C 47 -35.43 -5.06 -22.81
C ARG C 47 -34.63 -4.96 -21.50
N VAL C 48 -34.68 -3.79 -20.88
CA VAL C 48 -33.84 -3.49 -19.73
C VAL C 48 -34.62 -2.95 -18.54
N ALA C 49 -34.05 -3.13 -17.34
CA ALA C 49 -34.51 -2.39 -16.17
C ALA C 49 -33.67 -1.12 -16.03
N ILE C 50 -34.32 -0.01 -15.73
CA ILE C 50 -33.61 1.24 -15.58
C ILE C 50 -33.79 1.78 -14.16
N LYS C 51 -32.70 1.82 -13.42
CA LYS C 51 -32.73 2.32 -12.06
C LYS C 51 -32.27 3.77 -12.03
N THR C 52 -33.06 4.60 -11.37
CA THR C 52 -32.74 6.01 -11.18
C THR C 52 -32.28 6.29 -9.75
N VAL C 53 -31.67 7.46 -9.55
CA VAL C 53 -31.54 8.06 -8.23
C VAL C 53 -32.62 9.15 -8.15
N ASN C 54 -33.12 9.47 -6.94
CA ASN C 54 -34.19 10.48 -6.81
C ASN C 54 -33.79 11.80 -7.49
N GLU C 55 -34.77 12.63 -7.85
CA GLU C 55 -34.47 13.89 -8.56
C GLU C 55 -33.81 14.95 -7.67
N ALA C 56 -34.41 15.22 -6.51
CA ALA C 56 -33.85 16.20 -5.58
C ALA C 56 -32.59 15.63 -4.90
N ALA C 57 -31.73 14.98 -5.70
CA ALA C 57 -30.60 14.24 -5.16
C ALA C 57 -29.36 15.10 -5.02
N SER C 58 -28.78 15.08 -3.82
CA SER C 58 -27.50 15.71 -3.58
C SER C 58 -26.40 15.08 -4.45
N MET C 59 -25.33 15.84 -4.65
CA MET C 59 -24.12 15.35 -5.28
C MET C 59 -23.64 14.06 -4.57
N ARG C 60 -23.65 14.10 -3.25
CA ARG C 60 -23.18 12.99 -2.42
C ARG C 60 -23.94 11.68 -2.67
N GLU C 61 -25.26 11.78 -2.71
CA GLU C 61 -26.14 10.64 -3.05
C GLU C 61 -25.90 10.13 -4.48
N ARG C 62 -25.57 11.04 -5.39
CA ARG C 62 -25.27 10.68 -6.78
C ARG C 62 -23.95 9.94 -6.94
N ILE C 63 -22.91 10.45 -6.29
CA ILE C 63 -21.61 9.80 -6.27
C ILE C 63 -21.69 8.39 -5.62
N GLU C 64 -22.52 8.25 -4.59
CA GLU C 64 -22.69 6.97 -3.90
C GLU C 64 -23.42 5.97 -4.79
N PHE C 65 -24.48 6.43 -5.45
CA PHE C 65 -25.24 5.64 -6.42
C PHE C 65 -24.31 5.03 -7.47
N LEU C 66 -23.49 5.89 -8.08
CA LEU C 66 -22.53 5.48 -9.10
C LEU C 66 -21.44 4.54 -8.57
N ASN C 67 -21.05 4.74 -7.31
CA ASN C 67 -20.06 3.85 -6.69
C ASN C 67 -20.60 2.46 -6.46
N GLU C 68 -21.88 2.37 -6.12
CA GLU C 68 -22.48 1.07 -5.84
C GLU C 68 -22.74 0.35 -7.16
N ALA C 69 -23.16 1.11 -8.18
CA ALA C 69 -23.21 0.63 -9.54
C ALA C 69 -21.87 0.05 -9.99
N SER C 70 -20.78 0.79 -9.78
CA SER C 70 -19.42 0.38 -10.18
C SER C 70 -18.98 -0.97 -9.61
N VAL C 71 -19.49 -1.29 -8.43
CA VAL C 71 -19.33 -2.62 -7.81
C VAL C 71 -19.87 -3.72 -8.73
N MET C 72 -21.04 -3.48 -9.32
CA MET C 72 -21.71 -4.44 -10.20
C MET C 72 -20.94 -4.76 -11.47
N LYS C 73 -20.20 -3.77 -11.98
CA LYS C 73 -19.36 -3.93 -13.17
C LYS C 73 -18.56 -5.24 -13.15
N GLU C 74 -18.07 -5.62 -11.97
CA GLU C 74 -17.18 -6.77 -11.84
C GLU C 74 -17.93 -8.11 -11.78
N PHE C 75 -19.25 -8.06 -11.61
CA PHE C 75 -20.05 -9.27 -11.43
C PHE C 75 -20.46 -9.90 -12.77
N ASN C 76 -20.08 -11.17 -12.96
CA ASN C 76 -20.50 -11.95 -14.12
C ASN C 76 -20.91 -13.36 -13.70
N CYS C 77 -22.19 -13.50 -13.37
CA CYS C 77 -22.69 -14.74 -12.82
C CYS C 77 -24.15 -14.87 -13.17
N HIS C 78 -24.53 -16.08 -13.60
CA HIS C 78 -25.89 -16.37 -14.04
C HIS C 78 -26.91 -16.12 -12.93
N HIS C 79 -26.48 -16.30 -11.69
CA HIS C 79 -27.36 -16.16 -10.53
C HIS C 79 -27.27 -14.79 -9.82
N VAL C 80 -26.61 -13.83 -10.47
CA VAL C 80 -26.57 -12.44 -10.01
C VAL C 80 -27.03 -11.52 -11.15
N VAL C 81 -28.02 -10.67 -10.86
CA VAL C 81 -28.54 -9.71 -11.83
C VAL C 81 -27.38 -8.89 -12.37
N ARG C 82 -27.32 -8.81 -13.68
CA ARG C 82 -26.17 -8.24 -14.37
C ARG C 82 -26.36 -6.74 -14.60
N LEU C 83 -25.28 -5.99 -14.46
CA LEU C 83 -25.26 -4.60 -14.90
C LEU C 83 -25.10 -4.62 -16.41
N LEU C 84 -25.70 -3.67 -17.11
CA LEU C 84 -25.59 -3.60 -18.58
C LEU C 84 -24.98 -2.30 -19.07
N GLY C 85 -25.21 -1.22 -18.33
CA GLY C 85 -24.70 0.08 -18.71
C GLY C 85 -24.96 1.17 -17.67
N VAL C 86 -24.21 2.26 -17.80
CA VAL C 86 -24.31 3.41 -16.92
C VAL C 86 -24.52 4.68 -17.74
N VAL C 87 -25.47 5.50 -17.32
CA VAL C 87 -25.63 6.86 -17.86
C VAL C 87 -25.24 7.85 -16.75
N SER C 88 -23.98 8.27 -16.77
CA SER C 88 -23.43 9.11 -15.71
C SER C 88 -23.36 10.57 -16.09
N GLN C 89 -23.76 10.89 -17.32
CA GLN C 89 -23.77 12.26 -17.82
C GLN C 89 -25.19 12.82 -17.83
N GLY C 90 -25.37 13.99 -17.22
CA GLY C 90 -26.67 14.64 -17.14
C GLY C 90 -27.61 13.99 -16.11
N GLN C 91 -28.83 14.52 -16.04
CA GLN C 91 -29.82 14.09 -15.06
C GLN C 91 -31.03 13.52 -15.79
N PRO C 92 -31.72 12.54 -15.20
CA PRO C 92 -31.28 11.87 -13.97
C PRO C 92 -30.20 10.83 -14.23
N THR C 93 -29.39 10.55 -13.21
CA THR C 93 -28.40 9.47 -13.30
C THR C 93 -29.15 8.15 -13.32
N LEU C 94 -28.72 7.27 -14.23
CA LEU C 94 -29.41 6.01 -14.51
C LEU C 94 -28.44 4.84 -14.51
N VAL C 95 -28.93 3.68 -14.11
CA VAL C 95 -28.22 2.44 -14.32
C VAL C 95 -29.12 1.48 -15.05
N ILE C 96 -28.55 0.77 -16.02
CA ILE C 96 -29.30 -0.17 -16.85
C ILE C 96 -28.91 -1.59 -16.46
N MET C 97 -29.91 -2.42 -16.19
CA MET C 97 -29.67 -3.78 -15.73
C MET C 97 -30.52 -4.80 -16.47
N GLU C 98 -30.01 -6.03 -16.46
CA GLU C 98 -30.77 -7.22 -16.82
C GLU C 98 -32.18 -7.12 -16.24
N LEU C 99 -33.18 -7.08 -17.12
CA LEU C 99 -34.57 -6.98 -16.67
C LEU C 99 -35.03 -8.33 -16.13
N MET C 100 -35.55 -8.33 -14.91
CA MET C 100 -36.11 -9.52 -14.28
C MET C 100 -37.62 -9.44 -14.36
N THR C 101 -38.19 -10.24 -15.27
CA THR C 101 -39.58 -10.06 -15.70
C THR C 101 -40.64 -10.45 -14.67
N ARG C 102 -40.28 -11.33 -13.72
CA ARG C 102 -41.26 -11.77 -12.73
C ARG C 102 -41.11 -11.14 -11.33
N GLY C 103 -40.39 -10.01 -11.26
CA GLY C 103 -40.26 -9.24 -10.01
C GLY C 103 -39.42 -9.87 -8.92
N ASP C 104 -39.65 -9.46 -7.69
CA ASP C 104 -38.84 -9.92 -6.56
C ASP C 104 -39.40 -11.20 -5.99
N LEU C 105 -38.52 -12.01 -5.41
CA LEU C 105 -38.89 -13.32 -4.88
C LEU C 105 -40.07 -13.25 -3.91
N LYS C 106 -40.05 -12.27 -3.00
CA LYS C 106 -41.13 -12.17 -2.00
C LYS C 106 -42.51 -12.01 -2.62
N SER C 107 -42.60 -11.12 -3.61
CA SER C 107 -43.87 -10.83 -4.28
C SER C 107 -44.39 -12.09 -4.96
N TYR C 108 -43.49 -12.78 -5.66
CA TYR C 108 -43.76 -14.07 -6.26
C TYR C 108 -44.27 -15.09 -5.25
N LEU C 109 -43.63 -15.19 -4.08
CA LEU C 109 -44.04 -16.19 -3.10
C LEU C 109 -45.45 -15.90 -2.58
N ARG C 110 -45.79 -14.63 -2.38
CA ARG C 110 -47.10 -14.24 -1.88
C ARG C 110 -48.22 -14.61 -2.86
N SER C 111 -47.90 -14.58 -4.16
CA SER C 111 -48.87 -14.88 -5.22
C SER C 111 -49.28 -16.37 -5.29
N LEU C 112 -48.46 -17.25 -4.71
CA LEU C 112 -48.73 -18.69 -4.70
C LEU C 112 -49.66 -19.15 -3.56
N ARG C 113 -50.07 -18.19 -2.73
CA ARG C 113 -50.82 -18.48 -1.49
C ARG C 113 -52.30 -18.86 -1.62
N PRO C 114 -53.14 -17.93 -2.13
CA PRO C 114 -54.57 -17.87 -1.76
C PRO C 114 -55.26 -19.23 -1.62
N ALA C 123 -51.08 -26.59 -5.36
CA ALA C 123 -50.25 -26.56 -4.16
C ALA C 123 -49.12 -25.52 -4.27
N PRO C 124 -48.47 -25.18 -3.15
CA PRO C 124 -47.22 -24.41 -3.17
C PRO C 124 -46.08 -25.18 -3.90
N PRO C 125 -44.87 -24.61 -3.94
CA PRO C 125 -43.73 -25.26 -4.58
C PRO C 125 -43.38 -26.60 -3.93
N SER C 126 -42.95 -27.54 -4.77
CA SER C 126 -42.51 -28.84 -4.31
C SER C 126 -41.11 -28.71 -3.74
N LEU C 127 -40.68 -29.74 -3.00
CA LEU C 127 -39.36 -29.72 -2.40
C LEU C 127 -38.26 -29.37 -3.40
N SER C 128 -38.25 -30.04 -4.55
CA SER C 128 -37.17 -29.92 -5.51
C SER C 128 -37.16 -28.56 -6.19
N LYS C 129 -38.32 -27.91 -6.26
CA LYS C 129 -38.39 -26.52 -6.73
C LYS C 129 -37.85 -25.55 -5.66
N MET C 130 -38.08 -25.87 -4.39
CA MET C 130 -37.59 -25.03 -3.29
C MET C 130 -36.07 -25.14 -3.19
N ILE C 131 -35.55 -26.36 -3.35
CA ILE C 131 -34.11 -26.63 -3.41
C ILE C 131 -33.44 -25.94 -4.58
N GLN C 132 -34.10 -25.93 -5.74
CA GLN C 132 -33.53 -25.29 -6.92
C GLN C 132 -33.41 -23.77 -6.71
N MET C 133 -34.45 -23.17 -6.13
CA MET C 133 -34.39 -21.77 -5.73
C MET C 133 -33.23 -21.55 -4.74
N ALA C 134 -33.19 -22.37 -3.69
CA ALA C 134 -32.13 -22.31 -2.66
C ALA C 134 -30.71 -22.40 -3.22
N GLY C 135 -30.50 -23.36 -4.12
CA GLY C 135 -29.21 -23.53 -4.77
C GLY C 135 -28.84 -22.40 -5.71
N GLU C 136 -29.83 -21.74 -6.30
CA GLU C 136 -29.58 -20.61 -7.19
C GLU C 136 -29.10 -19.42 -6.33
N ILE C 137 -29.84 -19.16 -5.25
CA ILE C 137 -29.49 -18.06 -4.32
C ILE C 137 -28.09 -18.33 -3.76
N ALA C 138 -27.90 -19.52 -3.17
CA ALA C 138 -26.60 -19.94 -2.65
C ALA C 138 -25.46 -19.79 -3.65
N ASP C 139 -25.75 -20.11 -4.91
CA ASP C 139 -24.76 -19.98 -5.98
C ASP C 139 -24.34 -18.54 -6.33
N GLY C 140 -25.30 -17.62 -6.38
CA GLY C 140 -25.00 -16.22 -6.62
C GLY C 140 -24.24 -15.64 -5.42
N MET C 141 -24.67 -16.02 -4.22
CA MET C 141 -24.00 -15.62 -2.96
C MET C 141 -22.57 -16.17 -2.83
N ALA C 142 -22.38 -17.44 -3.20
CA ALA C 142 -21.04 -18.05 -3.24
C ALA C 142 -20.12 -17.30 -4.21
N TYR C 143 -20.68 -16.87 -5.32
CA TYR C 143 -19.93 -16.08 -6.30
C TYR C 143 -19.53 -14.72 -5.71
N LEU C 144 -20.51 -14.02 -5.13
CA LEU C 144 -20.27 -12.71 -4.58
C LEU C 144 -19.24 -12.80 -3.47
N ASN C 145 -19.42 -13.76 -2.57
CA ASN C 145 -18.50 -13.99 -1.46
C ASN C 145 -17.07 -14.28 -1.95
N ALA C 146 -16.96 -15.11 -3.01
CA ALA C 146 -15.67 -15.43 -3.64
C ALA C 146 -15.02 -14.18 -4.25
N ASN C 147 -15.85 -13.21 -4.61
CA ASN C 147 -15.39 -11.92 -5.11
C ASN C 147 -15.33 -10.85 -4.02
N LYS C 148 -15.23 -11.31 -2.76
CA LYS C 148 -15.04 -10.47 -1.57
C LYS C 148 -16.15 -9.43 -1.37
N PHE C 149 -17.37 -9.84 -1.68
CA PHE C 149 -18.53 -8.96 -1.54
C PHE C 149 -19.49 -9.55 -0.52
N VAL C 150 -19.89 -8.71 0.42
CA VAL C 150 -20.84 -9.09 1.46
C VAL C 150 -22.10 -8.31 1.13
N HIS C 151 -23.18 -9.04 0.93
CA HIS C 151 -24.41 -8.43 0.50
C HIS C 151 -25.06 -7.52 1.58
N ARG C 152 -25.24 -8.06 2.79
CA ARG C 152 -25.75 -7.33 3.98
C ARG C 152 -27.29 -7.21 4.03
N ASP C 153 -27.98 -7.53 2.93
CA ASP C 153 -29.42 -7.40 2.91
C ASP C 153 -30.09 -8.54 2.11
N LEU C 154 -29.51 -9.74 2.15
CA LEU C 154 -30.13 -10.90 1.54
C LEU C 154 -31.51 -11.09 2.18
N ALA C 155 -32.52 -11.19 1.32
CA ALA C 155 -33.90 -11.40 1.72
C ALA C 155 -34.69 -11.70 0.43
N ALA C 156 -35.89 -12.27 0.58
CA ALA C 156 -36.71 -12.59 -0.59
C ALA C 156 -37.01 -11.34 -1.41
N ARG C 157 -37.28 -10.24 -0.73
CA ARG C 157 -37.60 -8.96 -1.37
C ARG C 157 -36.43 -8.45 -2.24
N ASN C 158 -35.26 -9.05 -2.06
CA ASN C 158 -34.03 -8.60 -2.74
C ASN C 158 -33.42 -9.65 -3.66
N CYS C 159 -34.11 -10.76 -3.84
CA CYS C 159 -33.79 -11.70 -4.90
C CYS C 159 -34.83 -11.49 -6.00
N MET C 160 -34.39 -11.64 -7.25
CA MET C 160 -35.26 -11.37 -8.40
C MET C 160 -35.59 -12.65 -9.18
N VAL C 161 -36.75 -12.67 -9.84
CA VAL C 161 -37.18 -13.85 -10.62
C VAL C 161 -37.20 -13.60 -12.13
N ALA C 162 -36.50 -14.46 -12.86
CA ALA C 162 -36.42 -14.39 -14.32
C ALA C 162 -37.68 -14.92 -15.00
N GLU C 163 -37.81 -14.57 -16.28
CA GLU C 163 -38.80 -15.18 -17.17
C GLU C 163 -38.87 -16.71 -16.98
N ASP C 164 -37.73 -17.39 -17.09
CA ASP C 164 -37.65 -18.86 -16.90
C ASP C 164 -37.64 -19.32 -15.42
N PHE C 165 -37.94 -18.39 -14.52
CA PHE C 165 -38.08 -18.63 -13.07
C PHE C 165 -36.75 -18.78 -12.31
N THR C 166 -35.64 -18.55 -13.00
CA THR C 166 -34.33 -18.45 -12.34
C THR C 166 -34.35 -17.33 -11.30
N VAL C 167 -33.93 -17.66 -10.09
CA VAL C 167 -33.82 -16.68 -9.01
C VAL C 167 -32.39 -16.12 -8.96
N LYS C 168 -32.29 -14.79 -8.99
CA LYS C 168 -30.97 -14.15 -8.96
C LYS C 168 -30.84 -13.14 -7.81
N ILE C 169 -29.62 -12.94 -7.31
CA ILE C 169 -29.37 -11.94 -6.24
C ILE C 169 -29.56 -10.49 -6.73
N GLY C 170 -30.37 -9.71 -6.02
CA GLY C 170 -30.64 -8.32 -6.44
C GLY C 170 -30.18 -7.23 -5.47
N ASP C 171 -30.99 -6.17 -5.40
CA ASP C 171 -30.72 -4.94 -4.69
C ASP C 171 -29.93 -5.08 -3.37
N PHE C 172 -28.76 -4.46 -3.32
CA PHE C 172 -27.90 -4.45 -2.11
C PHE C 172 -27.71 -3.04 -1.54
N GLY C 173 -28.39 -2.06 -2.12
CA GLY C 173 -28.16 -0.65 -1.76
C GLY C 173 -28.88 -0.14 -0.53
N MET C 174 -29.87 -0.87 -0.03
CA MET C 174 -30.76 -0.34 1.01
C MET C 174 -30.08 0.05 2.33
N THR C 175 -29.07 -0.72 2.74
CA THR C 175 -28.50 -0.53 4.07
C THR C 175 -27.10 0.04 4.02
N ARG C 176 -26.66 0.45 2.83
CA ARG C 176 -25.37 1.06 2.67
C ARG C 176 -25.40 2.57 2.98
N ASP C 177 -24.70 2.95 4.04
CA ASP C 177 -24.62 4.33 4.50
C ASP C 177 -23.51 5.05 3.75
N ILE C 178 -23.74 6.32 3.42
CA ILE C 178 -22.79 7.13 2.64
C ILE C 178 -21.37 7.18 3.23
N TYR C 179 -21.29 7.36 4.53
CA TYR C 179 -20.00 7.62 5.19
C TYR C 179 -19.36 6.41 5.88
N GLU C 180 -20.07 5.28 5.91
CA GLU C 180 -19.75 4.09 6.73
C GLU C 180 -18.29 3.59 6.78
N THR C 181 -17.59 3.67 5.65
CA THR C 181 -16.19 3.20 5.56
C THR C 181 -15.19 3.96 6.47
N ASP C 182 -15.35 5.28 6.54
CA ASP C 182 -14.39 6.14 7.24
C ASP C 182 -14.97 6.77 8.48
N TYR C 183 -16.31 6.81 8.54
CA TYR C 183 -16.99 7.49 9.61
C TYR C 183 -18.15 6.66 10.15
N TYR C 184 -18.30 6.74 11.45
CA TYR C 184 -19.39 6.19 12.18
C TYR C 184 -20.27 7.34 12.62
N ARG C 185 -21.59 7.15 12.55
CA ARG C 185 -22.51 8.12 13.13
C ARG C 185 -22.86 7.63 14.52
N LYS C 186 -22.80 8.51 15.53
CA LYS C 186 -23.08 8.06 16.90
C LYS C 186 -24.52 7.55 17.03
N GLY C 187 -24.68 6.42 17.72
CA GLY C 187 -25.93 5.64 17.65
C GLY C 187 -26.10 5.10 16.23
N GLY C 188 -27.04 5.69 15.49
CA GLY C 188 -27.18 5.38 14.06
C GLY C 188 -28.58 5.49 13.49
N LYS C 189 -28.73 6.33 12.46
CA LYS C 189 -29.98 6.43 11.71
C LYS C 189 -30.08 5.37 10.59
N GLY C 190 -29.03 4.53 10.47
CA GLY C 190 -28.97 3.49 9.43
C GLY C 190 -30.08 2.45 9.52
N LEU C 191 -30.48 1.94 8.35
CA LEU C 191 -31.53 0.93 8.22
C LEU C 191 -30.98 -0.45 8.52
N LEU C 192 -31.66 -1.15 9.41
CA LEU C 192 -31.26 -2.49 9.82
C LEU C 192 -32.38 -3.50 9.54
N PRO C 193 -32.13 -4.49 8.67
CA PRO C 193 -33.09 -5.58 8.42
C PRO C 193 -33.01 -6.59 9.56
N VAL C 194 -33.42 -6.16 10.75
CA VAL C 194 -33.27 -6.96 11.99
C VAL C 194 -33.81 -8.39 11.90
N ARG C 195 -34.89 -8.62 11.16
CA ARG C 195 -35.47 -9.99 11.04
C ARG C 195 -34.65 -10.97 10.18
N TRP C 196 -33.72 -10.43 9.42
CA TRP C 196 -32.82 -11.21 8.58
C TRP C 196 -31.38 -11.23 9.13
N MET C 197 -31.13 -10.48 10.21
CA MET C 197 -29.78 -10.29 10.80
C MET C 197 -29.32 -11.31 11.84
N SER C 198 -28.06 -11.71 11.72
CA SER C 198 -27.39 -12.62 12.64
C SER C 198 -27.22 -11.92 13.99
N PRO C 199 -27.06 -12.70 15.06
CA PRO C 199 -26.81 -12.15 16.38
C PRO C 199 -25.64 -11.15 16.39
N GLU C 200 -24.57 -11.42 15.66
CA GLU C 200 -23.37 -10.57 15.73
C GLU C 200 -23.57 -9.25 14.97
N SER C 201 -24.43 -9.28 13.95
CA SER C 201 -24.84 -8.08 13.23
C SER C 201 -25.70 -7.20 14.09
N LEU C 202 -26.59 -7.84 14.82
CA LEU C 202 -27.50 -7.13 15.71
C LEU C 202 -26.72 -6.55 16.86
N LYS C 203 -25.68 -7.27 17.30
CA LYS C 203 -24.91 -6.90 18.46
C LYS C 203 -23.98 -5.72 18.13
N ASP C 204 -23.16 -5.88 17.09
CA ASP C 204 -22.01 -4.97 16.82
C ASP C 204 -21.94 -4.41 15.39
N GLY C 205 -22.99 -4.62 14.59
CA GLY C 205 -22.96 -4.22 13.18
C GLY C 205 -21.89 -4.94 12.35
N VAL C 206 -21.49 -6.13 12.80
CA VAL C 206 -20.59 -7.00 12.06
C VAL C 206 -21.34 -7.65 10.90
N PHE C 207 -20.81 -7.50 9.68
CA PHE C 207 -21.34 -8.19 8.49
C PHE C 207 -20.24 -8.90 7.75
N THR C 208 -20.41 -10.21 7.55
CA THR C 208 -19.46 -11.04 6.84
C THR C 208 -20.27 -12.00 5.98
N THR C 209 -19.55 -12.87 5.27
CA THR C 209 -20.15 -13.93 4.49
C THR C 209 -20.95 -14.85 5.42
N TYR C 210 -20.49 -14.96 6.66
CA TYR C 210 -21.15 -15.78 7.68
C TYR C 210 -22.52 -15.24 8.05
N SER C 211 -22.64 -13.92 8.13
CA SER C 211 -23.92 -13.31 8.43
C SER C 211 -24.84 -13.32 7.22
N ASP C 212 -24.27 -13.29 6.01
CA ASP C 212 -25.06 -13.52 4.78
C ASP C 212 -25.68 -14.92 4.79
N VAL C 213 -24.93 -15.91 5.26
CA VAL C 213 -25.44 -17.28 5.38
C VAL C 213 -26.61 -17.33 6.36
N TRP C 214 -26.53 -16.54 7.42
CA TRP C 214 -27.61 -16.45 8.39
C TRP C 214 -28.90 -15.99 7.69
N SER C 215 -28.77 -14.91 6.91
CA SER C 215 -29.88 -14.32 6.16
C SER C 215 -30.42 -15.28 5.14
N PHE C 216 -29.52 -16.09 4.56
CA PHE C 216 -29.91 -17.13 3.59
C PHE C 216 -30.89 -18.11 4.22
N GLY C 217 -30.56 -18.58 5.42
CA GLY C 217 -31.44 -19.45 6.19
C GLY C 217 -32.81 -18.86 6.38
N VAL C 218 -32.88 -17.55 6.62
CA VAL C 218 -34.16 -16.83 6.74
C VAL C 218 -34.89 -16.83 5.38
N VAL C 219 -34.15 -16.73 4.29
CA VAL C 219 -34.77 -16.71 2.97
C VAL C 219 -35.42 -18.05 2.65
N LEU C 220 -34.78 -19.14 3.10
CA LEU C 220 -35.34 -20.49 2.98
C LEU C 220 -36.66 -20.59 3.73
N TRP C 221 -36.69 -19.95 4.89
CA TRP C 221 -37.86 -19.94 5.75
C TRP C 221 -38.99 -19.17 5.08
N GLU C 222 -38.64 -18.08 4.40
CA GLU C 222 -39.62 -17.32 3.62
C GLU C 222 -40.13 -18.16 2.45
N ILE C 223 -39.23 -18.90 1.79
CA ILE C 223 -39.64 -19.80 0.72
C ILE C 223 -40.64 -20.84 1.27
N ALA C 224 -40.23 -21.55 2.33
CA ALA C 224 -41.04 -22.58 2.96
C ALA C 224 -42.41 -22.12 3.50
N THR C 225 -42.53 -20.83 3.83
CA THR C 225 -43.80 -20.28 4.35
C THR C 225 -44.58 -19.47 3.33
N LEU C 226 -44.05 -19.37 2.11
CA LEU C 226 -44.58 -18.45 1.09
C LEU C 226 -44.57 -17.01 1.63
N ALA C 227 -43.36 -16.56 1.98
CA ALA C 227 -43.10 -15.22 2.49
C ALA C 227 -44.10 -14.76 3.54
N GLU C 228 -44.22 -15.54 4.61
CA GLU C 228 -44.73 -15.01 5.85
C GLU C 228 -43.66 -14.07 6.46
N GLN C 229 -44.08 -13.14 7.30
CA GLN C 229 -43.15 -12.24 8.00
C GLN C 229 -42.41 -13.00 9.13
N PRO C 230 -41.07 -13.04 9.08
CA PRO C 230 -40.31 -13.72 10.14
C PRO C 230 -40.53 -13.02 11.49
N TYR C 231 -40.64 -13.82 12.54
CA TYR C 231 -40.90 -13.32 13.91
C TYR C 231 -42.15 -12.46 13.97
N GLN C 232 -43.15 -12.84 13.15
CA GLN C 232 -44.45 -12.18 13.13
C GLN C 232 -44.98 -12.08 14.55
N GLY C 233 -45.59 -10.94 14.87
CA GLY C 233 -46.10 -10.72 16.22
C GLY C 233 -45.04 -10.26 17.21
N LEU C 234 -43.79 -10.12 16.77
CA LEU C 234 -42.78 -9.46 17.59
C LEU C 234 -42.45 -8.13 16.94
N SER C 235 -42.26 -7.11 17.77
CA SER C 235 -41.78 -5.82 17.27
C SER C 235 -40.32 -5.92 16.87
N ASN C 236 -39.84 -4.94 16.11
CA ASN C 236 -38.43 -4.89 15.72
C ASN C 236 -37.46 -5.01 16.91
N GLU C 237 -37.69 -4.20 17.94
CA GLU C 237 -36.91 -4.23 19.19
C GLU C 237 -36.97 -5.56 19.93
N GLN C 238 -38.15 -6.19 19.96
CA GLN C 238 -38.30 -7.54 20.48
C GLN C 238 -37.54 -8.57 19.65
N VAL C 239 -37.51 -8.40 18.34
CA VAL C 239 -36.78 -9.35 17.49
C VAL C 239 -35.27 -9.28 17.78
N LEU C 240 -34.74 -8.06 17.85
CA LEU C 240 -33.34 -7.85 18.18
C LEU C 240 -32.94 -8.61 19.46
N ARG C 241 -33.70 -8.44 20.53
CA ARG C 241 -33.41 -9.11 21.80
C ARG C 241 -33.57 -10.62 21.73
N PHE C 242 -34.73 -11.06 21.22
CA PHE C 242 -35.06 -12.49 21.04
C PHE C 242 -33.93 -13.29 20.37
N VAL C 243 -33.41 -12.77 19.26
CA VAL C 243 -32.39 -13.44 18.46
C VAL C 243 -31.04 -13.38 19.16
N MET C 244 -30.68 -12.21 19.69
CA MET C 244 -29.48 -12.09 20.51
C MET C 244 -29.45 -13.04 21.72
N GLU C 245 -30.63 -13.38 22.24
CA GLU C 245 -30.74 -14.31 23.38
C GLU C 245 -30.91 -15.78 22.94
N GLY C 246 -30.74 -16.05 21.64
CA GLY C 246 -30.77 -17.44 21.16
C GLY C 246 -32.05 -17.89 20.47
N GLY C 247 -33.07 -17.03 20.48
CA GLY C 247 -34.33 -17.29 19.79
C GLY C 247 -34.21 -17.65 18.31
N LEU C 248 -35.04 -18.58 17.86
CA LEU C 248 -35.02 -19.04 16.46
C LEU C 248 -36.42 -19.11 15.86
N LEU C 249 -36.52 -19.00 14.53
CA LEU C 249 -37.80 -19.20 13.83
C LEU C 249 -38.24 -20.66 13.92
N ASP C 250 -39.54 -20.88 14.10
CA ASP C 250 -40.07 -22.24 14.20
C ASP C 250 -40.11 -22.93 12.86
N LYS C 251 -39.91 -24.24 12.87
CA LYS C 251 -40.08 -25.06 11.67
C LYS C 251 -41.45 -24.78 11.04
N PRO C 252 -41.46 -24.35 9.78
CA PRO C 252 -42.71 -24.11 9.07
C PRO C 252 -43.61 -25.35 9.00
N ASP C 253 -44.92 -25.10 8.93
CA ASP C 253 -45.92 -26.15 8.75
C ASP C 253 -45.60 -26.97 7.51
N ASN C 254 -45.45 -28.27 7.69
CA ASN C 254 -45.20 -29.20 6.57
C ASN C 254 -43.93 -28.88 5.79
N CYS C 255 -42.97 -28.26 6.48
CA CYS C 255 -41.63 -28.06 5.94
C CYS C 255 -40.90 -29.40 5.82
N PRO C 256 -40.32 -29.66 4.65
CA PRO C 256 -39.44 -30.81 4.47
C PRO C 256 -38.24 -30.74 5.42
N ASP C 257 -38.05 -31.81 6.19
CA ASP C 257 -36.98 -31.91 7.19
C ASP C 257 -35.64 -31.38 6.69
N MET C 258 -35.26 -31.80 5.50
CA MET C 258 -33.97 -31.47 4.92
C MET C 258 -33.75 -29.94 4.76
N LEU C 259 -34.83 -29.21 4.52
CA LEU C 259 -34.76 -27.75 4.42
C LEU C 259 -34.62 -27.12 5.78
N PHE C 260 -35.38 -27.62 6.77
CA PHE C 260 -35.24 -27.11 8.12
C PHE C 260 -33.86 -27.39 8.70
N GLU C 261 -33.32 -28.55 8.34
CA GLU C 261 -31.96 -28.92 8.69
C GLU C 261 -30.94 -27.90 8.17
N LEU C 262 -31.12 -27.46 6.92
CA LEU C 262 -30.31 -26.38 6.33
C LEU C 262 -30.42 -25.08 7.12
N MET C 263 -31.66 -24.68 7.43
CA MET C 263 -31.92 -23.49 8.23
C MET C 263 -31.14 -23.52 9.54
N ARG C 264 -31.32 -24.61 10.30
CA ARG C 264 -30.58 -24.89 11.54
C ARG C 264 -29.09 -24.63 11.42
N MET C 265 -28.48 -25.10 10.32
CA MET C 265 -27.05 -24.95 10.12
C MET C 265 -26.70 -23.48 9.85
N CYS C 266 -27.54 -22.79 9.09
CA CYS C 266 -27.34 -21.37 8.84
C CYS C 266 -27.50 -20.52 10.12
N TRP C 267 -28.28 -21.04 11.06
CA TRP C 267 -28.62 -20.30 12.26
C TRP C 267 -27.83 -20.70 13.50
N GLN C 268 -26.61 -21.22 13.29
CA GLN C 268 -25.71 -21.40 14.42
C GLN C 268 -25.39 -20.00 14.97
N TYR C 269 -25.42 -19.88 16.30
CA TYR C 269 -25.20 -18.57 16.93
C TYR C 269 -23.80 -18.06 16.59
N ASN C 270 -22.80 -18.93 16.77
CA ASN C 270 -21.40 -18.67 16.47
C ASN C 270 -21.21 -18.72 14.95
N PRO C 271 -20.76 -17.62 14.35
CA PRO C 271 -20.55 -17.54 12.89
C PRO C 271 -19.61 -18.61 12.31
N LYS C 272 -18.59 -19.03 13.06
CA LYS C 272 -17.62 -20.03 12.59
C LYS C 272 -18.22 -21.43 12.46
N MET C 273 -19.42 -21.62 12.99
CA MET C 273 -20.06 -22.94 12.99
C MET C 273 -21.08 -23.10 11.86
N ARG C 274 -21.30 -22.02 11.11
CA ARG C 274 -22.21 -22.02 9.95
C ARG C 274 -21.47 -22.56 8.73
N PRO C 275 -22.19 -23.19 7.80
CA PRO C 275 -21.59 -23.58 6.54
C PRO C 275 -21.39 -22.34 5.67
N SER C 276 -20.34 -22.34 4.85
CA SER C 276 -20.23 -21.42 3.73
C SER C 276 -21.30 -21.74 2.68
N PHE C 277 -21.54 -20.81 1.76
CA PHE C 277 -22.47 -21.02 0.64
C PHE C 277 -22.03 -22.17 -0.24
N LEU C 278 -20.71 -22.35 -0.41
CA LEU C 278 -20.20 -23.46 -1.21
C LEU C 278 -20.55 -24.79 -0.55
N GLU C 279 -20.37 -24.86 0.77
CA GLU C 279 -20.73 -26.05 1.54
C GLU C 279 -22.22 -26.37 1.48
N ILE C 280 -23.04 -25.33 1.50
CA ILE C 280 -24.48 -25.43 1.30
C ILE C 280 -24.83 -26.10 -0.04
N ILE C 281 -24.27 -25.54 -1.12
CA ILE C 281 -24.49 -26.06 -2.48
C ILE C 281 -24.02 -27.51 -2.55
N SER C 282 -22.82 -27.74 -2.02
CA SER C 282 -22.25 -29.09 -1.97
C SER C 282 -23.20 -30.11 -1.30
N SER C 283 -23.92 -29.68 -0.26
CA SER C 283 -24.86 -30.59 0.42
C SER C 283 -26.16 -30.87 -0.35
N ILE C 284 -26.45 -30.05 -1.37
CA ILE C 284 -27.72 -30.15 -2.12
C ILE C 284 -27.53 -30.39 -3.62
N LYS C 285 -26.28 -30.51 -4.06
CA LYS C 285 -25.94 -30.54 -5.49
C LYS C 285 -26.62 -31.68 -6.25
N GLU C 286 -26.81 -32.82 -5.59
CA GLU C 286 -27.44 -33.98 -6.24
C GLU C 286 -28.93 -33.79 -6.41
N GLU C 287 -29.47 -32.80 -5.71
CA GLU C 287 -30.90 -32.51 -5.72
C GLU C 287 -31.24 -31.35 -6.62
N MET C 288 -30.20 -30.78 -7.25
CA MET C 288 -30.35 -29.67 -8.21
C MET C 288 -30.72 -30.16 -9.62
N GLU C 289 -31.41 -29.31 -10.38
CA GLU C 289 -31.71 -29.57 -11.78
C GLU C 289 -30.42 -29.74 -12.57
N PRO C 290 -30.43 -30.64 -13.57
CA PRO C 290 -29.21 -30.93 -14.37
C PRO C 290 -28.63 -29.72 -15.09
N GLY C 291 -29.49 -28.75 -15.42
CA GLY C 291 -29.03 -27.50 -16.04
C GLY C 291 -28.16 -26.63 -15.12
N PHE C 292 -28.25 -26.85 -13.82
CA PHE C 292 -27.42 -26.11 -12.84
C PHE C 292 -25.93 -26.29 -13.13
N ARG C 293 -25.53 -27.53 -13.40
CA ARG C 293 -24.13 -27.88 -13.68
C ARG C 293 -23.48 -27.05 -14.80
N GLU C 294 -24.29 -26.51 -15.71
CA GLU C 294 -23.77 -25.74 -16.83
C GLU C 294 -23.81 -24.22 -16.62
N VAL C 295 -24.74 -23.73 -15.81
CA VAL C 295 -24.89 -22.28 -15.62
C VAL C 295 -24.39 -21.76 -14.27
N SER C 296 -24.01 -22.68 -13.38
CA SER C 296 -23.63 -22.31 -12.02
C SER C 296 -22.18 -21.84 -11.89
N PHE C 297 -21.94 -20.92 -10.96
CA PHE C 297 -20.58 -20.57 -10.53
C PHE C 297 -19.93 -21.79 -9.88
N TYR C 298 -20.74 -22.57 -9.15
CA TYR C 298 -20.23 -23.71 -8.41
C TYR C 298 -19.47 -24.71 -9.29
N TYR C 299 -20.05 -25.09 -10.42
CA TYR C 299 -19.40 -26.04 -11.32
C TYR C 299 -18.50 -25.36 -12.34
N SER C 300 -18.46 -24.03 -12.32
CA SER C 300 -17.60 -23.24 -13.21
C SER C 300 -16.11 -23.48 -12.95
N GLU C 301 -15.29 -23.11 -13.93
CA GLU C 301 -13.84 -23.18 -13.81
C GLU C 301 -13.33 -22.18 -12.77
N GLU C 302 -14.06 -21.08 -12.60
CA GLU C 302 -13.72 -20.01 -11.64
C GLU C 302 -13.69 -20.47 -10.19
N ASN C 303 -14.54 -21.45 -9.85
CA ASN C 303 -14.57 -22.02 -8.50
C ASN C 303 -13.33 -22.88 -8.23
N LYS C 304 -12.38 -22.31 -7.50
CA LYS C 304 -11.15 -23.03 -7.13
C LYS C 304 -11.13 -23.37 -5.64
N ALA D 1 -16.21 32.21 14.85
CA ALA D 1 -17.50 31.47 14.64
C ALA D 1 -18.68 32.44 14.60
N ALA D 2 -19.11 32.81 13.40
CA ALA D 2 -20.07 33.89 13.24
C ALA D 2 -21.50 33.45 12.92
N ASP D 3 -22.41 34.42 12.95
CA ASP D 3 -23.83 34.21 12.63
C ASP D 3 -24.14 34.99 11.36
N VAL D 4 -23.08 35.54 10.75
CA VAL D 4 -23.11 36.22 9.46
C VAL D 4 -21.80 35.99 8.76
N TYR D 5 -21.73 36.33 7.48
CA TYR D 5 -20.46 36.51 6.81
C TYR D 5 -20.41 37.92 6.22
N VAL D 6 -19.38 38.67 6.58
CA VAL D 6 -19.14 40.00 6.06
C VAL D 6 -17.94 39.96 5.12
N PRO D 7 -18.17 40.23 3.82
CA PRO D 7 -17.10 40.16 2.82
C PRO D 7 -15.94 41.09 3.15
N ASP D 8 -14.72 40.63 2.89
CA ASP D 8 -13.52 41.37 3.28
C ASP D 8 -12.46 41.34 2.18
N GLU D 9 -11.21 41.57 2.55
CA GLU D 9 -10.11 41.63 1.58
C GLU D 9 -9.88 40.30 0.85
N TRP D 10 -10.51 39.22 1.33
CA TRP D 10 -10.37 37.88 0.71
C TRP D 10 -11.38 37.64 -0.41
N GLU D 11 -12.33 38.57 -0.58
CA GLU D 11 -13.37 38.47 -1.59
C GLU D 11 -12.76 38.52 -3.00
N VAL D 12 -13.35 37.75 -3.91
CA VAL D 12 -12.92 37.72 -5.30
C VAL D 12 -14.15 37.76 -6.19
N ALA D 13 -14.07 38.49 -7.30
CA ALA D 13 -15.19 38.59 -8.22
C ALA D 13 -15.35 37.27 -8.95
N ARG D 14 -16.58 36.79 -9.03
CA ARG D 14 -16.91 35.51 -9.68
C ARG D 14 -16.37 35.39 -11.12
N GLU D 15 -16.35 36.49 -11.86
CA GLU D 15 -15.87 36.51 -13.24
C GLU D 15 -14.36 36.32 -13.36
N LYS D 16 -13.64 36.48 -12.26
CA LYS D 16 -12.19 36.21 -12.21
C LYS D 16 -11.88 34.72 -12.05
N ILE D 17 -12.92 33.88 -11.98
CA ILE D 17 -12.77 32.45 -11.73
C ILE D 17 -13.45 31.59 -12.80
N THR D 18 -12.74 30.58 -13.28
CA THR D 18 -13.37 29.53 -14.11
C THR D 18 -13.06 28.16 -13.51
N MET D 19 -14.02 27.25 -13.61
CA MET D 19 -13.87 25.89 -13.11
C MET D 19 -14.04 24.95 -14.26
N SER D 20 -13.22 23.91 -14.30
CA SER D 20 -13.36 22.89 -15.33
C SER D 20 -13.72 21.54 -14.69
N ARG D 21 -12.75 20.68 -14.46
CA ARG D 21 -13.07 19.31 -14.06
C ARG D 21 -13.27 19.09 -12.57
N GLU D 22 -14.07 18.07 -12.26
CA GLU D 22 -14.30 17.60 -10.89
C GLU D 22 -13.03 17.01 -10.28
N LEU D 23 -12.73 17.41 -9.05
CA LEU D 23 -11.62 16.81 -8.30
C LEU D 23 -12.13 15.81 -7.29
N GLY D 24 -13.31 16.07 -6.72
CA GLY D 24 -13.89 15.17 -5.73
C GLY D 24 -14.67 15.91 -4.67
N GLN D 25 -15.44 15.17 -3.88
CA GLN D 25 -16.21 15.75 -2.81
C GLN D 25 -15.70 15.22 -1.48
N GLY D 26 -15.32 16.15 -0.59
CA GLY D 26 -15.04 15.84 0.83
C GLY D 26 -16.16 16.44 1.65
N SER D 27 -15.84 17.37 2.57
CA SER D 27 -16.88 18.06 3.31
C SER D 27 -17.56 19.04 2.34
N PHE D 28 -18.85 19.29 2.56
CA PHE D 28 -19.60 20.21 1.74
C PHE D 28 -19.63 19.75 0.28
N GLY D 29 -19.41 20.67 -0.67
CA GLY D 29 -19.69 20.41 -2.09
C GLY D 29 -18.51 19.91 -2.88
N MET D 30 -18.78 19.57 -4.15
CA MET D 30 -17.75 19.17 -5.08
C MET D 30 -16.62 20.20 -5.16
N VAL D 31 -15.38 19.68 -5.23
CA VAL D 31 -14.19 20.49 -5.50
C VAL D 31 -13.87 20.37 -6.99
N TYR D 32 -13.59 21.50 -7.62
CA TYR D 32 -13.24 21.57 -9.05
C TYR D 32 -11.84 22.12 -9.26
N GLU D 33 -11.19 21.69 -10.34
CA GLU D 33 -9.96 22.35 -10.77
C GLU D 33 -10.35 23.58 -11.58
N GLY D 34 -9.59 24.66 -11.40
CA GLY D 34 -9.92 25.90 -12.09
C GLY D 34 -8.77 26.86 -12.20
N VAL D 35 -9.11 28.09 -12.61
CA VAL D 35 -8.14 29.15 -12.81
C VAL D 35 -8.68 30.44 -12.17
N ALA D 36 -7.83 31.12 -11.38
CA ALA D 36 -8.22 32.39 -10.76
C ALA D 36 -7.28 33.53 -11.12
N LYS D 37 -7.85 34.72 -11.32
CA LYS D 37 -7.09 35.94 -11.70
C LYS D 37 -6.81 36.83 -10.50
N GLY D 38 -5.56 37.30 -10.40
CA GLY D 38 -5.12 38.22 -9.34
C GLY D 38 -5.19 37.69 -7.91
N VAL D 39 -4.77 36.45 -7.71
CA VAL D 39 -4.81 35.86 -6.36
C VAL D 39 -3.42 35.65 -5.75
N VAL D 40 -2.40 35.72 -6.59
CA VAL D 40 -1.01 35.68 -6.13
C VAL D 40 -0.26 36.91 -6.68
N LYS D 41 0.55 37.51 -5.82
CA LYS D 41 1.33 38.71 -6.14
C LYS D 41 2.34 38.42 -7.24
N ASP D 42 2.35 39.28 -8.26
CA ASP D 42 3.21 39.14 -9.45
C ASP D 42 2.81 37.96 -10.34
N GLU D 43 1.61 37.42 -10.09
CA GLU D 43 1.05 36.38 -10.95
C GLU D 43 -0.32 36.83 -11.45
N PRO D 44 -0.49 36.94 -12.77
CA PRO D 44 -1.77 37.38 -13.32
C PRO D 44 -2.85 36.29 -13.27
N GLU D 45 -2.42 35.03 -13.37
CA GLU D 45 -3.34 33.90 -13.42
C GLU D 45 -2.79 32.72 -12.61
N THR D 46 -3.66 32.04 -11.87
CA THR D 46 -3.23 30.91 -11.03
C THR D 46 -4.17 29.69 -11.17
N ARG D 47 -3.57 28.52 -11.36
CA ARG D 47 -4.30 27.27 -11.25
C ARG D 47 -4.70 27.06 -9.79
N VAL D 48 -5.98 26.72 -9.57
CA VAL D 48 -6.53 26.66 -8.21
C VAL D 48 -7.49 25.49 -8.05
N ALA D 49 -7.76 25.13 -6.79
CA ALA D 49 -8.89 24.26 -6.46
C ALA D 49 -10.02 25.17 -5.98
N ILE D 50 -11.24 24.82 -6.37
CA ILE D 50 -12.42 25.62 -6.06
C ILE D 50 -13.42 24.74 -5.36
N LYS D 51 -13.66 25.03 -4.09
CA LYS D 51 -14.55 24.24 -3.29
C LYS D 51 -15.92 24.91 -3.25
N THR D 52 -16.94 24.14 -3.62
CA THR D 52 -18.32 24.60 -3.62
C THR D 52 -19.12 24.08 -2.45
N VAL D 53 -20.28 24.70 -2.29
CA VAL D 53 -21.36 24.22 -1.47
C VAL D 53 -22.60 24.09 -2.38
N ASN D 54 -23.51 23.20 -2.05
CA ASN D 54 -24.75 23.03 -2.81
C ASN D 54 -25.49 24.34 -3.12
N GLU D 55 -26.07 24.43 -4.32
CA GLU D 55 -26.77 25.65 -4.79
C GLU D 55 -28.03 25.97 -3.99
N ALA D 56 -28.74 24.93 -3.57
CA ALA D 56 -29.90 25.05 -2.70
C ALA D 56 -29.54 25.17 -1.21
N ALA D 57 -28.27 25.36 -0.88
CA ALA D 57 -27.84 25.49 0.53
C ALA D 57 -28.59 26.63 1.22
N SER D 58 -29.08 26.36 2.42
CA SER D 58 -29.77 27.35 3.22
C SER D 58 -28.79 28.38 3.73
N MET D 59 -29.31 29.48 4.28
CA MET D 59 -28.47 30.48 4.92
C MET D 59 -27.56 29.82 5.96
N ARG D 60 -28.15 28.99 6.81
CA ARG D 60 -27.41 28.31 7.87
C ARG D 60 -26.20 27.51 7.34
N GLU D 61 -26.39 26.70 6.29
CA GLU D 61 -25.27 25.93 5.69
C GLU D 61 -24.21 26.84 5.10
N ARG D 62 -24.64 27.91 4.43
CA ARG D 62 -23.74 28.82 3.73
C ARG D 62 -22.84 29.56 4.72
N ILE D 63 -23.44 30.05 5.80
CA ILE D 63 -22.69 30.62 6.93
C ILE D 63 -21.68 29.63 7.55
N GLU D 64 -22.09 28.39 7.80
CA GLU D 64 -21.14 27.39 8.32
C GLU D 64 -19.99 27.15 7.35
N PHE D 65 -20.34 26.94 6.08
CA PHE D 65 -19.35 26.76 5.03
C PHE D 65 -18.31 27.90 5.03
N LEU D 66 -18.81 29.13 5.01
CA LEU D 66 -17.97 30.32 4.99
C LEU D 66 -17.21 30.51 6.30
N ASN D 67 -17.82 30.16 7.44
CA ASN D 67 -17.13 30.20 8.73
C ASN D 67 -15.95 29.23 8.83
N GLU D 68 -16.12 28.04 8.27
CA GLU D 68 -15.03 27.06 8.30
C GLU D 68 -13.92 27.49 7.36
N ALA D 69 -14.29 27.97 6.18
CA ALA D 69 -13.31 28.51 5.23
C ALA D 69 -12.52 29.66 5.86
N SER D 70 -13.19 30.52 6.61
CA SER D 70 -12.56 31.70 7.21
C SER D 70 -11.46 31.40 8.25
N VAL D 71 -11.57 30.26 8.94
CA VAL D 71 -10.46 29.73 9.75
C VAL D 71 -9.10 29.77 8.99
N MET D 72 -9.12 29.33 7.73
CA MET D 72 -7.92 29.28 6.89
C MET D 72 -7.27 30.64 6.62
N LYS D 73 -8.04 31.73 6.74
CA LYS D 73 -7.48 33.08 6.58
C LYS D 73 -6.32 33.32 7.54
N GLU D 74 -6.32 32.61 8.65
CA GLU D 74 -5.26 32.76 9.65
C GLU D 74 -4.02 31.92 9.37
N PHE D 75 -4.10 30.99 8.41
CA PHE D 75 -2.99 30.05 8.21
C PHE D 75 -2.02 30.47 7.10
N ASN D 76 -0.74 30.42 7.43
CA ASN D 76 0.32 30.68 6.48
C ASN D 76 1.47 29.75 6.79
N CYS D 77 1.38 28.54 6.24
CA CYS D 77 2.36 27.51 6.52
C CYS D 77 2.52 26.70 5.25
N HIS D 78 3.76 26.27 5.01
CA HIS D 78 4.09 25.54 3.79
C HIS D 78 3.47 24.14 3.79
N HIS D 79 3.14 23.64 4.99
CA HIS D 79 2.65 22.28 5.13
C HIS D 79 1.18 22.18 5.45
N VAL D 80 0.49 23.30 5.27
CA VAL D 80 -0.97 23.40 5.29
C VAL D 80 -1.44 23.99 3.95
N VAL D 81 -2.36 23.30 3.27
CA VAL D 81 -2.98 23.84 2.06
C VAL D 81 -3.52 25.27 2.33
N ARG D 82 -3.15 26.19 1.43
CA ARG D 82 -3.42 27.61 1.60
C ARG D 82 -4.77 28.02 1.03
N LEU D 83 -5.44 28.97 1.71
CA LEU D 83 -6.63 29.64 1.17
C LEU D 83 -6.18 30.76 0.23
N LEU D 84 -6.89 30.92 -0.89
CA LEU D 84 -6.55 31.98 -1.86
C LEU D 84 -7.60 33.08 -2.00
N GLY D 85 -8.87 32.72 -1.81
CA GLY D 85 -9.96 33.67 -1.96
C GLY D 85 -11.32 33.08 -1.63
N VAL D 86 -12.31 33.95 -1.58
CA VAL D 86 -13.67 33.59 -1.24
C VAL D 86 -14.65 34.32 -2.18
N VAL D 87 -15.58 33.58 -2.77
CA VAL D 87 -16.71 34.16 -3.50
C VAL D 87 -18.00 33.89 -2.70
N SER D 88 -18.39 34.87 -1.90
CA SER D 88 -19.51 34.74 -0.98
C SER D 88 -20.78 35.33 -1.55
N GLN D 89 -20.65 36.01 -2.68
CA GLN D 89 -21.75 36.72 -3.33
C GLN D 89 -22.25 35.91 -4.51
N GLY D 90 -23.54 35.55 -4.48
CA GLY D 90 -24.13 34.75 -5.54
C GLY D 90 -23.98 33.26 -5.35
N GLN D 91 -24.38 32.51 -6.38
CA GLN D 91 -24.43 31.06 -6.37
C GLN D 91 -23.53 30.43 -7.42
N PRO D 92 -22.91 29.28 -7.13
CA PRO D 92 -22.70 28.80 -5.76
C PRO D 92 -21.61 29.55 -5.00
N THR D 93 -21.68 29.52 -3.67
CA THR D 93 -20.59 29.98 -2.82
C THR D 93 -19.35 29.14 -3.12
N LEU D 94 -18.21 29.82 -3.25
CA LEU D 94 -16.96 29.18 -3.64
C LEU D 94 -15.88 29.57 -2.65
N VAL D 95 -14.95 28.64 -2.47
CA VAL D 95 -13.75 28.90 -1.71
C VAL D 95 -12.59 28.52 -2.61
N ILE D 96 -11.67 29.44 -2.80
CA ILE D 96 -10.56 29.23 -3.72
C ILE D 96 -9.28 28.86 -2.96
N MET D 97 -8.68 27.75 -3.35
CA MET D 97 -7.51 27.22 -2.62
C MET D 97 -6.33 26.91 -3.52
N GLU D 98 -5.14 26.93 -2.90
CA GLU D 98 -3.94 26.27 -3.44
C GLU D 98 -4.32 24.93 -4.07
N LEU D 99 -3.91 24.73 -5.33
CA LEU D 99 -4.21 23.50 -6.02
C LEU D 99 -3.16 22.43 -5.69
N MET D 100 -3.63 21.30 -5.17
CA MET D 100 -2.79 20.16 -4.88
C MET D 100 -3.01 19.15 -6.03
N THR D 101 -2.06 19.08 -6.95
CA THR D 101 -2.29 18.40 -8.24
C THR D 101 -2.18 16.90 -8.19
N ARG D 102 -1.63 16.36 -7.09
CA ARG D 102 -1.51 14.91 -6.92
C ARG D 102 -2.53 14.26 -5.96
N GLY D 103 -3.54 15.04 -5.54
CA GLY D 103 -4.69 14.51 -4.80
C GLY D 103 -4.44 14.14 -3.35
N ASP D 104 -5.37 13.40 -2.77
CA ASP D 104 -5.29 13.08 -1.35
C ASP D 104 -4.24 12.00 -1.10
N LEU D 105 -3.66 12.05 0.09
CA LEU D 105 -2.61 11.11 0.45
C LEU D 105 -3.06 9.64 0.47
N LYS D 106 -4.29 9.37 0.87
CA LYS D 106 -4.76 7.98 0.84
C LYS D 106 -4.66 7.38 -0.57
N SER D 107 -5.24 8.08 -1.55
CA SER D 107 -5.18 7.69 -2.97
C SER D 107 -3.75 7.58 -3.45
N TYR D 108 -2.94 8.57 -3.13
CA TYR D 108 -1.53 8.54 -3.48
C TYR D 108 -0.81 7.29 -2.94
N LEU D 109 -1.04 6.97 -1.67
CA LEU D 109 -0.50 5.76 -1.03
C LEU D 109 -0.99 4.48 -1.70
N ARG D 110 -2.29 4.41 -2.02
CA ARG D 110 -2.80 3.25 -2.76
C ARG D 110 -2.17 3.06 -4.15
N SER D 111 -1.84 4.18 -4.81
CA SER D 111 -1.24 4.14 -6.14
C SER D 111 0.21 3.64 -6.11
N LEU D 112 0.82 3.59 -4.92
CA LEU D 112 2.22 3.14 -4.77
C LEU D 112 2.35 1.65 -4.54
N ARG D 113 1.22 0.97 -4.44
CA ARG D 113 1.23 -0.47 -4.18
C ARG D 113 1.81 -1.22 -5.38
N PRO D 114 2.67 -2.21 -5.11
CA PRO D 114 3.19 -3.07 -6.17
C PRO D 114 2.02 -3.62 -6.98
N ALA D 115 2.12 -3.52 -8.30
CA ALA D 115 1.07 -4.03 -9.18
C ALA D 115 1.00 -5.54 -9.09
N MET D 116 2.15 -6.18 -8.88
CA MET D 116 2.24 -7.64 -8.75
C MET D 116 3.12 -7.98 -7.55
N ALA D 117 2.90 -9.13 -6.93
CA ALA D 117 3.72 -9.52 -5.77
C ALA D 117 4.94 -10.38 -6.10
N ASN D 118 5.73 -10.70 -5.06
CA ASN D 118 6.86 -11.63 -5.17
C ASN D 118 8.02 -11.08 -6.02
N ASN D 119 8.01 -9.76 -6.27
CA ASN D 119 9.01 -9.14 -7.14
C ASN D 119 9.52 -7.81 -6.53
N PRO D 120 10.79 -7.81 -6.09
CA PRO D 120 11.40 -6.64 -5.40
C PRO D 120 11.57 -5.40 -6.29
N VAL D 121 11.46 -5.59 -7.61
CA VAL D 121 11.46 -4.50 -8.57
C VAL D 121 10.15 -3.69 -8.42
N LEU D 122 9.09 -4.36 -8.02
CA LEU D 122 7.83 -3.71 -7.73
C LEU D 122 7.73 -3.56 -6.21
N ALA D 123 8.17 -2.40 -5.72
CA ALA D 123 8.45 -2.22 -4.29
C ALA D 123 7.68 -1.04 -3.68
N PRO D 124 7.46 -1.08 -2.36
CA PRO D 124 6.85 0.05 -1.66
C PRO D 124 7.88 1.16 -1.49
N PRO D 125 7.45 2.39 -1.17
CA PRO D 125 8.37 3.50 -0.97
C PRO D 125 9.42 3.20 0.09
N SER D 126 10.55 3.89 0.01
CA SER D 126 11.63 3.72 0.97
C SER D 126 11.25 4.33 2.31
N LEU D 127 12.01 3.96 3.34
CA LEU D 127 11.91 4.58 4.65
C LEU D 127 12.08 6.09 4.54
N SER D 128 13.09 6.51 3.80
CA SER D 128 13.40 7.91 3.59
C SER D 128 12.19 8.71 3.07
N LYS D 129 11.48 8.15 2.09
CA LYS D 129 10.26 8.76 1.53
C LYS D 129 9.12 8.83 2.57
N MET D 130 8.99 7.77 3.36
CA MET D 130 8.00 7.69 4.44
C MET D 130 8.26 8.73 5.55
N ILE D 131 9.49 8.82 6.04
CA ILE D 131 9.88 9.85 7.04
C ILE D 131 9.61 11.28 6.54
N GLN D 132 9.99 11.57 5.29
CA GLN D 132 9.73 12.88 4.70
C GLN D 132 8.22 13.26 4.75
N MET D 133 7.37 12.35 4.31
CA MET D 133 5.92 12.55 4.42
C MET D 133 5.50 12.79 5.87
N ALA D 134 6.00 11.95 6.78
CA ALA D 134 5.71 12.05 8.21
C ALA D 134 6.12 13.42 8.78
N GLY D 135 7.32 13.89 8.42
CA GLY D 135 7.80 15.18 8.95
C GLY D 135 7.03 16.40 8.43
N GLU D 136 6.58 16.28 7.18
CA GLU D 136 5.74 17.30 6.54
C GLU D 136 4.37 17.42 7.24
N ILE D 137 3.70 16.29 7.40
CA ILE D 137 2.45 16.20 8.16
C ILE D 137 2.63 16.74 9.59
N ALA D 138 3.63 16.23 10.31
CA ALA D 138 3.91 16.71 11.69
C ALA D 138 4.20 18.20 11.77
N ASP D 139 4.89 18.76 10.77
CA ASP D 139 5.19 20.20 10.73
C ASP D 139 3.95 21.07 10.56
N GLY D 140 3.09 20.68 9.62
CA GLY D 140 1.82 21.38 9.41
C GLY D 140 0.94 21.31 10.65
N MET D 141 0.98 20.16 11.33
CA MET D 141 0.19 19.97 12.56
C MET D 141 0.79 20.77 13.74
N ALA D 142 2.12 20.84 13.83
CA ALA D 142 2.76 21.61 14.88
C ALA D 142 2.39 23.10 14.71
N TYR D 143 2.38 23.56 13.47
CA TYR D 143 1.97 24.92 13.13
C TYR D 143 0.51 25.13 13.56
N LEU D 144 -0.38 24.24 13.13
CA LEU D 144 -1.81 24.35 13.50
C LEU D 144 -2.00 24.40 15.02
N ASN D 145 -1.37 23.45 15.71
CA ASN D 145 -1.51 23.35 17.14
C ASN D 145 -0.94 24.62 17.83
N ALA D 146 0.23 25.11 17.38
CA ALA D 146 0.76 26.40 17.90
C ALA D 146 -0.19 27.59 17.68
N ASN D 147 -0.99 27.52 16.62
CA ASN D 147 -2.01 28.54 16.37
C ASN D 147 -3.39 28.21 16.94
N LYS D 148 -3.40 27.36 17.97
CA LYS D 148 -4.60 26.95 18.73
C LYS D 148 -5.71 26.28 17.90
N PHE D 149 -5.30 25.55 16.86
CA PHE D 149 -6.25 24.84 16.00
C PHE D 149 -6.07 23.33 16.16
N VAL D 150 -7.16 22.68 16.55
CA VAL D 150 -7.24 21.22 16.65
C VAL D 150 -7.96 20.74 15.38
N HIS D 151 -7.34 19.85 14.63
CA HIS D 151 -7.85 19.46 13.32
C HIS D 151 -9.06 18.54 13.48
N ARG D 152 -8.95 17.54 14.37
CA ARG D 152 -10.06 16.61 14.68
C ARG D 152 -10.29 15.50 13.65
N ASP D 153 -9.82 15.68 12.42
CA ASP D 153 -10.05 14.66 11.38
C ASP D 153 -8.77 14.31 10.60
N LEU D 154 -7.66 14.19 11.32
CA LEU D 154 -6.37 13.93 10.70
C LEU D 154 -6.35 12.47 10.27
N ALA D 155 -6.07 12.25 8.98
CA ALA D 155 -6.17 10.96 8.30
C ALA D 155 -5.53 11.17 6.95
N ALA D 156 -5.12 10.08 6.29
CA ALA D 156 -4.45 10.21 5.00
C ALA D 156 -5.39 10.82 3.99
N ARG D 157 -6.66 10.42 4.02
CA ARG D 157 -7.67 11.00 3.10
C ARG D 157 -7.76 12.53 3.16
N ASN D 158 -7.28 13.11 4.25
CA ASN D 158 -7.40 14.54 4.53
C ASN D 158 -6.04 15.26 4.50
N CYS D 159 -5.02 14.53 4.11
CA CYS D 159 -3.75 15.16 3.70
C CYS D 159 -3.73 15.19 2.18
N MET D 160 -3.06 16.22 1.64
CA MET D 160 -3.00 16.45 0.18
C MET D 160 -1.56 16.41 -0.34
N VAL D 161 -1.38 15.99 -1.60
CA VAL D 161 -0.05 15.83 -2.18
C VAL D 161 0.17 16.84 -3.32
N ALA D 162 1.21 17.66 -3.19
CA ALA D 162 1.54 18.65 -4.22
C ALA D 162 2.25 18.04 -5.44
N GLU D 163 2.43 18.87 -6.47
CA GLU D 163 3.19 18.51 -7.67
C GLU D 163 4.58 17.97 -7.34
N ASP D 164 5.31 18.66 -6.45
CA ASP D 164 6.65 18.22 -6.08
C ASP D 164 6.66 17.14 -4.99
N PHE D 165 5.48 16.56 -4.73
CA PHE D 165 5.29 15.44 -3.77
C PHE D 165 5.24 15.82 -2.30
N THR D 166 5.26 17.13 -2.03
CA THR D 166 5.07 17.65 -0.68
C THR D 166 3.65 17.33 -0.16
N VAL D 167 3.60 16.85 1.08
CA VAL D 167 2.34 16.54 1.75
C VAL D 167 1.90 17.70 2.65
N LYS D 168 0.62 18.02 2.58
CA LYS D 168 0.07 19.18 3.29
C LYS D 168 -1.24 18.79 3.98
N ILE D 169 -1.56 19.47 5.08
CA ILE D 169 -2.77 19.24 5.83
C ILE D 169 -3.97 19.85 5.09
N GLY D 170 -5.02 19.04 4.92
CA GLY D 170 -6.22 19.48 4.20
C GLY D 170 -7.51 19.45 5.01
N ASP D 171 -8.57 18.99 4.35
CA ASP D 171 -9.96 19.06 4.81
C ASP D 171 -10.21 18.76 6.30
N PHE D 172 -10.67 19.77 7.04
CA PHE D 172 -11.06 19.59 8.45
C PHE D 172 -12.58 19.73 8.66
N GLY D 173 -13.32 19.85 7.56
CA GLY D 173 -14.75 20.15 7.60
C GLY D 173 -15.70 19.00 7.89
N MET D 174 -15.26 17.76 7.66
CA MET D 174 -16.14 16.57 7.75
C MET D 174 -16.87 16.35 9.08
N THR D 175 -16.25 16.70 10.20
CA THR D 175 -16.78 16.32 11.53
C THR D 175 -17.33 17.51 12.31
N ARG D 176 -17.16 18.71 11.75
CA ARG D 176 -17.60 19.93 12.41
C ARG D 176 -19.11 20.10 12.30
N ASP D 177 -19.76 20.33 13.44
CA ASP D 177 -21.21 20.50 13.46
C ASP D 177 -21.57 21.98 13.61
N ILE D 178 -22.70 22.37 13.02
CA ILE D 178 -23.10 23.78 12.99
C ILE D 178 -23.28 24.39 14.39
N TYR D 179 -23.77 23.60 15.35
CA TYR D 179 -24.18 24.15 16.63
C TYR D 179 -23.18 23.88 17.78
N GLU D 180 -22.17 23.07 17.49
CA GLU D 180 -21.36 22.38 18.50
C GLU D 180 -20.80 23.19 19.68
N THR D 181 -20.41 24.43 19.46
CA THR D 181 -19.81 25.16 20.57
C THR D 181 -20.78 25.59 21.68
N ASP D 182 -22.01 25.95 21.32
CA ASP D 182 -23.00 26.35 22.32
C ASP D 182 -24.07 25.30 22.61
N TYR D 183 -24.24 24.35 21.69
CA TYR D 183 -25.32 23.36 21.78
C TYR D 183 -24.75 21.98 21.58
N TYR D 184 -25.32 21.03 22.31
CA TYR D 184 -25.04 19.63 22.16
C TYR D 184 -26.28 18.98 21.57
N ARG D 185 -26.09 17.98 20.70
CA ARG D 185 -27.22 17.16 20.24
C ARG D 185 -27.24 15.82 20.99
N LYS D 186 -28.38 15.51 21.64
CA LYS D 186 -28.46 14.38 22.59
C LYS D 186 -28.11 13.02 21.98
N GLY D 187 -27.10 12.36 22.54
CA GLY D 187 -26.42 11.28 21.83
C GLY D 187 -25.76 11.92 20.62
N GLY D 188 -26.51 11.98 19.52
CA GLY D 188 -26.13 12.77 18.33
C GLY D 188 -25.86 11.93 17.11
N LYS D 189 -25.90 12.55 15.93
CA LYS D 189 -25.60 11.87 14.66
C LYS D 189 -24.43 12.51 13.89
N GLY D 190 -23.51 13.13 14.63
CA GLY D 190 -22.31 13.70 14.02
C GLY D 190 -21.42 12.59 13.53
N LEU D 191 -20.61 12.86 12.50
CA LEU D 191 -19.68 11.88 11.94
C LEU D 191 -18.44 11.73 12.82
N LEU D 192 -18.12 10.48 13.17
CA LEU D 192 -16.97 10.18 14.00
C LEU D 192 -16.01 9.26 13.23
N PRO D 193 -14.78 9.73 12.99
CA PRO D 193 -13.77 8.87 12.36
C PRO D 193 -13.14 7.92 13.40
N VAL D 194 -13.90 6.94 13.85
CA VAL D 194 -13.50 6.08 14.97
C VAL D 194 -12.13 5.41 14.87
N ARG D 195 -11.73 5.03 13.66
CA ARG D 195 -10.46 4.32 13.45
C ARG D 195 -9.26 5.25 13.63
N TRP D 196 -9.50 6.57 13.66
CA TRP D 196 -8.45 7.60 13.84
C TRP D 196 -8.50 8.28 15.23
N MET D 197 -9.54 7.93 16.02
CA MET D 197 -9.82 8.59 17.31
C MET D 197 -9.18 8.00 18.56
N SER D 198 -8.67 8.89 19.42
CA SER D 198 -8.02 8.53 20.65
C SER D 198 -9.08 7.96 21.61
N PRO D 199 -8.68 7.20 22.62
CA PRO D 199 -9.67 6.71 23.58
C PRO D 199 -10.52 7.83 24.23
N GLU D 200 -9.92 8.96 24.57
CA GLU D 200 -10.70 10.04 25.21
C GLU D 200 -11.69 10.71 24.24
N SER D 201 -11.36 10.73 22.95
CA SER D 201 -12.27 11.23 21.92
C SER D 201 -13.46 10.29 21.74
N LEU D 202 -13.16 8.99 21.71
CA LEU D 202 -14.19 7.97 21.63
C LEU D 202 -15.08 7.99 22.88
N LYS D 203 -14.45 8.24 24.03
CA LYS D 203 -15.15 8.18 25.31
C LYS D 203 -16.11 9.38 25.50
N ASP D 204 -15.59 10.60 25.32
CA ASP D 204 -16.29 11.80 25.78
C ASP D 204 -16.20 12.93 24.76
N GLY D 205 -15.81 12.64 23.53
CA GLY D 205 -15.74 13.69 22.51
C GLY D 205 -14.69 14.79 22.79
N VAL D 206 -13.69 14.47 23.60
CA VAL D 206 -12.53 15.31 23.86
C VAL D 206 -11.63 15.33 22.64
N PHE D 207 -11.37 16.52 22.12
CA PHE D 207 -10.41 16.74 21.03
C PHE D 207 -9.43 17.85 21.41
N THR D 208 -8.16 17.52 21.38
CA THR D 208 -7.06 18.38 21.81
C THR D 208 -5.89 18.13 20.87
N THR D 209 -4.79 18.83 21.09
CA THR D 209 -3.56 18.59 20.32
C THR D 209 -3.12 17.14 20.54
N TYR D 210 -3.30 16.66 21.77
CA TYR D 210 -2.94 15.28 22.15
C TYR D 210 -3.71 14.21 21.38
N SER D 211 -4.96 14.49 21.05
CA SER D 211 -5.74 13.52 20.25
C SER D 211 -5.42 13.62 18.74
N ASP D 212 -5.08 14.83 18.29
CA ASP D 212 -4.47 14.99 16.93
C ASP D 212 -3.19 14.15 16.75
N VAL D 213 -2.41 14.08 17.82
CA VAL D 213 -1.21 13.23 17.84
C VAL D 213 -1.53 11.73 17.76
N TRP D 214 -2.55 11.28 18.49
CA TRP D 214 -3.06 9.92 18.32
C TRP D 214 -3.36 9.66 16.85
N SER D 215 -4.21 10.50 16.25
CA SER D 215 -4.55 10.41 14.82
C SER D 215 -3.30 10.38 13.93
N PHE D 216 -2.30 11.19 14.24
CA PHE D 216 -1.04 11.15 13.50
C PHE D 216 -0.39 9.77 13.52
N GLY D 217 -0.43 9.10 14.66
CA GLY D 217 0.12 7.74 14.78
C GLY D 217 -0.59 6.86 13.78
N VAL D 218 -1.91 7.03 13.63
CA VAL D 218 -2.68 6.24 12.68
C VAL D 218 -2.31 6.53 11.22
N VAL D 219 -2.04 7.81 10.93
CA VAL D 219 -1.56 8.22 9.62
C VAL D 219 -0.21 7.55 9.24
N LEU D 220 0.74 7.53 10.18
CA LEU D 220 2.01 6.74 10.02
C LEU D 220 1.74 5.29 9.62
N TRP D 221 0.80 4.65 10.29
CA TRP D 221 0.43 3.28 10.01
C TRP D 221 -0.15 3.20 8.60
N GLU D 222 -0.97 4.18 8.23
CA GLU D 222 -1.45 4.23 6.85
C GLU D 222 -0.31 4.34 5.86
N ILE D 223 0.69 5.14 6.19
CA ILE D 223 1.86 5.32 5.34
C ILE D 223 2.59 3.97 5.23
N ALA D 224 2.87 3.36 6.38
CA ALA D 224 3.57 2.05 6.43
C ALA D 224 2.84 0.87 5.77
N THR D 225 1.51 0.92 5.68
CA THR D 225 0.74 -0.20 5.08
C THR D 225 0.25 0.12 3.65
N LEU D 226 0.61 1.32 3.16
CA LEU D 226 0.10 1.87 1.91
C LEU D 226 -1.41 1.96 1.89
N ALA D 227 -1.96 2.55 2.96
CA ALA D 227 -3.37 2.84 3.08
C ALA D 227 -4.25 1.60 3.16
N GLU D 228 -3.83 0.64 3.97
CA GLU D 228 -4.76 -0.37 4.49
C GLU D 228 -5.81 0.31 5.40
N GLN D 229 -6.99 -0.30 5.53
CA GLN D 229 -7.99 0.19 6.47
C GLN D 229 -7.56 -0.20 7.90
N PRO D 230 -7.38 0.78 8.78
CA PRO D 230 -7.06 0.46 10.20
C PRO D 230 -8.14 -0.40 10.86
N TYR D 231 -7.73 -1.38 11.66
CA TYR D 231 -8.63 -2.32 12.32
C TYR D 231 -9.56 -3.06 11.33
N GLN D 232 -9.07 -3.31 10.12
CA GLN D 232 -9.84 -4.04 9.09
C GLN D 232 -10.44 -5.30 9.71
N GLY D 233 -11.70 -5.59 9.36
CA GLY D 233 -12.35 -6.78 9.94
C GLY D 233 -13.08 -6.52 11.26
N LEU D 234 -12.82 -5.37 11.90
CA LEU D 234 -13.68 -4.92 13.00
C LEU D 234 -14.70 -3.94 12.44
N SER D 235 -15.93 -4.02 12.92
CA SER D 235 -16.92 -3.00 12.57
C SER D 235 -16.59 -1.72 13.35
N ASN D 236 -17.28 -0.64 13.02
CA ASN D 236 -17.12 0.64 13.69
C ASN D 236 -17.34 0.54 15.21
N GLU D 237 -18.39 -0.17 15.63
CA GLU D 237 -18.69 -0.35 17.04
C GLU D 237 -17.68 -1.22 17.76
N GLN D 238 -17.10 -2.21 17.06
CA GLN D 238 -16.07 -3.05 17.63
C GLN D 238 -14.77 -2.26 17.81
N VAL D 239 -14.49 -1.35 16.87
CA VAL D 239 -13.32 -0.49 16.96
C VAL D 239 -13.36 0.43 18.19
N LEU D 240 -14.49 1.11 18.37
CA LEU D 240 -14.69 1.98 19.53
C LEU D 240 -14.42 1.24 20.85
N ARG D 241 -15.04 0.08 21.05
CA ARG D 241 -14.81 -0.74 22.23
C ARG D 241 -13.35 -1.25 22.36
N PHE D 242 -12.80 -1.77 21.26
CA PHE D 242 -11.45 -2.32 21.22
C PHE D 242 -10.38 -1.31 21.67
N VAL D 243 -10.44 -0.11 21.10
CA VAL D 243 -9.53 0.99 21.44
C VAL D 243 -9.71 1.54 22.87
N MET D 244 -10.96 1.69 23.32
CA MET D 244 -11.26 2.09 24.69
C MET D 244 -10.80 1.11 25.75
N GLU D 245 -10.72 -0.15 25.37
CA GLU D 245 -10.21 -1.20 26.25
C GLU D 245 -8.69 -1.37 26.06
N GLY D 246 -8.07 -0.47 25.30
CA GLY D 246 -6.63 -0.47 25.18
C GLY D 246 -6.03 -1.20 24.00
N GLY D 247 -6.86 -1.68 23.08
CA GLY D 247 -6.39 -2.30 21.85
C GLY D 247 -5.60 -1.34 20.97
N LEU D 248 -4.64 -1.91 20.27
CA LEU D 248 -3.74 -1.17 19.40
C LEU D 248 -3.65 -1.89 18.06
N LEU D 249 -3.40 -1.13 17.00
CA LEU D 249 -3.01 -1.66 15.69
C LEU D 249 -1.66 -2.38 15.79
N ASP D 250 -1.52 -3.44 14.99
CA ASP D 250 -0.26 -4.20 14.92
C ASP D 250 0.76 -3.51 14.03
N LYS D 251 2.02 -3.73 14.37
CA LYS D 251 3.15 -3.34 13.53
C LYS D 251 2.91 -3.91 12.14
N PRO D 252 2.91 -3.05 11.12
CA PRO D 252 2.80 -3.51 9.74
C PRO D 252 3.94 -4.45 9.40
N ASP D 253 3.71 -5.34 8.44
CA ASP D 253 4.79 -6.23 7.95
C ASP D 253 5.94 -5.40 7.39
N ASN D 254 7.15 -5.76 7.79
CA ASN D 254 8.36 -5.10 7.29
C ASN D 254 8.37 -3.61 7.60
N CYS D 255 7.60 -3.22 8.62
CA CYS D 255 7.60 -1.84 9.07
C CYS D 255 8.94 -1.49 9.74
N PRO D 256 9.55 -0.38 9.34
CA PRO D 256 10.78 0.08 9.99
C PRO D 256 10.55 0.31 11.47
N ASP D 257 11.41 -0.28 12.28
CA ASP D 257 11.32 -0.17 13.73
C ASP D 257 11.03 1.25 14.22
N MET D 258 11.65 2.23 13.59
CA MET D 258 11.56 3.61 14.07
C MET D 258 10.18 4.23 13.82
N LEU D 259 9.50 3.77 12.76
CA LEU D 259 8.14 4.20 12.46
C LEU D 259 7.16 3.61 13.47
N PHE D 260 7.37 2.35 13.84
CA PHE D 260 6.52 1.72 14.83
C PHE D 260 6.72 2.32 16.22
N GLU D 261 7.97 2.64 16.55
CA GLU D 261 8.31 3.31 17.81
C GLU D 261 7.56 4.62 17.93
N LEU D 262 7.49 5.39 16.85
CA LEU D 262 6.71 6.64 16.85
C LEU D 262 5.23 6.39 17.06
N MET D 263 4.69 5.40 16.36
CA MET D 263 3.30 5.01 16.50
C MET D 263 2.93 4.73 17.96
N ARG D 264 3.77 3.95 18.64
CA ARG D 264 3.37 3.50 19.95
C ARG D 264 3.49 4.59 21.00
N MET D 265 4.36 5.57 20.74
CA MET D 265 4.39 6.81 21.51
C MET D 265 3.13 7.63 21.29
N CYS D 266 2.71 7.74 20.02
CA CYS D 266 1.52 8.48 19.67
C CYS D 266 0.29 7.83 20.28
N TRP D 267 0.34 6.53 20.48
CA TRP D 267 -0.81 5.79 20.94
C TRP D 267 -0.76 5.45 22.41
N GLN D 268 -0.06 6.26 23.20
CA GLN D 268 -0.17 6.14 24.64
C GLN D 268 -1.64 6.40 25.03
N TYR D 269 -2.20 5.55 25.88
CA TYR D 269 -3.61 5.69 26.28
C TYR D 269 -3.87 7.05 26.99
N ASN D 270 -2.98 7.41 27.91
CA ASN D 270 -3.08 8.69 28.63
C ASN D 270 -2.51 9.80 27.73
N PRO D 271 -3.36 10.76 27.36
CA PRO D 271 -2.99 11.83 26.44
C PRO D 271 -1.72 12.61 26.86
N LYS D 272 -1.49 12.71 28.15
CA LYS D 272 -0.36 13.48 28.69
C LYS D 272 0.97 12.75 28.59
N MET D 273 0.92 11.48 28.18
CA MET D 273 2.12 10.67 27.95
C MET D 273 2.53 10.65 26.48
N ARG D 274 1.72 11.27 25.61
CA ARG D 274 2.03 11.30 24.19
C ARG D 274 3.04 12.43 23.91
N PRO D 275 3.85 12.27 22.87
CA PRO D 275 4.73 13.35 22.42
C PRO D 275 3.92 14.46 21.76
N SER D 276 4.46 15.68 21.75
CA SER D 276 3.88 16.77 20.96
C SER D 276 4.40 16.64 19.52
N PHE D 277 3.78 17.35 18.60
CA PHE D 277 4.26 17.35 17.23
C PHE D 277 5.68 17.92 17.11
N LEU D 278 6.01 18.89 17.95
CA LEU D 278 7.36 19.45 17.99
C LEU D 278 8.39 18.39 18.41
N GLU D 279 8.01 17.56 19.39
CA GLU D 279 8.91 16.50 19.87
C GLU D 279 9.09 15.40 18.84
N ILE D 280 8.02 15.12 18.09
CA ILE D 280 8.07 14.18 16.98
C ILE D 280 9.03 14.69 15.91
N ILE D 281 8.95 15.97 15.59
CA ILE D 281 9.83 16.53 14.55
C ILE D 281 11.30 16.48 14.95
N SER D 282 11.62 16.89 16.20
CA SER D 282 13.00 16.77 16.71
C SER D 282 13.55 15.38 16.52
N SER D 283 12.69 14.38 16.75
CA SER D 283 13.15 12.99 16.72
C SER D 283 13.54 12.55 15.31
N ILE D 284 13.02 13.24 14.29
CA ILE D 284 13.28 12.87 12.90
C ILE D 284 13.93 13.94 12.01
N LYS D 285 14.22 15.11 12.57
CA LYS D 285 14.71 16.25 11.76
C LYS D 285 15.96 15.92 10.92
N GLU D 286 16.85 15.10 11.47
CA GLU D 286 18.11 14.71 10.79
C GLU D 286 17.87 13.79 9.59
N GLU D 287 16.67 13.20 9.53
CA GLU D 287 16.32 12.31 8.42
C GLU D 287 15.53 13.05 7.34
N MET D 288 15.31 14.35 7.55
CA MET D 288 14.55 15.16 6.62
C MET D 288 15.47 15.70 5.51
N GLU D 289 14.91 15.84 4.31
CA GLU D 289 15.58 16.47 3.19
C GLU D 289 16.04 17.89 3.56
N PRO D 290 17.24 18.29 3.09
CA PRO D 290 17.82 19.62 3.40
C PRO D 290 16.86 20.81 3.27
N GLY D 291 16.02 20.81 2.23
CA GLY D 291 15.02 21.86 2.04
C GLY D 291 14.10 22.13 3.24
N PHE D 292 13.92 21.12 4.10
CA PHE D 292 13.01 21.19 5.25
C PHE D 292 13.31 22.40 6.14
N ARG D 293 14.59 22.62 6.42
CA ARG D 293 15.03 23.75 7.24
C ARG D 293 14.60 25.12 6.70
N GLU D 294 14.33 25.21 5.40
CA GLU D 294 13.95 26.50 4.78
C GLU D 294 12.44 26.76 4.74
N VAL D 295 11.65 25.70 4.59
CA VAL D 295 10.19 25.85 4.43
C VAL D 295 9.40 25.56 5.72
N SER D 296 10.04 24.92 6.69
CA SER D 296 9.35 24.38 7.85
C SER D 296 8.96 25.40 8.90
N PHE D 297 7.81 25.20 9.54
CA PHE D 297 7.44 25.96 10.71
C PHE D 297 8.41 25.65 11.85
N TYR D 298 8.85 24.40 11.92
CA TYR D 298 9.76 23.96 12.96
C TYR D 298 11.00 24.86 13.08
N TYR D 299 11.62 25.16 11.93
CA TYR D 299 12.83 25.97 11.90
C TYR D 299 12.56 27.46 11.66
N SER D 300 11.28 27.85 11.60
CA SER D 300 10.92 29.24 11.36
C SER D 300 11.11 30.11 12.61
N GLU D 301 11.11 31.43 12.39
CA GLU D 301 11.15 32.46 13.44
C GLU D 301 9.94 32.34 14.38
N GLU D 302 8.82 31.88 13.81
CA GLU D 302 7.54 31.71 14.53
C GLU D 302 7.58 30.65 15.63
N ASN D 303 8.43 29.63 15.45
CA ASN D 303 8.52 28.56 16.44
C ASN D 303 9.28 28.98 17.70
N LYS D 304 8.55 29.51 18.67
CA LYS D 304 9.13 29.96 19.95
C LYS D 304 9.02 28.92 21.07
N ALA E 1 25.09 19.58 -22.00
CA ALA E 1 25.00 18.30 -22.77
C ALA E 1 24.87 17.11 -21.83
N ALA E 2 24.17 16.08 -22.28
CA ALA E 2 23.95 14.84 -21.53
C ALA E 2 23.80 13.64 -22.46
N ASP E 3 24.16 12.45 -21.97
CA ASP E 3 23.98 11.19 -22.74
C ASP E 3 23.08 10.18 -22.02
N VAL E 4 22.03 10.70 -21.36
CA VAL E 4 21.02 9.86 -20.73
C VAL E 4 19.86 9.63 -21.68
N TYR E 5 19.06 8.59 -21.39
CA TYR E 5 17.86 8.34 -22.15
C TYR E 5 16.96 9.58 -22.11
N VAL E 6 16.51 9.99 -23.29
CA VAL E 6 15.68 11.17 -23.42
C VAL E 6 14.26 10.72 -23.78
N PRO E 7 13.30 10.98 -22.89
CA PRO E 7 11.88 10.69 -23.16
C PRO E 7 11.40 11.33 -24.47
N ASP E 8 10.61 10.60 -25.22
CA ASP E 8 10.15 11.03 -26.55
C ASP E 8 8.69 10.62 -26.78
N GLU E 9 8.28 10.55 -28.06
CA GLU E 9 6.90 10.17 -28.41
C GLU E 9 6.51 8.75 -27.98
N TRP E 10 7.51 7.94 -27.59
CA TRP E 10 7.27 6.57 -27.13
C TRP E 10 6.88 6.50 -25.66
N GLU E 11 7.19 7.56 -24.91
CA GLU E 11 6.89 7.64 -23.48
C GLU E 11 5.40 7.51 -23.16
N VAL E 12 5.08 6.76 -22.12
CA VAL E 12 3.72 6.51 -21.74
C VAL E 12 3.58 6.86 -20.25
N ALA E 13 2.53 7.62 -19.93
CA ALA E 13 2.18 7.89 -18.53
C ALA E 13 1.92 6.59 -17.75
N ARG E 14 2.54 6.50 -16.58
CA ARG E 14 2.49 5.30 -15.74
C ARG E 14 1.05 4.84 -15.46
N GLU E 15 0.16 5.81 -15.28
CA GLU E 15 -1.24 5.56 -14.89
C GLU E 15 -2.06 4.89 -15.99
N LYS E 16 -1.53 4.90 -17.21
CA LYS E 16 -2.19 4.27 -18.34
C LYS E 16 -1.89 2.77 -18.52
N ILE E 17 -1.05 2.21 -17.66
CA ILE E 17 -0.68 0.78 -17.69
C ILE E 17 -1.07 0.04 -16.41
N THR E 18 -1.80 -1.06 -16.56
CA THR E 18 -2.03 -1.99 -15.45
C THR E 18 -1.49 -3.37 -15.84
N MET E 19 -0.98 -4.10 -14.86
CA MET E 19 -0.53 -5.49 -15.03
C MET E 19 -1.55 -6.44 -14.42
N SER E 20 -1.77 -7.58 -15.05
CA SER E 20 -2.71 -8.56 -14.51
C SER E 20 -2.10 -9.93 -14.27
N ARG E 21 -1.14 -10.36 -15.08
CA ARG E 21 -0.43 -11.60 -14.76
C ARG E 21 0.99 -11.77 -15.31
N GLU E 22 1.68 -12.74 -14.71
CA GLU E 22 3.01 -13.18 -15.13
C GLU E 22 2.92 -13.98 -16.42
N LEU E 23 3.77 -13.62 -17.37
CA LEU E 23 3.94 -14.40 -18.61
C LEU E 23 5.24 -15.20 -18.60
N GLY E 24 6.26 -14.67 -17.93
CA GLY E 24 7.51 -15.40 -17.76
C GLY E 24 8.70 -14.50 -17.94
N GLN E 25 9.89 -15.02 -17.62
CA GLN E 25 11.11 -14.25 -17.63
C GLN E 25 12.10 -14.76 -18.69
N GLY E 26 12.48 -13.86 -19.61
CA GLY E 26 13.57 -14.11 -20.55
C GLY E 26 14.75 -13.22 -20.14
N SER E 27 15.13 -12.29 -21.00
CA SER E 27 16.17 -11.33 -20.59
C SER E 27 15.57 -10.28 -19.63
N PHE E 28 16.44 -9.72 -18.78
CA PHE E 28 16.05 -8.71 -17.81
C PHE E 28 14.99 -9.31 -16.85
N GLY E 29 13.86 -8.64 -16.64
CA GLY E 29 12.95 -9.08 -15.59
C GLY E 29 11.74 -9.83 -16.10
N MET E 30 10.83 -10.12 -15.19
CA MET E 30 9.55 -10.71 -15.48
C MET E 30 8.78 -9.92 -16.54
N VAL E 31 8.18 -10.64 -17.50
CA VAL E 31 7.21 -10.09 -18.42
C VAL E 31 5.79 -10.38 -17.91
N TYR E 32 4.96 -9.33 -17.88
CA TYR E 32 3.58 -9.40 -17.41
C TYR E 32 2.63 -9.14 -18.56
N GLU E 33 1.50 -9.84 -18.56
CA GLU E 33 0.36 -9.44 -19.35
C GLU E 33 -0.40 -8.28 -18.67
N GLY E 34 -0.87 -7.33 -19.48
CA GLY E 34 -1.57 -6.18 -18.97
C GLY E 34 -2.33 -5.41 -20.04
N VAL E 35 -2.66 -4.16 -19.71
CA VAL E 35 -3.47 -3.29 -20.57
C VAL E 35 -2.82 -1.92 -20.61
N ALA E 36 -2.71 -1.36 -21.81
CA ALA E 36 -2.25 0.02 -21.98
C ALA E 36 -3.24 0.86 -22.79
N LYS E 37 -3.52 2.06 -22.28
CA LYS E 37 -4.46 3.00 -22.92
C LYS E 37 -3.68 3.98 -23.79
N GLY E 38 -4.16 4.19 -25.01
CA GLY E 38 -3.60 5.21 -25.89
C GLY E 38 -2.27 4.86 -26.54
N VAL E 39 -2.04 3.56 -26.77
CA VAL E 39 -0.78 3.11 -27.38
C VAL E 39 -0.98 2.72 -28.85
N VAL E 40 -2.19 2.32 -29.19
CA VAL E 40 -2.53 2.00 -30.57
C VAL E 40 -3.52 3.05 -31.09
N LYS E 41 -3.26 3.55 -32.30
CA LYS E 41 -4.08 4.58 -32.93
C LYS E 41 -5.53 4.11 -33.14
N ASP E 42 -6.48 4.86 -32.56
CA ASP E 42 -7.92 4.57 -32.69
C ASP E 42 -8.43 3.35 -31.90
N GLU E 43 -7.56 2.81 -31.04
CA GLU E 43 -7.95 1.88 -29.98
C GLU E 43 -7.81 2.64 -28.67
N PRO E 44 -8.89 2.74 -27.90
CA PRO E 44 -8.79 3.30 -26.54
C PRO E 44 -7.88 2.44 -25.64
N GLU E 45 -8.03 1.13 -25.72
CA GLU E 45 -7.33 0.18 -24.86
C GLU E 45 -6.68 -0.92 -25.69
N THR E 46 -5.51 -1.36 -25.25
CA THR E 46 -4.78 -2.42 -25.94
C THR E 46 -4.22 -3.43 -24.93
N ARG E 47 -4.45 -4.71 -25.18
CA ARG E 47 -3.76 -5.76 -24.43
C ARG E 47 -2.28 -5.77 -24.84
N VAL E 48 -1.41 -5.84 -23.84
CA VAL E 48 0.01 -5.65 -24.05
C VAL E 48 0.84 -6.62 -23.19
N ALA E 49 2.13 -6.76 -23.53
CA ALA E 49 3.07 -7.42 -22.66
C ALA E 49 3.92 -6.32 -22.05
N ILE E 50 4.24 -6.48 -20.76
CA ILE E 50 4.97 -5.42 -20.04
C ILE E 50 6.21 -6.02 -19.42
N LYS E 51 7.35 -5.49 -19.82
CA LYS E 51 8.65 -6.00 -19.42
C LYS E 51 9.32 -5.10 -18.38
N THR E 52 9.84 -5.71 -17.32
CA THR E 52 10.57 -5.01 -16.28
C THR E 52 12.07 -5.36 -16.29
N VAL E 53 12.85 -4.68 -15.45
CA VAL E 53 14.22 -5.12 -15.15
C VAL E 53 14.24 -6.18 -14.03
N ASN E 54 15.39 -6.83 -13.84
CA ASN E 54 15.51 -7.90 -12.85
C ASN E 54 15.98 -7.36 -11.50
N GLU E 55 16.88 -6.39 -11.54
CA GLU E 55 17.44 -5.81 -10.33
C GLU E 55 17.11 -4.32 -10.21
N ALA E 56 16.14 -4.01 -9.36
CA ALA E 56 15.64 -2.64 -9.17
C ALA E 56 16.75 -1.60 -8.94
N ALA E 57 17.73 -1.94 -8.10
CA ALA E 57 18.75 -0.99 -7.63
C ALA E 57 19.93 -0.77 -8.60
N SER E 58 19.89 -1.38 -9.79
CA SER E 58 20.99 -1.28 -10.75
C SER E 58 20.73 -0.22 -11.83
N MET E 59 21.45 0.89 -11.76
CA MET E 59 21.33 1.93 -12.77
C MET E 59 21.87 1.46 -14.12
N ARG E 60 22.93 0.65 -14.12
CA ARG E 60 23.51 0.11 -15.36
C ARG E 60 22.55 -0.82 -16.09
N GLU E 61 21.86 -1.69 -15.34
CA GLU E 61 20.84 -2.54 -15.94
C GLU E 61 19.73 -1.66 -16.52
N ARG E 62 19.39 -0.60 -15.79
CA ARG E 62 18.33 0.33 -16.22
C ARG E 62 18.65 1.00 -17.57
N ILE E 63 19.86 1.54 -17.69
CA ILE E 63 20.33 2.21 -18.90
C ILE E 63 20.41 1.21 -20.08
N GLU E 64 20.89 0.00 -19.81
CA GLU E 64 21.02 -1.03 -20.84
C GLU E 64 19.65 -1.45 -21.34
N PHE E 65 18.74 -1.72 -20.40
CA PHE E 65 17.35 -2.02 -20.65
C PHE E 65 16.74 -1.03 -21.65
N LEU E 66 16.90 0.27 -21.37
CA LEU E 66 16.32 1.32 -22.18
C LEU E 66 17.01 1.47 -23.55
N ASN E 67 18.34 1.33 -23.58
CA ASN E 67 19.07 1.31 -24.85
C ASN E 67 18.59 0.20 -25.77
N GLU E 68 18.32 -0.97 -25.19
CA GLU E 68 17.86 -2.11 -25.97
C GLU E 68 16.42 -1.93 -26.44
N ALA E 69 15.55 -1.37 -25.60
CA ALA E 69 14.21 -0.99 -26.04
C ALA E 69 14.25 0.07 -27.15
N SER E 70 15.17 1.03 -27.06
CA SER E 70 15.30 2.06 -28.10
C SER E 70 15.67 1.52 -29.49
N VAL E 71 16.43 0.42 -29.53
CA VAL E 71 16.68 -0.31 -30.77
C VAL E 71 15.36 -0.70 -31.46
N MET E 72 14.37 -1.16 -30.69
CA MET E 72 13.09 -1.63 -31.25
C MET E 72 12.22 -0.52 -31.81
N LYS E 73 12.48 0.72 -31.39
CA LYS E 73 11.73 1.88 -31.88
C LYS E 73 11.85 2.03 -33.39
N GLU E 74 12.87 1.39 -33.98
CA GLU E 74 13.17 1.54 -35.41
C GLU E 74 12.48 0.50 -36.24
N PHE E 75 11.96 -0.53 -35.58
CA PHE E 75 11.41 -1.69 -36.27
C PHE E 75 9.93 -1.59 -36.52
N ASN E 76 9.57 -1.87 -37.76
CA ASN E 76 8.18 -1.88 -38.15
C ASN E 76 8.01 -3.00 -39.16
N CYS E 77 7.76 -4.20 -38.65
CA CYS E 77 7.66 -5.36 -39.49
C CYS E 77 6.63 -6.32 -38.90
N HIS E 78 5.75 -6.81 -39.75
CA HIS E 78 4.71 -7.74 -39.32
C HIS E 78 5.28 -8.99 -38.64
N HIS E 79 6.53 -9.33 -38.98
CA HIS E 79 7.12 -10.56 -38.47
C HIS E 79 8.18 -10.33 -37.38
N VAL E 80 8.17 -9.14 -36.78
CA VAL E 80 8.94 -8.83 -35.57
C VAL E 80 8.00 -8.24 -34.52
N VAL E 81 8.06 -8.75 -33.29
CA VAL E 81 7.27 -8.21 -32.21
C VAL E 81 7.54 -6.70 -32.07
N ARG E 82 6.45 -5.93 -32.03
CA ARG E 82 6.52 -4.48 -32.03
C ARG E 82 6.65 -3.90 -30.63
N LEU E 83 7.44 -2.84 -30.52
CA LEU E 83 7.44 -2.00 -29.33
C LEU E 83 6.17 -1.14 -29.37
N LEU E 84 5.53 -0.94 -28.23
CA LEU E 84 4.38 -0.03 -28.14
C LEU E 84 4.63 1.19 -27.29
N GLY E 85 5.62 1.14 -26.41
CA GLY E 85 5.85 2.24 -25.49
C GLY E 85 6.87 1.94 -24.42
N VAL E 86 7.18 2.95 -23.63
CA VAL E 86 8.24 2.91 -22.62
C VAL E 86 7.86 3.79 -21.44
N VAL E 87 8.06 3.29 -20.22
CA VAL E 87 7.89 4.10 -19.04
C VAL E 87 9.27 4.26 -18.42
N SER E 88 9.91 5.40 -18.67
CA SER E 88 11.30 5.63 -18.27
C SER E 88 11.47 6.53 -17.05
N GLN E 89 10.44 7.31 -16.74
CA GLN E 89 10.50 8.29 -15.66
C GLN E 89 10.03 7.68 -14.34
N GLY E 90 10.91 7.66 -13.34
CA GLY E 90 10.64 6.97 -12.08
C GLY E 90 10.76 5.46 -12.23
N GLN E 91 10.44 4.76 -11.15
CA GLN E 91 10.56 3.30 -11.06
C GLN E 91 9.17 2.70 -10.84
N PRO E 92 8.88 1.52 -11.37
CA PRO E 92 9.82 0.72 -12.15
C PRO E 92 9.91 1.14 -13.62
N THR E 93 11.05 0.87 -14.23
CA THR E 93 11.26 1.07 -15.67
C THR E 93 10.46 0.01 -16.40
N LEU E 94 9.66 0.42 -17.37
CA LEU E 94 8.77 -0.50 -18.11
C LEU E 94 8.93 -0.38 -19.62
N VAL E 95 8.81 -1.52 -20.30
CA VAL E 95 8.83 -1.59 -21.76
C VAL E 95 7.54 -2.28 -22.19
N ILE E 96 6.77 -1.59 -23.02
CA ILE E 96 5.45 -2.06 -23.44
C ILE E 96 5.53 -2.59 -24.85
N MET E 97 5.05 -3.80 -25.05
CA MET E 97 5.18 -4.48 -26.33
C MET E 97 3.86 -5.10 -26.76
N GLU E 98 3.75 -5.33 -28.06
CA GLU E 98 2.74 -6.19 -28.66
C GLU E 98 2.64 -7.51 -27.87
N LEU E 99 1.42 -7.84 -27.45
CA LEU E 99 1.16 -9.10 -26.75
C LEU E 99 1.08 -10.24 -27.76
N MET E 100 1.93 -11.24 -27.55
CA MET E 100 1.95 -12.45 -28.35
C MET E 100 1.25 -13.51 -27.51
N THR E 101 -0.03 -13.76 -27.84
CA THR E 101 -0.94 -14.51 -26.93
C THR E 101 -0.69 -16.00 -26.89
N ARG E 102 0.04 -16.55 -27.85
CA ARG E 102 0.31 -17.99 -27.79
C ARG E 102 1.70 -18.34 -27.25
N GLY E 103 2.43 -17.34 -26.77
CA GLY E 103 3.68 -17.60 -26.05
C GLY E 103 4.83 -17.90 -26.99
N ASP E 104 5.84 -18.60 -26.51
CA ASP E 104 7.07 -18.74 -27.30
C ASP E 104 6.98 -19.95 -28.22
N LEU E 105 7.66 -19.88 -29.35
CA LEU E 105 7.56 -20.95 -30.31
C LEU E 105 7.97 -22.32 -29.74
N LYS E 106 9.00 -22.35 -28.89
CA LYS E 106 9.45 -23.63 -28.31
C LYS E 106 8.34 -24.28 -27.46
N SER E 107 7.71 -23.50 -26.58
CA SER E 107 6.58 -24.03 -25.79
C SER E 107 5.43 -24.45 -26.71
N TYR E 108 5.22 -23.68 -27.78
CA TYR E 108 4.17 -24.03 -28.73
C TYR E 108 4.43 -25.37 -29.41
N LEU E 109 5.65 -25.54 -29.91
CA LEU E 109 6.04 -26.80 -30.59
C LEU E 109 5.96 -27.99 -29.64
N ARG E 110 6.39 -27.81 -28.40
CA ARG E 110 6.27 -28.86 -27.39
C ARG E 110 4.79 -29.26 -27.14
N SER E 111 3.89 -28.27 -27.15
CA SER E 111 2.45 -28.54 -26.95
C SER E 111 1.83 -29.42 -28.04
N LEU E 112 2.47 -29.51 -29.20
CA LEU E 112 1.95 -30.28 -30.34
C LEU E 112 2.38 -31.76 -30.33
N ARG E 113 3.13 -32.15 -29.31
CA ARG E 113 3.50 -33.56 -29.09
C ARG E 113 2.35 -34.28 -28.38
N PRO E 114 2.10 -35.54 -28.72
CA PRO E 114 1.29 -36.41 -27.88
C PRO E 114 2.18 -37.35 -27.05
N ALA E 123 -2.54 -35.23 -35.57
CA ALA E 123 -1.38 -35.41 -36.46
C ALA E 123 -0.37 -34.26 -36.30
N PRO E 124 0.93 -34.55 -36.49
CA PRO E 124 1.97 -33.50 -36.36
C PRO E 124 1.84 -32.42 -37.45
N PRO E 125 2.43 -31.23 -37.23
CA PRO E 125 2.38 -30.14 -38.21
C PRO E 125 2.73 -30.61 -39.63
N SER E 126 1.88 -30.27 -40.60
CA SER E 126 2.14 -30.59 -42.00
C SER E 126 3.31 -29.74 -42.51
N LEU E 127 3.92 -30.19 -43.60
CA LEU E 127 5.02 -29.47 -44.23
C LEU E 127 4.64 -28.02 -44.52
N SER E 128 3.43 -27.84 -45.02
CA SER E 128 2.93 -26.52 -45.36
C SER E 128 2.96 -25.58 -44.16
N LYS E 129 2.47 -26.07 -43.01
CA LYS E 129 2.54 -25.33 -41.74
C LYS E 129 3.98 -24.99 -41.35
N MET E 130 4.87 -25.98 -41.49
CA MET E 130 6.28 -25.83 -41.19
C MET E 130 6.93 -24.76 -42.07
N ILE E 131 6.65 -24.80 -43.36
CA ILE E 131 7.17 -23.81 -44.33
C ILE E 131 6.69 -22.42 -43.99
N GLN E 132 5.41 -22.34 -43.62
CA GLN E 132 4.82 -21.08 -43.27
C GLN E 132 5.55 -20.45 -42.09
N MET E 133 5.81 -21.23 -41.04
CA MET E 133 6.60 -20.75 -39.88
C MET E 133 7.99 -20.29 -40.31
N ALA E 134 8.64 -21.10 -41.14
CA ALA E 134 9.99 -20.83 -41.61
C ALA E 134 10.07 -19.52 -42.34
N GLY E 135 9.14 -19.29 -43.26
CA GLY E 135 9.10 -18.06 -44.06
C GLY E 135 8.80 -16.81 -43.26
N GLU E 136 7.93 -16.93 -42.25
CA GLU E 136 7.65 -15.82 -41.33
C GLU E 136 8.90 -15.44 -40.53
N ILE E 137 9.60 -16.45 -39.98
CA ILE E 137 10.83 -16.24 -39.23
C ILE E 137 11.89 -15.63 -40.14
N ALA E 138 12.10 -16.24 -41.32
CA ALA E 138 13.09 -15.70 -42.26
C ALA E 138 12.75 -14.26 -42.69
N ASP E 139 11.47 -13.96 -42.88
CA ASP E 139 11.03 -12.63 -43.26
C ASP E 139 11.35 -11.60 -42.17
N GLY E 140 11.02 -11.94 -40.92
CA GLY E 140 11.44 -11.14 -39.76
C GLY E 140 12.95 -10.88 -39.72
N MET E 141 13.72 -11.92 -39.99
CA MET E 141 15.16 -11.87 -39.94
C MET E 141 15.75 -11.06 -41.09
N ALA E 142 15.18 -11.23 -42.28
CA ALA E 142 15.57 -10.43 -43.45
C ALA E 142 15.30 -8.95 -43.20
N TYR E 143 14.17 -8.64 -42.58
CA TYR E 143 13.90 -7.25 -42.23
C TYR E 143 14.98 -6.72 -41.29
N LEU E 144 15.22 -7.45 -40.19
CA LEU E 144 16.23 -7.05 -39.22
C LEU E 144 17.63 -6.92 -39.84
N ASN E 145 18.07 -7.92 -40.59
CA ASN E 145 19.37 -7.83 -41.27
C ASN E 145 19.44 -6.58 -42.20
N ALA E 146 18.38 -6.38 -43.00
CA ALA E 146 18.26 -5.18 -43.85
C ALA E 146 18.33 -3.87 -43.06
N ASN E 147 17.92 -3.92 -41.80
CA ASN E 147 18.06 -2.74 -40.94
C ASN E 147 19.30 -2.79 -40.04
N LYS E 148 20.30 -3.55 -40.47
CA LYS E 148 21.61 -3.65 -39.79
C LYS E 148 21.53 -4.19 -38.34
N PHE E 149 20.55 -5.04 -38.09
CA PHE E 149 20.43 -5.66 -36.78
C PHE E 149 20.78 -7.12 -36.91
N VAL E 150 21.69 -7.56 -36.08
CA VAL E 150 22.06 -8.98 -35.95
C VAL E 150 21.45 -9.45 -34.65
N HIS E 151 20.60 -10.48 -34.67
CA HIS E 151 19.83 -10.85 -33.49
C HIS E 151 20.74 -11.49 -32.42
N ARG E 152 21.58 -12.43 -32.87
CA ARG E 152 22.57 -13.17 -32.03
C ARG E 152 22.00 -14.28 -31.17
N ASP E 153 20.68 -14.32 -30.97
CA ASP E 153 20.12 -15.39 -30.11
C ASP E 153 18.84 -15.98 -30.74
N LEU E 154 18.86 -16.18 -32.05
CA LEU E 154 17.71 -16.76 -32.71
C LEU E 154 17.59 -18.22 -32.31
N ALA E 155 16.38 -18.59 -31.91
CA ALA E 155 16.07 -19.93 -31.37
C ALA E 155 14.55 -19.95 -31.19
N ALA E 156 13.93 -21.14 -31.16
CA ALA E 156 12.46 -21.22 -31.00
C ALA E 156 11.99 -20.51 -29.74
N ARG E 157 12.79 -20.57 -28.68
CA ARG E 157 12.43 -19.95 -27.41
C ARG E 157 12.32 -18.42 -27.53
N ASN E 158 12.95 -17.84 -28.55
CA ASN E 158 12.96 -16.39 -28.76
C ASN E 158 12.17 -15.94 -29.99
N CYS E 159 11.35 -16.84 -30.52
CA CYS E 159 10.31 -16.54 -31.51
C CYS E 159 9.00 -16.67 -30.76
N MET E 160 8.00 -15.91 -31.19
CA MET E 160 6.73 -15.85 -30.44
C MET E 160 5.59 -16.16 -31.38
N VAL E 161 4.51 -16.71 -30.82
CA VAL E 161 3.33 -17.08 -31.60
C VAL E 161 2.14 -16.17 -31.26
N ALA E 162 1.52 -15.63 -32.32
CA ALA E 162 0.32 -14.78 -32.23
C ALA E 162 -0.97 -15.59 -32.14
N GLU E 163 -2.06 -14.94 -31.70
CA GLU E 163 -3.40 -15.55 -31.65
C GLU E 163 -3.72 -16.31 -32.95
N ASP E 164 -3.38 -15.69 -34.09
CA ASP E 164 -3.64 -16.29 -35.40
C ASP E 164 -2.54 -17.25 -35.88
N PHE E 165 -1.58 -17.53 -34.99
CA PHE E 165 -0.52 -18.51 -35.24
C PHE E 165 0.70 -18.00 -36.03
N THR E 166 0.67 -16.73 -36.45
CA THR E 166 1.85 -16.04 -37.01
C THR E 166 3.03 -16.14 -36.06
N VAL E 167 4.19 -16.53 -36.57
CA VAL E 167 5.41 -16.54 -35.78
C VAL E 167 6.15 -15.22 -36.03
N LYS E 168 6.67 -14.64 -34.96
CA LYS E 168 7.38 -13.36 -35.04
C LYS E 168 8.68 -13.43 -34.22
N ILE E 169 9.68 -12.63 -34.60
CA ILE E 169 10.97 -12.60 -33.93
C ILE E 169 10.88 -11.86 -32.61
N GLY E 170 11.43 -12.46 -31.54
CA GLY E 170 11.33 -11.85 -30.21
C GLY E 170 12.65 -11.57 -29.49
N ASP E 171 12.68 -11.95 -28.21
CA ASP E 171 13.68 -11.50 -27.25
C ASP E 171 15.12 -11.65 -27.77
N PHE E 172 15.83 -10.53 -27.86
CA PHE E 172 17.23 -10.53 -28.30
C PHE E 172 18.18 -10.06 -27.18
N GLY E 173 17.67 -9.86 -25.97
CA GLY E 173 18.47 -9.34 -24.87
C GLY E 173 19.37 -10.29 -24.07
N MET E 174 19.19 -11.60 -24.23
CA MET E 174 19.88 -12.56 -23.34
C MET E 174 21.41 -12.50 -23.41
N THR E 175 21.95 -12.16 -24.57
CA THR E 175 23.38 -12.30 -24.78
C THR E 175 24.08 -10.98 -25.06
N ARG E 176 23.42 -9.86 -24.73
CA ARG E 176 24.02 -8.56 -24.90
C ARG E 176 24.57 -8.10 -23.56
N ASP E 177 25.85 -7.73 -23.56
CA ASP E 177 26.58 -7.27 -22.37
C ASP E 177 26.48 -5.75 -22.38
N ILE E 178 26.52 -5.14 -21.20
CA ILE E 178 26.33 -3.69 -21.12
C ILE E 178 27.50 -2.89 -21.75
N TYR E 179 28.71 -3.44 -21.65
CA TYR E 179 29.91 -2.71 -22.06
C TYR E 179 30.47 -3.05 -23.47
N GLU E 180 29.95 -4.12 -24.08
CA GLU E 180 30.60 -4.79 -25.24
C GLU E 180 31.24 -3.93 -26.35
N THR E 181 30.63 -2.81 -26.73
CA THR E 181 31.15 -1.97 -27.82
C THR E 181 32.42 -1.19 -27.48
N ASP E 182 32.62 -0.89 -26.20
CA ASP E 182 33.78 -0.14 -25.77
C ASP E 182 34.74 -0.97 -24.95
N TYR E 183 34.20 -1.94 -24.21
CA TYR E 183 34.98 -2.74 -23.28
C TYR E 183 34.74 -4.24 -23.47
N TYR E 184 35.79 -5.00 -23.19
CA TYR E 184 35.76 -6.44 -23.19
C TYR E 184 36.00 -6.91 -21.77
N ARG E 185 35.28 -7.93 -21.35
CA ARG E 185 35.56 -8.61 -20.09
C ARG E 185 36.49 -9.78 -20.35
N LYS E 186 37.66 -9.79 -19.71
CA LYS E 186 38.66 -10.82 -20.00
C LYS E 186 38.14 -12.22 -19.66
N GLY E 187 38.37 -13.16 -20.57
CA GLY E 187 37.80 -14.51 -20.45
C GLY E 187 36.37 -14.55 -20.94
N GLY E 188 35.44 -14.07 -20.11
CA GLY E 188 34.05 -13.88 -20.54
C GLY E 188 32.98 -14.49 -19.63
N LYS E 189 32.30 -13.64 -18.87
CA LYS E 189 31.12 -14.05 -18.11
C LYS E 189 29.85 -14.15 -18.98
N GLY E 190 30.00 -13.87 -20.28
CA GLY E 190 28.86 -13.81 -21.20
C GLY E 190 28.13 -15.13 -21.42
N LEU E 191 26.81 -15.03 -21.54
CA LEU E 191 25.96 -16.19 -21.89
C LEU E 191 26.07 -16.48 -23.38
N LEU E 192 26.34 -17.75 -23.70
CA LEU E 192 26.55 -18.22 -25.06
C LEU E 192 25.59 -19.34 -25.36
N PRO E 193 24.66 -19.12 -26.28
CA PRO E 193 23.73 -20.19 -26.69
C PRO E 193 24.40 -21.19 -27.63
N VAL E 194 25.35 -21.96 -27.12
CA VAL E 194 26.23 -22.76 -27.97
C VAL E 194 25.53 -23.71 -28.97
N ARG E 195 24.38 -24.26 -28.60
CA ARG E 195 23.68 -25.25 -29.45
C ARG E 195 23.03 -24.60 -30.70
N TRP E 196 22.91 -23.27 -30.66
CA TRP E 196 22.41 -22.47 -31.79
C TRP E 196 23.51 -21.70 -32.54
N MET E 197 24.76 -21.85 -32.11
CA MET E 197 25.89 -21.02 -32.63
C MET E 197 26.72 -21.55 -33.78
N SER E 198 27.03 -20.67 -34.74
CA SER E 198 27.90 -21.00 -35.88
C SER E 198 29.34 -21.28 -35.42
N PRO E 199 30.09 -22.05 -36.18
CA PRO E 199 31.47 -22.31 -35.80
C PRO E 199 32.27 -21.00 -35.52
N GLU E 200 32.06 -19.92 -36.28
CA GLU E 200 32.88 -18.70 -36.09
C GLU E 200 32.48 -17.90 -34.84
N SER E 201 31.21 -18.04 -34.44
CA SER E 201 30.70 -17.45 -33.22
C SER E 201 31.28 -18.21 -32.03
N LEU E 202 31.28 -19.53 -32.14
CA LEU E 202 31.90 -20.39 -31.13
C LEU E 202 33.39 -20.10 -31.02
N LYS E 203 34.05 -19.91 -32.17
CA LYS E 203 35.50 -19.65 -32.20
C LYS E 203 35.95 -18.30 -31.61
N ASP E 204 35.34 -17.22 -32.11
CA ASP E 204 35.85 -15.88 -31.90
C ASP E 204 34.79 -14.89 -31.41
N GLY E 205 33.61 -15.38 -31.09
CA GLY E 205 32.52 -14.46 -30.71
C GLY E 205 32.04 -13.53 -31.84
N VAL E 206 32.15 -13.97 -33.08
CA VAL E 206 31.73 -13.14 -34.19
C VAL E 206 30.27 -13.48 -34.50
N PHE E 207 29.46 -12.45 -34.66
CA PHE E 207 28.02 -12.56 -34.92
C PHE E 207 27.68 -11.64 -36.08
N THR E 208 27.13 -12.21 -37.14
CA THR E 208 26.80 -11.52 -38.38
C THR E 208 25.45 -12.06 -38.86
N THR E 209 24.95 -11.53 -39.97
CA THR E 209 23.74 -12.03 -40.60
C THR E 209 23.95 -13.50 -40.99
N TYR E 210 25.18 -13.86 -41.32
CA TYR E 210 25.54 -15.25 -41.64
C TYR E 210 25.40 -16.19 -40.46
N SER E 211 25.76 -15.70 -39.26
CA SER E 211 25.61 -16.57 -38.10
C SER E 211 24.14 -16.66 -37.67
N ASP E 212 23.35 -15.60 -37.92
CA ASP E 212 21.91 -15.66 -37.68
C ASP E 212 21.28 -16.74 -38.61
N VAL E 213 21.77 -16.83 -39.84
CA VAL E 213 21.31 -17.88 -40.77
C VAL E 213 21.67 -19.28 -40.22
N TRP E 214 22.86 -19.44 -39.67
CA TRP E 214 23.18 -20.70 -38.96
C TRP E 214 22.11 -21.03 -37.89
N SER E 215 21.86 -20.10 -36.96
CA SER E 215 20.81 -20.31 -35.94
C SER E 215 19.43 -20.66 -36.53
N PHE E 216 19.11 -20.00 -37.64
CA PHE E 216 17.85 -20.21 -38.34
C PHE E 216 17.73 -21.68 -38.74
N GLY E 217 18.83 -22.23 -39.28
CA GLY E 217 18.90 -23.67 -39.57
C GLY E 217 18.53 -24.54 -38.38
N VAL E 218 19.03 -24.18 -37.20
CA VAL E 218 18.75 -24.92 -35.96
C VAL E 218 17.27 -24.77 -35.56
N VAL E 219 16.68 -23.59 -35.81
CA VAL E 219 15.25 -23.36 -35.56
C VAL E 219 14.41 -24.27 -36.47
N LEU E 220 14.77 -24.36 -37.76
CA LEU E 220 14.13 -25.36 -38.63
C LEU E 220 14.18 -26.77 -38.06
N TRP E 221 15.33 -27.19 -37.53
CA TRP E 221 15.47 -28.53 -36.90
C TRP E 221 14.57 -28.66 -35.67
N GLU E 222 14.48 -27.60 -34.87
CA GLU E 222 13.54 -27.51 -33.76
C GLU E 222 12.10 -27.66 -34.24
N ILE E 223 11.73 -26.93 -35.31
CA ILE E 223 10.38 -27.09 -35.87
C ILE E 223 10.13 -28.53 -36.29
N ALA E 224 11.05 -29.12 -37.06
CA ALA E 224 10.92 -30.51 -37.54
C ALA E 224 10.95 -31.59 -36.45
N THR E 225 11.52 -31.31 -35.28
CA THR E 225 11.56 -32.29 -34.19
C THR E 225 10.55 -31.99 -33.09
N LEU E 226 9.73 -30.97 -33.31
CA LEU E 226 8.89 -30.41 -32.23
C LEU E 226 9.70 -30.04 -30.96
N ALA E 227 10.76 -29.25 -31.17
CA ALA E 227 11.61 -28.75 -30.10
C ALA E 227 12.28 -29.86 -29.28
N GLU E 228 12.90 -30.81 -29.95
CA GLU E 228 13.90 -31.63 -29.30
C GLU E 228 15.11 -30.72 -28.97
N GLN E 229 15.96 -31.18 -28.06
CA GLN E 229 17.17 -30.47 -27.68
C GLN E 229 18.23 -30.74 -28.72
N PRO E 230 18.73 -29.71 -29.41
CA PRO E 230 19.83 -29.92 -30.36
C PRO E 230 21.04 -30.55 -29.65
N TYR E 231 21.66 -31.54 -30.30
CA TYR E 231 22.86 -32.22 -29.77
C TYR E 231 22.60 -32.81 -28.38
N GLN E 232 21.38 -33.30 -28.19
CA GLN E 232 20.93 -33.97 -26.97
C GLN E 232 21.96 -35.04 -26.58
N GLY E 233 22.37 -35.04 -25.32
CA GLY E 233 23.36 -36.03 -24.90
C GLY E 233 24.81 -35.59 -25.01
N LEU E 234 25.06 -34.40 -25.58
CA LEU E 234 26.39 -33.77 -25.49
C LEU E 234 26.32 -32.65 -24.45
N SER E 235 27.34 -32.51 -23.63
CA SER E 235 27.43 -31.31 -22.78
C SER E 235 27.70 -30.08 -23.66
N ASN E 236 27.43 -28.90 -23.12
CA ASN E 236 27.82 -27.63 -23.73
C ASN E 236 29.26 -27.59 -24.28
N GLU E 237 30.22 -28.04 -23.52
CA GLU E 237 31.62 -28.05 -23.95
C GLU E 237 31.86 -29.00 -25.08
N GLN E 238 31.15 -30.13 -25.06
CA GLN E 238 31.19 -31.09 -26.16
C GLN E 238 30.55 -30.54 -27.44
N VAL E 239 29.45 -29.81 -27.33
CA VAL E 239 28.81 -29.21 -28.51
C VAL E 239 29.79 -28.21 -29.19
N LEU E 240 30.40 -27.33 -28.39
CA LEU E 240 31.32 -26.33 -28.93
C LEU E 240 32.39 -26.99 -29.79
N ARG E 241 33.05 -28.02 -29.24
CA ARG E 241 34.11 -28.74 -29.94
C ARG E 241 33.56 -29.47 -31.17
N PHE E 242 32.46 -30.23 -30.98
CA PHE E 242 31.77 -30.97 -32.05
C PHE E 242 31.49 -30.10 -33.29
N VAL E 243 30.83 -28.97 -33.12
CA VAL E 243 30.47 -28.10 -34.22
C VAL E 243 31.70 -27.42 -34.86
N MET E 244 32.63 -26.96 -34.02
CA MET E 244 33.93 -26.42 -34.50
C MET E 244 34.76 -27.46 -35.27
N GLU E 245 34.53 -28.75 -35.02
CA GLU E 245 35.19 -29.81 -35.80
C GLU E 245 34.33 -30.29 -36.99
N GLY E 246 33.27 -29.56 -37.28
CA GLY E 246 32.48 -29.85 -38.47
C GLY E 246 31.28 -30.73 -38.21
N GLY E 247 31.01 -31.05 -36.95
CA GLY E 247 29.85 -31.85 -36.59
C GLY E 247 28.55 -31.13 -36.95
N LEU E 248 27.55 -31.92 -37.35
CA LEU E 248 26.23 -31.42 -37.73
C LEU E 248 25.15 -32.22 -37.03
N LEU E 249 23.96 -31.63 -36.91
CA LEU E 249 22.78 -32.29 -36.39
C LEU E 249 22.26 -33.25 -37.46
N ASP E 250 21.75 -34.40 -37.04
CA ASP E 250 21.20 -35.41 -37.97
C ASP E 250 19.85 -34.96 -38.49
N LYS E 251 19.52 -35.40 -39.70
CA LYS E 251 18.17 -35.26 -40.26
C LYS E 251 17.15 -35.92 -39.33
N PRO E 252 16.14 -35.16 -38.91
CA PRO E 252 15.13 -35.70 -38.01
C PRO E 252 14.33 -36.78 -38.72
N ASP E 253 13.78 -37.70 -37.92
CA ASP E 253 12.84 -38.72 -38.42
C ASP E 253 11.70 -38.05 -39.16
N ASN E 254 11.41 -38.56 -40.35
CA ASN E 254 10.28 -38.11 -41.16
C ASN E 254 10.36 -36.63 -41.55
N CYS E 255 11.58 -36.08 -41.56
CA CYS E 255 11.77 -34.71 -41.98
C CYS E 255 11.63 -34.64 -43.50
N PRO E 256 10.79 -33.74 -44.00
CA PRO E 256 10.68 -33.48 -45.43
C PRO E 256 12.07 -33.16 -45.97
N ASP E 257 12.42 -33.80 -47.10
CA ASP E 257 13.73 -33.63 -47.69
C ASP E 257 14.09 -32.16 -47.91
N MET E 258 13.08 -31.36 -48.25
CA MET E 258 13.31 -29.98 -48.60
C MET E 258 13.76 -29.13 -47.40
N LEU E 259 13.23 -29.46 -46.22
CA LEU E 259 13.56 -28.76 -44.99
C LEU E 259 14.99 -29.08 -44.58
N PHE E 260 15.35 -30.35 -44.63
CA PHE E 260 16.72 -30.75 -44.28
C PHE E 260 17.73 -30.13 -45.23
N GLU E 261 17.34 -30.00 -46.50
CA GLU E 261 18.18 -29.40 -47.50
C GLU E 261 18.47 -27.93 -47.15
N LEU E 262 17.44 -27.21 -46.71
CA LEU E 262 17.61 -25.87 -46.17
C LEU E 262 18.56 -25.82 -44.96
N MET E 263 18.37 -26.75 -44.02
CA MET E 263 19.25 -26.80 -42.83
C MET E 263 20.71 -26.91 -43.24
N ARG E 264 20.96 -27.87 -44.14
CA ARG E 264 22.26 -28.14 -44.71
C ARG E 264 22.92 -26.89 -45.34
N MET E 265 22.13 -26.08 -46.03
CA MET E 265 22.62 -24.83 -46.59
C MET E 265 22.98 -23.81 -45.49
N CYS E 266 22.10 -23.67 -44.51
CA CYS E 266 22.31 -22.80 -43.34
C CYS E 266 23.53 -23.19 -42.52
N TRP E 267 23.89 -24.47 -42.57
CA TRP E 267 24.99 -25.03 -41.77
C TRP E 267 26.27 -25.24 -42.58
N GLN E 268 26.44 -24.50 -43.68
CA GLN E 268 27.77 -24.47 -44.33
C GLN E 268 28.78 -23.96 -43.29
N TYR E 269 29.92 -24.62 -43.18
CA TYR E 269 30.93 -24.21 -42.19
C TYR E 269 31.43 -22.80 -42.45
N ASN E 270 31.67 -22.48 -43.72
CA ASN E 270 32.13 -21.15 -44.14
C ASN E 270 30.93 -20.19 -44.27
N PRO E 271 30.92 -19.10 -43.51
CA PRO E 271 29.74 -18.21 -43.50
C PRO E 271 29.38 -17.63 -44.86
N LYS E 272 30.35 -17.49 -45.75
CA LYS E 272 30.07 -16.91 -47.07
C LYS E 272 29.37 -17.89 -48.02
N MET E 273 29.33 -19.16 -47.63
CA MET E 273 28.67 -20.20 -48.45
C MET E 273 27.23 -20.45 -48.05
N ARG E 274 26.75 -19.69 -47.05
CA ARG E 274 25.41 -19.83 -46.52
C ARG E 274 24.48 -18.93 -47.34
N PRO E 275 23.20 -19.32 -47.51
CA PRO E 275 22.24 -18.43 -48.17
C PRO E 275 21.97 -17.21 -47.26
N SER E 276 21.48 -16.10 -47.85
CA SER E 276 20.94 -15.00 -47.07
C SER E 276 19.51 -15.33 -46.68
N PHE E 277 18.92 -14.57 -45.75
CA PHE E 277 17.50 -14.74 -45.49
C PHE E 277 16.61 -14.44 -46.72
N LEU E 278 17.02 -13.47 -47.54
CA LEU E 278 16.27 -13.23 -48.76
C LEU E 278 16.31 -14.44 -49.70
N GLU E 279 17.46 -15.08 -49.81
CA GLU E 279 17.59 -16.27 -50.65
C GLU E 279 16.77 -17.45 -50.13
N ILE E 280 16.60 -17.52 -48.81
CA ILE E 280 15.76 -18.57 -48.23
C ILE E 280 14.28 -18.37 -48.56
N ILE E 281 13.79 -17.17 -48.33
CA ILE E 281 12.42 -16.80 -48.63
C ILE E 281 12.14 -17.04 -50.13
N SER E 282 13.06 -16.59 -50.99
CA SER E 282 12.94 -16.80 -52.42
C SER E 282 12.72 -18.28 -52.82
N SER E 283 13.43 -19.20 -52.16
CA SER E 283 13.32 -20.62 -52.47
C SER E 283 12.04 -21.24 -51.99
N ILE E 284 11.33 -20.60 -51.06
CA ILE E 284 10.11 -21.22 -50.50
C ILE E 284 8.85 -20.39 -50.72
N LYS E 285 9.00 -19.24 -51.38
CA LYS E 285 7.92 -18.27 -51.47
C LYS E 285 6.63 -18.80 -52.12
N GLU E 286 6.78 -19.76 -53.04
CA GLU E 286 5.63 -20.36 -53.72
C GLU E 286 4.80 -21.26 -52.79
N GLU E 287 5.41 -21.74 -51.71
CA GLU E 287 4.72 -22.59 -50.75
C GLU E 287 4.13 -21.84 -49.57
N MET E 288 4.30 -20.52 -49.55
CA MET E 288 3.72 -19.67 -48.50
C MET E 288 2.22 -19.42 -48.76
N GLU E 289 1.48 -19.13 -47.69
CA GLU E 289 0.07 -18.74 -47.81
C GLU E 289 -0.04 -17.43 -48.58
N PRO E 290 -1.12 -17.25 -49.36
CA PRO E 290 -1.29 -16.06 -50.21
C PRO E 290 -1.18 -14.72 -49.45
N GLY E 291 -1.67 -14.67 -48.22
CA GLY E 291 -1.57 -13.45 -47.40
C GLY E 291 -0.15 -12.98 -47.08
N PHE E 292 0.84 -13.85 -47.26
CA PHE E 292 2.25 -13.51 -47.01
C PHE E 292 2.73 -12.35 -47.89
N ARG E 293 2.35 -12.36 -49.16
CA ARG E 293 2.62 -11.27 -50.10
C ARG E 293 2.22 -9.87 -49.57
N GLU E 294 1.13 -9.80 -48.81
CA GLU E 294 0.58 -8.52 -48.35
C GLU E 294 1.19 -8.00 -47.05
N VAL E 295 1.75 -8.90 -46.24
CA VAL E 295 2.26 -8.53 -44.91
C VAL E 295 3.79 -8.57 -44.81
N SER E 296 4.41 -9.29 -45.73
CA SER E 296 5.84 -9.54 -45.62
C SER E 296 6.73 -8.33 -45.92
N PHE E 297 7.87 -8.26 -45.24
CA PHE E 297 8.95 -7.40 -45.67
C PHE E 297 9.43 -7.76 -47.09
N TYR E 298 9.53 -9.06 -47.40
CA TYR E 298 10.06 -9.53 -48.68
C TYR E 298 9.40 -8.87 -49.91
N TYR E 299 8.08 -8.78 -49.88
CA TYR E 299 7.30 -8.26 -51.01
C TYR E 299 7.03 -6.76 -50.89
N SER E 300 7.50 -6.15 -49.82
CA SER E 300 7.25 -4.74 -49.55
C SER E 300 8.20 -3.87 -50.37
N GLU E 301 7.91 -2.57 -50.41
CA GLU E 301 8.76 -1.63 -51.12
C GLU E 301 10.05 -1.34 -50.38
N GLU E 302 10.09 -1.69 -49.10
CA GLU E 302 11.31 -1.58 -48.31
C GLU E 302 12.37 -2.57 -48.81
N ASN E 303 11.95 -3.72 -49.32
CA ASN E 303 12.89 -4.71 -49.84
C ASN E 303 13.52 -4.29 -51.19
N LYS E 304 14.60 -3.52 -51.08
CA LYS E 304 15.39 -3.04 -52.23
C LYS E 304 16.89 -3.26 -52.00
N ALA F 1 46.56 4.93 15.21
CA ALA F 1 46.88 5.07 13.76
C ALA F 1 45.79 4.43 12.90
N ALA F 2 45.48 5.09 11.78
CA ALA F 2 44.48 4.61 10.82
C ALA F 2 44.97 4.73 9.37
N ASP F 3 44.16 4.26 8.41
CA ASP F 3 44.49 4.36 6.99
C ASP F 3 43.28 4.66 6.08
N VAL F 4 42.17 5.11 6.68
CA VAL F 4 40.93 5.36 5.95
C VAL F 4 40.92 6.74 5.26
N TYR F 5 39.87 7.04 4.49
CA TYR F 5 39.72 8.40 3.96
C TYR F 5 39.51 9.38 5.11
N VAL F 6 40.43 10.32 5.23
CA VAL F 6 40.33 11.36 6.24
C VAL F 6 39.97 12.66 5.52
N PRO F 7 38.81 13.25 5.84
CA PRO F 7 38.40 14.53 5.27
C PRO F 7 39.47 15.60 5.40
N ASP F 8 39.55 16.47 4.41
CA ASP F 8 40.57 17.51 4.35
C ASP F 8 40.00 18.86 3.89
N GLU F 9 40.89 19.79 3.50
CA GLU F 9 40.47 21.12 3.05
C GLU F 9 39.66 21.09 1.75
N TRP F 10 39.56 19.90 1.15
CA TRP F 10 38.71 19.67 -0.02
C TRP F 10 37.28 19.37 0.37
N GLU F 11 37.08 18.94 1.62
CA GLU F 11 35.75 18.63 2.14
C GLU F 11 34.75 19.79 1.96
N VAL F 12 33.51 19.42 1.63
CA VAL F 12 32.45 20.39 1.43
C VAL F 12 31.20 19.92 2.19
N ALA F 13 30.51 20.88 2.81
CA ALA F 13 29.25 20.60 3.48
C ALA F 13 28.17 20.29 2.45
N ARG F 14 27.50 19.17 2.65
CA ARG F 14 26.47 18.66 1.73
C ARG F 14 25.43 19.71 1.31
N GLU F 15 25.04 20.57 2.27
CA GLU F 15 23.96 21.54 2.04
C GLU F 15 24.29 22.63 1.01
N LYS F 16 25.58 22.86 0.78
CA LYS F 16 26.02 23.88 -0.18
C LYS F 16 25.93 23.44 -1.65
N ILE F 17 25.50 22.20 -1.88
CA ILE F 17 25.38 21.65 -3.24
C ILE F 17 23.95 21.22 -3.54
N THR F 18 23.54 21.45 -4.80
CA THR F 18 22.22 21.02 -5.30
C THR F 18 22.34 20.42 -6.70
N MET F 19 21.67 19.29 -6.89
CA MET F 19 21.77 18.55 -8.14
C MET F 19 20.58 18.84 -9.05
N SER F 20 20.88 19.23 -10.28
CA SER F 20 19.84 19.45 -11.28
C SER F 20 19.59 18.14 -12.02
N ARG F 21 20.03 18.09 -13.27
CA ARG F 21 19.65 17.01 -14.17
C ARG F 21 20.75 15.98 -14.38
N GLU F 22 20.33 14.82 -14.87
CA GLU F 22 21.21 13.70 -15.18
C GLU F 22 22.07 14.03 -16.40
N LEU F 23 23.39 13.89 -16.26
CA LEU F 23 24.32 14.08 -17.39
C LEU F 23 24.86 12.77 -18.01
N GLY F 24 24.90 11.71 -17.22
CA GLY F 24 25.33 10.41 -17.71
C GLY F 24 26.15 9.63 -16.70
N GLN F 25 26.37 8.35 -17.00
CA GLN F 25 27.09 7.47 -16.11
C GLN F 25 28.32 6.91 -16.83
N GLY F 26 29.48 7.16 -16.24
CA GLY F 26 30.72 6.53 -16.66
C GLY F 26 31.12 5.55 -15.58
N SER F 27 32.31 5.72 -15.02
CA SER F 27 32.70 4.93 -13.88
C SER F 27 31.80 5.32 -12.72
N PHE F 28 31.51 4.34 -11.88
CA PHE F 28 30.68 4.52 -10.67
C PHE F 28 29.26 5.02 -11.01
N GLY F 29 28.79 6.03 -10.30
CA GLY F 29 27.40 6.44 -10.38
C GLY F 29 27.13 7.56 -11.36
N MET F 30 25.89 8.04 -11.31
CA MET F 30 25.41 9.12 -12.14
C MET F 30 26.16 10.43 -11.88
N VAL F 31 26.48 11.12 -12.97
CA VAL F 31 27.01 12.47 -12.91
C VAL F 31 25.82 13.40 -13.15
N TYR F 32 25.69 14.43 -12.31
CA TYR F 32 24.60 15.41 -12.40
C TYR F 32 25.10 16.83 -12.62
N GLU F 33 24.39 17.60 -13.43
CA GLU F 33 24.59 19.05 -13.51
C GLU F 33 24.14 19.63 -12.19
N GLY F 34 24.88 20.64 -11.70
CA GLY F 34 24.56 21.19 -10.39
C GLY F 34 25.07 22.58 -10.10
N VAL F 35 24.98 22.95 -8.83
CA VAL F 35 25.46 24.22 -8.30
C VAL F 35 26.09 23.98 -6.93
N ALA F 36 27.32 24.45 -6.75
CA ALA F 36 27.98 24.40 -5.44
C ALA F 36 28.33 25.80 -4.93
N LYS F 37 28.24 25.98 -3.61
CA LYS F 37 28.57 27.25 -2.98
C LYS F 37 29.92 27.16 -2.24
N GLY F 38 30.69 28.24 -2.32
CA GLY F 38 31.99 28.35 -1.65
C GLY F 38 33.02 27.32 -2.07
N VAL F 39 33.23 27.20 -3.38
CA VAL F 39 34.21 26.23 -3.91
C VAL F 39 35.19 26.86 -4.91
N VAL F 40 34.87 28.07 -5.36
CA VAL F 40 35.76 28.87 -6.21
C VAL F 40 35.99 30.23 -5.51
N LYS F 41 37.25 30.65 -5.44
CA LYS F 41 37.60 31.88 -4.73
C LYS F 41 37.00 33.12 -5.41
N ASP F 42 36.51 34.05 -4.60
CA ASP F 42 35.85 35.30 -5.06
C ASP F 42 34.62 35.07 -5.95
N GLU F 43 33.97 33.92 -5.74
CA GLU F 43 32.76 33.56 -6.48
C GLU F 43 31.79 32.82 -5.55
N PRO F 44 30.55 33.30 -5.46
CA PRO F 44 29.57 32.73 -4.54
C PRO F 44 28.99 31.40 -5.02
N GLU F 45 28.33 31.41 -6.17
CA GLU F 45 27.81 30.20 -6.84
C GLU F 45 28.72 29.75 -7.97
N THR F 46 28.78 28.44 -8.18
CA THR F 46 29.50 27.89 -9.33
C THR F 46 28.74 26.70 -9.92
N ARG F 47 28.58 26.71 -11.24
CA ARG F 47 28.04 25.57 -11.98
C ARG F 47 29.01 24.39 -11.92
N VAL F 48 28.51 23.24 -11.49
CA VAL F 48 29.37 22.06 -11.31
C VAL F 48 28.78 20.79 -11.93
N ALA F 49 29.64 19.79 -12.10
CA ALA F 49 29.21 18.41 -12.27
C ALA F 49 29.34 17.72 -10.92
N ILE F 50 28.37 16.89 -10.58
CA ILE F 50 28.39 16.13 -9.33
C ILE F 50 28.31 14.64 -9.62
N LYS F 51 29.42 13.93 -9.37
CA LYS F 51 29.53 12.51 -9.61
C LYS F 51 29.27 11.71 -8.33
N THR F 52 28.39 10.72 -8.43
CA THR F 52 28.02 9.87 -7.30
C THR F 52 28.58 8.45 -7.42
N VAL F 53 28.47 7.70 -6.33
CA VAL F 53 28.44 6.24 -6.36
C VAL F 53 26.99 5.83 -6.13
N ASN F 54 26.65 4.57 -6.43
CA ASN F 54 25.32 4.04 -6.08
C ASN F 54 25.15 3.99 -4.58
N GLU F 55 23.94 4.33 -4.11
CA GLU F 55 23.57 4.27 -2.69
C GLU F 55 23.94 2.92 -2.07
N ALA F 56 23.50 1.84 -2.73
CA ALA F 56 23.71 0.49 -2.24
C ALA F 56 25.13 0.00 -2.49
N ALA F 57 26.00 0.90 -2.96
CA ALA F 57 27.39 0.56 -3.25
C ALA F 57 28.09 0.04 -2.01
N SER F 58 29.00 -0.89 -2.25
CA SER F 58 29.87 -1.44 -1.23
C SER F 58 30.67 -0.35 -0.51
N MET F 59 30.87 -0.55 0.78
CA MET F 59 31.79 0.26 1.56
C MET F 59 33.18 0.29 0.90
N ARG F 60 33.58 -0.83 0.30
CA ARG F 60 34.84 -0.94 -0.43
C ARG F 60 34.86 -0.13 -1.73
N GLU F 61 33.71 -0.06 -2.41
CA GLU F 61 33.55 0.77 -3.60
C GLU F 61 33.56 2.24 -3.21
N ARG F 62 32.87 2.55 -2.11
CA ARG F 62 32.80 3.90 -1.55
C ARG F 62 34.21 4.44 -1.27
N ILE F 63 35.02 3.64 -0.59
CA ILE F 63 36.43 3.95 -0.33
C ILE F 63 37.25 4.12 -1.62
N GLU F 64 37.14 3.15 -2.55
CA GLU F 64 37.84 3.23 -3.83
C GLU F 64 37.48 4.50 -4.59
N PHE F 65 36.18 4.83 -4.58
CA PHE F 65 35.64 6.03 -5.22
C PHE F 65 36.35 7.28 -4.71
N LEU F 66 36.51 7.37 -3.39
CA LEU F 66 37.20 8.49 -2.75
C LEU F 66 38.71 8.51 -3.02
N ASN F 67 39.33 7.32 -3.04
CA ASN F 67 40.75 7.19 -3.33
C ASN F 67 41.10 7.62 -4.75
N GLU F 68 40.17 7.38 -5.68
CA GLU F 68 40.32 7.77 -7.07
C GLU F 68 40.06 9.26 -7.28
N ALA F 69 39.07 9.80 -6.57
CA ALA F 69 38.86 11.26 -6.50
C ALA F 69 40.13 11.97 -6.02
N SER F 70 40.62 11.57 -4.85
CA SER F 70 41.81 12.16 -4.21
C SER F 70 43.02 12.36 -5.14
N VAL F 71 43.15 11.49 -6.13
CA VAL F 71 44.21 11.59 -7.13
C VAL F 71 44.15 12.96 -7.82
N MET F 72 42.95 13.40 -8.17
CA MET F 72 42.76 14.69 -8.87
C MET F 72 43.09 15.92 -8.02
N LYS F 73 43.30 15.71 -6.72
CA LYS F 73 43.65 16.80 -5.80
C LYS F 73 44.97 17.44 -6.20
N GLU F 74 45.87 16.63 -6.76
CA GLU F 74 47.21 17.08 -7.14
C GLU F 74 47.23 17.70 -8.53
N PHE F 75 46.12 17.62 -9.24
CA PHE F 75 46.09 18.05 -10.63
C PHE F 75 45.65 19.51 -10.80
N ASN F 76 46.55 20.29 -11.38
CA ASN F 76 46.28 21.68 -11.72
C ASN F 76 46.74 21.97 -13.17
N CYS F 77 45.85 21.68 -14.12
CA CYS F 77 46.18 21.81 -15.54
C CYS F 77 44.95 22.19 -16.34
N HIS F 78 45.14 23.16 -17.24
CA HIS F 78 44.06 23.64 -18.10
C HIS F 78 43.40 22.51 -18.92
N HIS F 79 44.16 21.46 -19.21
CA HIS F 79 43.69 20.41 -20.13
C HIS F 79 43.37 19.07 -19.46
N VAL F 80 43.14 19.13 -18.15
CA VAL F 80 42.62 18.03 -17.37
C VAL F 80 41.46 18.61 -16.55
N VAL F 81 40.31 17.94 -16.57
CA VAL F 81 39.13 18.40 -15.84
C VAL F 81 39.44 18.51 -14.35
N ARG F 82 39.09 19.66 -13.75
CA ARG F 82 39.45 19.92 -12.35
C ARG F 82 38.48 19.35 -11.31
N LEU F 83 39.05 18.81 -10.24
CA LEU F 83 38.31 18.50 -9.03
C LEU F 83 38.03 19.81 -8.30
N LEU F 84 36.83 19.96 -7.75
CA LEU F 84 36.48 21.13 -6.94
C LEU F 84 36.15 20.77 -5.49
N GLY F 85 35.76 19.52 -5.22
CA GLY F 85 35.34 19.19 -3.87
C GLY F 85 34.85 17.77 -3.60
N VAL F 86 34.82 17.42 -2.31
CA VAL F 86 34.52 16.07 -1.86
C VAL F 86 33.52 16.11 -0.71
N VAL F 87 32.43 15.37 -0.86
CA VAL F 87 31.46 15.18 0.20
C VAL F 87 31.58 13.74 0.72
N SER F 88 32.50 13.56 1.68
CA SER F 88 32.85 12.25 2.21
C SER F 88 32.00 11.84 3.41
N GLN F 89 31.15 12.76 3.87
CA GLN F 89 30.34 12.56 5.08
C GLN F 89 28.89 12.30 4.71
N GLY F 90 28.35 11.18 5.17
CA GLY F 90 26.94 10.85 4.92
C GLY F 90 26.67 10.30 3.53
N GLN F 91 25.41 10.29 3.13
CA GLN F 91 24.96 9.57 1.93
C GLN F 91 24.27 10.45 0.89
N PRO F 92 24.40 10.11 -0.39
CA PRO F 92 25.51 9.30 -0.90
C PRO F 92 26.78 10.12 -1.13
N THR F 93 27.93 9.44 -1.14
CA THR F 93 29.25 10.04 -1.35
C THR F 93 29.31 10.80 -2.67
N LEU F 94 29.87 12.02 -2.65
CA LEU F 94 29.85 12.90 -3.82
C LEU F 94 31.22 13.46 -4.18
N VAL F 95 31.39 13.77 -5.46
CA VAL F 95 32.57 14.46 -5.98
C VAL F 95 32.11 15.59 -6.89
N ILE F 96 32.66 16.78 -6.66
CA ILE F 96 32.30 17.98 -7.40
C ILE F 96 33.42 18.35 -8.36
N MET F 97 33.06 18.71 -9.59
CA MET F 97 34.06 18.89 -10.64
C MET F 97 33.73 20.05 -11.56
N GLU F 98 34.77 20.57 -12.19
CA GLU F 98 34.63 21.53 -13.28
C GLU F 98 33.61 20.98 -14.26
N LEU F 99 32.47 21.65 -14.35
CA LEU F 99 31.43 21.27 -15.31
C LEU F 99 31.91 21.45 -16.75
N MET F 100 31.78 20.38 -17.54
CA MET F 100 32.11 20.41 -18.94
C MET F 100 30.81 20.42 -19.74
N THR F 101 30.45 21.59 -20.26
CA THR F 101 29.12 21.88 -20.81
C THR F 101 28.80 21.23 -22.15
N ARG F 102 29.82 20.93 -22.95
CA ARG F 102 29.58 20.33 -24.26
C ARG F 102 29.69 18.78 -24.31
N GLY F 103 29.79 18.14 -23.15
CA GLY F 103 29.77 16.66 -23.08
C GLY F 103 31.05 15.96 -23.50
N ASP F 104 30.99 14.64 -23.70
CA ASP F 104 32.16 13.85 -24.07
C ASP F 104 32.53 14.07 -25.54
N LEU F 105 33.82 13.96 -25.83
CA LEU F 105 34.33 14.21 -27.17
C LEU F 105 33.73 13.30 -28.24
N LYS F 106 33.52 12.02 -27.92
CA LYS F 106 32.92 11.09 -28.89
C LYS F 106 31.54 11.56 -29.34
N SER F 107 30.69 11.90 -28.37
CA SER F 107 29.37 12.46 -28.63
C SER F 107 29.46 13.73 -29.46
N TYR F 108 30.38 14.62 -29.09
CA TYR F 108 30.64 15.84 -29.86
C TYR F 108 31.01 15.53 -31.31
N LEU F 109 31.98 14.64 -31.49
CA LEU F 109 32.45 14.27 -32.83
C LEU F 109 31.30 13.68 -33.67
N ARG F 110 30.45 12.85 -33.06
CA ARG F 110 29.31 12.27 -33.76
C ARG F 110 28.32 13.33 -34.25
N SER F 111 28.06 14.34 -33.42
CA SER F 111 27.14 15.44 -33.74
C SER F 111 27.58 16.29 -34.93
N LEU F 112 28.86 16.17 -35.29
CA LEU F 112 29.43 16.89 -36.43
C LEU F 112 29.17 16.16 -37.75
N ARG F 113 28.46 15.04 -37.66
CA ARG F 113 28.15 14.22 -38.83
C ARG F 113 26.87 14.63 -39.55
N PRO F 114 26.92 14.61 -40.89
CA PRO F 114 25.71 14.47 -41.69
C PRO F 114 25.46 12.99 -41.96
N ALA F 123 30.63 21.58 -43.54
CA ALA F 123 31.97 20.99 -43.62
C ALA F 123 32.42 20.39 -42.28
N PRO F 124 33.13 19.26 -42.32
CA PRO F 124 33.74 18.68 -41.11
C PRO F 124 34.82 19.61 -40.55
N PRO F 125 35.28 19.38 -39.32
CA PRO F 125 36.38 20.16 -38.75
C PRO F 125 37.58 20.24 -39.68
N SER F 126 38.16 21.43 -39.81
CA SER F 126 39.40 21.64 -40.56
C SER F 126 40.58 20.95 -39.87
N LEU F 127 41.69 20.80 -40.59
CA LEU F 127 42.91 20.23 -40.02
C LEU F 127 43.33 21.00 -38.76
N SER F 128 43.40 22.33 -38.89
CA SER F 128 43.76 23.23 -37.79
C SER F 128 42.88 23.04 -36.55
N LYS F 129 41.60 22.73 -36.74
CA LYS F 129 40.71 22.42 -35.62
C LYS F 129 41.09 21.08 -34.98
N MET F 130 41.39 20.09 -35.82
CA MET F 130 41.74 18.75 -35.36
C MET F 130 43.07 18.76 -34.61
N ILE F 131 44.03 19.57 -35.09
CA ILE F 131 45.33 19.70 -34.45
C ILE F 131 45.19 20.36 -33.07
N GLN F 132 44.32 21.36 -32.97
CA GLN F 132 44.04 21.99 -31.69
C GLN F 132 43.59 20.97 -30.63
N MET F 133 42.54 20.21 -30.96
CA MET F 133 42.07 19.11 -30.11
C MET F 133 43.17 18.14 -29.75
N ALA F 134 43.94 17.73 -30.76
CA ALA F 134 45.06 16.83 -30.58
C ALA F 134 46.07 17.38 -29.58
N GLY F 135 46.49 18.64 -29.78
CA GLY F 135 47.42 19.33 -28.88
C GLY F 135 46.91 19.54 -27.46
N GLU F 136 45.63 19.90 -27.34
CA GLU F 136 44.94 19.98 -26.06
C GLU F 136 45.01 18.67 -25.25
N ILE F 137 44.57 17.57 -25.87
CA ILE F 137 44.60 16.22 -25.27
C ILE F 137 46.03 15.77 -24.93
N ALA F 138 46.93 15.91 -25.90
CA ALA F 138 48.33 15.57 -25.71
C ALA F 138 48.90 16.36 -24.55
N ASP F 139 48.47 17.61 -24.41
CA ASP F 139 48.95 18.49 -23.34
C ASP F 139 48.50 18.09 -21.94
N GLY F 140 47.22 17.78 -21.78
CA GLY F 140 46.72 17.21 -20.52
C GLY F 140 47.39 15.89 -20.19
N MET F 141 47.62 15.08 -21.22
CA MET F 141 48.27 13.78 -21.04
C MET F 141 49.76 13.94 -20.68
N ALA F 142 50.41 14.91 -21.29
CA ALA F 142 51.81 15.21 -20.97
C ALA F 142 51.96 15.66 -19.52
N TYR F 143 50.99 16.44 -19.03
CA TYR F 143 50.93 16.87 -17.65
C TYR F 143 50.76 15.70 -16.70
N LEU F 144 49.76 14.85 -16.99
CA LEU F 144 49.47 13.67 -16.20
C LEU F 144 50.64 12.72 -16.14
N ASN F 145 51.23 12.42 -17.29
CA ASN F 145 52.39 11.56 -17.32
C ASN F 145 53.54 12.18 -16.52
N ALA F 146 53.72 13.51 -16.62
CA ALA F 146 54.74 14.22 -15.84
C ALA F 146 54.48 14.21 -14.32
N ASN F 147 53.23 13.97 -13.93
CA ASN F 147 52.90 13.81 -12.51
C ASN F 147 52.71 12.36 -12.10
N LYS F 148 53.36 11.46 -12.85
CA LYS F 148 53.39 10.02 -12.56
C LYS F 148 52.03 9.29 -12.66
N PHE F 149 51.14 9.83 -13.50
CA PHE F 149 49.81 9.27 -13.66
C PHE F 149 49.68 8.62 -15.01
N VAL F 150 49.22 7.38 -15.00
CA VAL F 150 48.88 6.63 -16.21
C VAL F 150 47.37 6.48 -16.25
N HIS F 151 46.76 7.03 -17.28
CA HIS F 151 45.30 7.08 -17.40
C HIS F 151 44.65 5.71 -17.70
N ARG F 152 45.21 4.95 -18.65
CA ARG F 152 44.78 3.57 -18.95
C ARG F 152 43.51 3.44 -19.78
N ASP F 153 42.70 4.50 -19.82
CA ASP F 153 41.44 4.43 -20.52
C ASP F 153 41.23 5.68 -21.37
N LEU F 154 42.30 6.14 -22.03
CA LEU F 154 42.19 7.29 -22.91
C LEU F 154 41.42 6.88 -24.17
N ALA F 155 40.38 7.66 -24.48
CA ALA F 155 39.44 7.37 -25.57
C ALA F 155 38.60 8.62 -25.71
N ALA F 156 38.04 8.89 -26.89
CA ALA F 156 37.19 10.07 -27.10
C ALA F 156 36.07 10.16 -26.07
N ARG F 157 35.42 9.03 -25.79
CA ARG F 157 34.37 8.99 -24.74
C ARG F 157 34.85 9.46 -23.34
N ASN F 158 36.15 9.41 -23.07
CA ASN F 158 36.69 9.86 -21.78
C ASN F 158 37.41 11.20 -21.87
N CYS F 159 37.28 11.84 -23.02
CA CYS F 159 37.71 13.23 -23.20
C CYS F 159 36.46 14.10 -23.09
N MET F 160 36.62 15.30 -22.50
CA MET F 160 35.49 16.23 -22.28
C MET F 160 35.67 17.54 -23.03
N VAL F 161 34.55 18.13 -23.47
CA VAL F 161 34.58 19.40 -24.22
C VAL F 161 33.94 20.56 -23.44
N ALA F 162 34.69 21.66 -23.30
CA ALA F 162 34.26 22.84 -22.54
C ALA F 162 33.29 23.70 -23.34
N GLU F 163 32.72 24.70 -22.66
CA GLU F 163 31.88 25.72 -23.32
C GLU F 163 32.56 26.34 -24.55
N ASP F 164 33.80 26.78 -24.38
CA ASP F 164 34.58 27.38 -25.47
C ASP F 164 35.18 26.39 -26.48
N PHE F 165 34.87 25.10 -26.32
CA PHE F 165 35.33 23.98 -27.19
C PHE F 165 36.72 23.40 -26.85
N THR F 166 37.28 23.82 -25.73
CA THR F 166 38.53 23.24 -25.23
C THR F 166 38.32 21.78 -24.83
N VAL F 167 39.27 20.91 -25.24
CA VAL F 167 39.24 19.48 -24.90
C VAL F 167 40.08 19.21 -23.65
N LYS F 168 39.57 18.32 -22.79
CA LYS F 168 40.21 18.01 -21.51
C LYS F 168 40.06 16.54 -21.16
N ILE F 169 41.07 16.01 -20.48
CA ILE F 169 41.09 14.61 -20.11
C ILE F 169 40.08 14.37 -18.99
N GLY F 170 39.28 13.32 -19.15
CA GLY F 170 38.25 12.98 -18.17
C GLY F 170 38.37 11.61 -17.53
N ASP F 171 37.22 11.00 -17.28
CA ASP F 171 37.07 9.75 -16.55
C ASP F 171 38.19 8.72 -16.79
N PHE F 172 38.90 8.42 -15.70
CA PHE F 172 39.92 7.36 -15.64
C PHE F 172 39.51 6.15 -14.75
N GLY F 173 38.26 6.11 -14.27
CA GLY F 173 37.82 5.06 -13.36
C GLY F 173 37.29 3.74 -13.94
N MET F 174 36.88 3.72 -15.21
CA MET F 174 36.18 2.53 -15.74
C MET F 174 36.94 1.21 -15.53
N THR F 175 38.26 1.26 -15.67
CA THR F 175 39.06 0.04 -15.71
C THR F 175 39.91 -0.22 -14.46
N ARG F 176 39.78 0.61 -13.43
CA ARG F 176 40.53 0.40 -12.19
C ARG F 176 39.78 -0.62 -11.36
N ASP F 177 40.48 -1.67 -10.94
CA ASP F 177 39.94 -2.68 -10.04
C ASP F 177 40.36 -2.31 -8.62
N ILE F 178 39.45 -2.52 -7.67
CA ILE F 178 39.67 -2.11 -6.29
C ILE F 178 40.88 -2.78 -5.64
N TYR F 179 41.12 -4.04 -6.00
CA TYR F 179 42.16 -4.83 -5.36
C TYR F 179 43.51 -4.83 -6.11
N GLU F 180 43.51 -4.30 -7.34
CA GLU F 180 44.61 -4.50 -8.31
C GLU F 180 46.05 -4.29 -7.81
N THR F 181 46.24 -3.43 -6.81
CA THR F 181 47.58 -3.11 -6.31
C THR F 181 48.31 -4.27 -5.62
N ASP F 182 47.61 -4.95 -4.72
CA ASP F 182 48.19 -6.05 -3.95
C ASP F 182 47.60 -7.41 -4.32
N TYR F 183 46.52 -7.39 -5.10
CA TYR F 183 45.80 -8.62 -5.41
C TYR F 183 45.53 -8.78 -6.90
N TYR F 184 45.76 -9.99 -7.39
CA TYR F 184 45.40 -10.35 -8.74
C TYR F 184 44.13 -11.20 -8.73
N ARG F 185 43.21 -10.90 -9.64
CA ARG F 185 42.05 -11.76 -9.89
C ARG F 185 42.38 -12.72 -11.04
N LYS F 186 42.48 -14.03 -10.73
CA LYS F 186 42.92 -14.99 -11.74
C LYS F 186 42.00 -14.94 -12.97
N GLY F 187 42.61 -15.06 -14.15
CA GLY F 187 41.88 -14.79 -15.41
C GLY F 187 41.50 -13.33 -15.41
N GLY F 188 40.31 -13.03 -14.89
CA GLY F 188 39.88 -11.63 -14.65
C GLY F 188 38.42 -11.31 -14.89
N LYS F 189 37.86 -10.44 -14.04
CA LYS F 189 36.55 -9.83 -14.28
C LYS F 189 36.73 -8.38 -14.80
N GLY F 190 37.97 -8.03 -15.14
CA GLY F 190 38.31 -6.66 -15.52
C GLY F 190 37.77 -6.20 -16.85
N LEU F 191 37.21 -4.99 -16.87
CA LEU F 191 36.89 -4.29 -18.13
C LEU F 191 38.15 -3.85 -18.86
N LEU F 192 38.26 -4.25 -20.12
CA LEU F 192 39.41 -3.94 -20.94
C LEU F 192 38.92 -3.23 -22.19
N PRO F 193 39.38 -2.00 -22.42
CA PRO F 193 39.07 -1.29 -23.66
C PRO F 193 40.00 -1.74 -24.81
N VAL F 194 39.79 -2.97 -25.29
CA VAL F 194 40.72 -3.61 -26.23
C VAL F 194 41.01 -2.83 -27.51
N ARG F 195 40.02 -2.10 -28.03
CA ARG F 195 40.16 -1.31 -29.27
C ARG F 195 41.07 -0.07 -29.08
N TRP F 196 41.35 0.28 -27.82
CA TRP F 196 42.27 1.36 -27.51
C TRP F 196 43.62 0.89 -26.94
N MET F 197 43.77 -0.43 -26.80
CA MET F 197 44.90 -1.00 -26.09
C MET F 197 46.09 -1.40 -26.96
N SER F 198 47.27 -1.03 -26.47
CA SER F 198 48.54 -1.39 -27.06
C SER F 198 48.77 -2.90 -26.96
N PRO F 199 49.61 -3.43 -27.85
CA PRO F 199 49.96 -4.86 -27.82
C PRO F 199 50.41 -5.38 -26.43
N GLU F 200 51.22 -4.59 -25.72
CA GLU F 200 51.73 -4.99 -24.40
C GLU F 200 50.64 -4.95 -23.32
N SER F 201 49.70 -4.01 -23.43
CA SER F 201 48.50 -4.00 -22.58
C SER F 201 47.60 -5.21 -22.83
N LEU F 202 47.36 -5.51 -24.10
CA LEU F 202 46.59 -6.72 -24.45
C LEU F 202 47.29 -8.00 -23.94
N LYS F 203 48.61 -8.05 -24.05
CA LYS F 203 49.38 -9.26 -23.77
C LYS F 203 49.44 -9.58 -22.27
N ASP F 204 49.85 -8.59 -21.49
CA ASP F 204 50.29 -8.82 -20.10
C ASP F 204 49.71 -7.81 -19.13
N GLY F 205 48.78 -6.97 -19.60
CA GLY F 205 48.14 -5.99 -18.76
C GLY F 205 49.11 -4.91 -18.32
N VAL F 206 50.11 -4.64 -19.17
CA VAL F 206 51.08 -3.55 -18.94
C VAL F 206 50.48 -2.22 -19.37
N PHE F 207 50.41 -1.28 -18.44
CA PHE F 207 49.96 0.06 -18.73
C PHE F 207 51.02 1.07 -18.28
N THR F 208 51.45 1.90 -19.23
CA THR F 208 52.49 2.89 -18.98
C THR F 208 52.14 4.14 -19.75
N THR F 209 53.00 5.14 -19.60
CA THR F 209 52.89 6.35 -20.39
C THR F 209 52.91 6.05 -21.89
N TYR F 210 53.67 5.01 -22.28
CA TYR F 210 53.82 4.62 -23.69
C TYR F 210 52.56 3.99 -24.26
N SER F 211 51.81 3.28 -23.40
CA SER F 211 50.53 2.72 -23.83
C SER F 211 49.42 3.78 -23.92
N ASP F 212 49.45 4.79 -23.04
CA ASP F 212 48.62 5.98 -23.20
C ASP F 212 48.82 6.63 -24.58
N VAL F 213 50.05 6.70 -25.04
CA VAL F 213 50.37 7.27 -26.35
C VAL F 213 49.77 6.42 -27.46
N TRP F 214 49.84 5.11 -27.31
CA TRP F 214 49.10 4.22 -28.20
C TRP F 214 47.62 4.64 -28.27
N SER F 215 46.95 4.68 -27.11
CA SER F 215 45.53 5.10 -27.05
C SER F 215 45.25 6.47 -27.65
N PHE F 216 46.19 7.40 -27.46
CA PHE F 216 46.12 8.73 -28.08
C PHE F 216 46.03 8.64 -29.61
N GLY F 217 46.85 7.79 -30.19
CA GLY F 217 46.80 7.48 -31.61
C GLY F 217 45.40 7.08 -32.05
N VAL F 218 44.73 6.24 -31.27
CA VAL F 218 43.37 5.79 -31.60
C VAL F 218 42.37 6.96 -31.45
N VAL F 219 42.62 7.85 -30.49
CA VAL F 219 41.81 9.06 -30.35
C VAL F 219 41.95 9.98 -31.57
N LEU F 220 43.17 10.13 -32.08
CA LEU F 220 43.40 10.90 -33.31
C LEU F 220 42.59 10.32 -34.46
N TRP F 221 42.54 8.98 -34.53
CA TRP F 221 41.78 8.28 -35.54
C TRP F 221 40.29 8.52 -35.33
N GLU F 222 39.84 8.52 -34.08
CA GLU F 222 38.44 8.84 -33.78
C GLU F 222 38.10 10.26 -34.26
N ILE F 223 38.97 11.21 -33.97
CA ILE F 223 38.79 12.59 -34.43
C ILE F 223 38.65 12.65 -35.95
N ALA F 224 39.54 11.95 -36.66
CA ALA F 224 39.61 11.99 -38.11
C ALA F 224 38.45 11.28 -38.80
N THR F 225 37.76 10.39 -38.09
CA THR F 225 36.62 9.64 -38.65
C THR F 225 35.29 10.15 -38.10
N LEU F 226 35.36 11.19 -37.28
CA LEU F 226 34.22 11.66 -36.47
C LEU F 226 33.62 10.50 -35.68
N ALA F 227 34.52 9.74 -35.03
CA ALA F 227 34.19 8.63 -34.13
C ALA F 227 33.50 7.44 -34.80
N GLU F 228 34.08 6.93 -35.88
CA GLU F 228 33.75 5.55 -36.26
C GLU F 228 34.25 4.61 -35.13
N GLN F 229 33.74 3.39 -35.10
CA GLN F 229 34.19 2.39 -34.15
C GLN F 229 35.52 1.83 -34.66
N PRO F 230 36.59 1.95 -33.88
CA PRO F 230 37.88 1.34 -34.28
C PRO F 230 37.71 -0.17 -34.53
N TYR F 231 38.35 -0.69 -35.57
CA TYR F 231 38.29 -2.13 -35.91
C TYR F 231 36.87 -2.61 -36.04
N GLN F 232 36.00 -1.75 -36.56
CA GLN F 232 34.59 -2.09 -36.78
C GLN F 232 34.47 -3.42 -37.54
N GLY F 233 33.59 -4.31 -37.12
CA GLY F 233 33.45 -5.58 -37.86
C GLY F 233 34.39 -6.68 -37.40
N LEU F 234 35.35 -6.36 -36.54
CA LEU F 234 36.06 -7.37 -35.74
C LEU F 234 35.44 -7.44 -34.36
N SER F 235 35.15 -8.65 -33.89
CA SER F 235 34.75 -8.86 -32.50
C SER F 235 35.89 -8.54 -31.55
N ASN F 236 35.57 -8.45 -30.26
CA ASN F 236 36.58 -8.10 -29.27
C ASN F 236 37.76 -9.10 -29.26
N GLU F 237 37.46 -10.40 -29.29
CA GLU F 237 38.51 -11.42 -29.34
C GLU F 237 39.38 -11.29 -30.59
N GLN F 238 38.76 -10.95 -31.72
CA GLN F 238 39.46 -10.78 -32.97
C GLN F 238 40.35 -9.55 -32.95
N VAL F 239 39.88 -8.49 -32.30
CA VAL F 239 40.68 -7.27 -32.10
C VAL F 239 41.97 -7.58 -31.34
N LEU F 240 41.84 -8.33 -30.25
CA LEU F 240 42.99 -8.67 -29.41
C LEU F 240 44.08 -9.41 -30.20
N ARG F 241 43.67 -10.42 -30.97
CA ARG F 241 44.61 -11.17 -31.79
C ARG F 241 45.17 -10.31 -32.94
N PHE F 242 44.29 -9.63 -33.67
CA PHE F 242 44.71 -8.71 -34.74
C PHE F 242 45.85 -7.80 -34.29
N VAL F 243 45.65 -7.09 -33.20
CA VAL F 243 46.60 -6.04 -32.79
C VAL F 243 47.90 -6.64 -32.26
N MET F 244 47.79 -7.75 -31.54
CA MET F 244 48.94 -8.45 -31.04
C MET F 244 49.75 -9.10 -32.15
N GLU F 245 49.12 -9.34 -33.29
CA GLU F 245 49.81 -9.89 -34.46
C GLU F 245 50.28 -8.79 -35.42
N GLY F 246 50.19 -7.53 -35.00
CA GLY F 246 50.73 -6.42 -35.79
C GLY F 246 49.71 -5.63 -36.58
N GLY F 247 48.43 -5.99 -36.41
CA GLY F 247 47.34 -5.32 -37.10
C GLY F 247 47.25 -3.85 -36.69
N LEU F 248 46.81 -3.02 -37.64
CA LEU F 248 46.72 -1.59 -37.43
C LEU F 248 45.46 -1.06 -38.07
N LEU F 249 44.97 0.05 -37.56
CA LEU F 249 43.87 0.80 -38.17
C LEU F 249 44.31 1.46 -39.47
N ASP F 250 43.43 1.44 -40.47
CA ASP F 250 43.72 2.04 -41.77
C ASP F 250 43.61 3.56 -41.70
N LYS F 251 44.42 4.23 -42.52
CA LYS F 251 44.31 5.67 -42.74
C LYS F 251 42.89 6.02 -43.20
N PRO F 252 42.18 6.86 -42.44
CA PRO F 252 40.80 7.21 -42.79
C PRO F 252 40.66 7.87 -44.16
N ASP F 253 39.41 7.93 -44.63
CA ASP F 253 39.09 8.58 -45.89
C ASP F 253 39.32 10.08 -45.72
N ASN F 254 40.09 10.65 -46.65
CA ASN F 254 40.40 12.07 -46.66
C ASN F 254 41.24 12.54 -45.47
N CYS F 255 41.91 11.60 -44.80
CA CYS F 255 42.77 11.95 -43.68
C CYS F 255 44.02 12.69 -44.11
N PRO F 256 44.20 13.89 -43.56
CA PRO F 256 45.42 14.68 -43.75
C PRO F 256 46.70 13.91 -43.38
N ASP F 257 47.61 13.83 -44.33
CA ASP F 257 48.84 13.03 -44.25
C ASP F 257 49.59 13.10 -42.92
N MET F 258 49.57 14.29 -42.30
CA MET F 258 50.31 14.54 -41.09
C MET F 258 49.67 13.92 -39.84
N LEU F 259 48.34 13.81 -39.83
CA LEU F 259 47.62 13.18 -38.71
C LEU F 259 47.85 11.68 -38.68
N PHE F 260 47.78 11.05 -39.86
CA PHE F 260 48.05 9.63 -39.98
C PHE F 260 49.49 9.30 -39.62
N GLU F 261 50.41 10.18 -40.00
CA GLU F 261 51.83 10.03 -39.67
C GLU F 261 52.05 10.03 -38.16
N LEU F 262 51.26 10.84 -37.45
CA LEU F 262 51.27 10.87 -35.99
C LEU F 262 50.69 9.58 -35.37
N MET F 263 49.56 9.10 -35.92
CA MET F 263 48.95 7.81 -35.53
C MET F 263 49.94 6.66 -35.71
N ARG F 264 50.50 6.59 -36.92
CA ARG F 264 51.50 5.60 -37.27
C ARG F 264 52.65 5.57 -36.25
N MET F 265 53.06 6.76 -35.78
CA MET F 265 54.10 6.88 -34.74
C MET F 265 53.62 6.37 -33.39
N CYS F 266 52.40 6.75 -33.02
CA CYS F 266 51.81 6.29 -31.77
C CYS F 266 51.64 4.77 -31.71
N TRP F 267 51.48 4.13 -32.88
CA TRP F 267 51.20 2.69 -32.97
C TRP F 267 52.42 1.86 -33.32
N GLN F 268 53.61 2.33 -32.95
CA GLN F 268 54.81 1.49 -33.02
C GLN F 268 54.57 0.30 -32.08
N TYR F 269 54.79 -0.92 -32.59
CA TYR F 269 54.61 -2.14 -31.78
C TYR F 269 55.39 -2.09 -30.48
N ASN F 270 56.67 -1.72 -30.58
CA ASN F 270 57.58 -1.60 -29.44
C ASN F 270 57.35 -0.24 -28.74
N PRO F 271 56.94 -0.29 -27.46
CA PRO F 271 56.63 0.93 -26.71
C PRO F 271 57.76 1.94 -26.67
N LYS F 272 59.01 1.48 -26.66
CA LYS F 272 60.18 2.36 -26.59
C LYS F 272 60.41 3.13 -27.88
N MET F 273 59.65 2.79 -28.91
CA MET F 273 59.78 3.44 -30.22
C MET F 273 58.67 4.45 -30.50
N ARG F 274 57.76 4.62 -29.55
CA ARG F 274 56.70 5.62 -29.65
C ARG F 274 57.20 6.97 -29.12
N PRO F 275 56.68 8.07 -29.66
CA PRO F 275 56.96 9.40 -29.12
C PRO F 275 56.32 9.60 -27.75
N SER F 276 56.93 10.43 -26.92
CA SER F 276 56.32 10.86 -25.67
C SER F 276 55.28 11.90 -26.02
N PHE F 277 54.44 12.24 -25.05
CA PHE F 277 53.42 13.25 -25.30
C PHE F 277 54.04 14.64 -25.56
N LEU F 278 55.20 14.92 -24.96
CA LEU F 278 55.96 16.18 -25.18
C LEU F 278 56.54 16.28 -26.59
N GLU F 279 57.04 15.16 -27.10
CA GLU F 279 57.55 15.07 -28.46
C GLU F 279 56.43 15.26 -29.49
N ILE F 280 55.23 14.80 -29.15
CA ILE F 280 54.07 14.99 -30.01
C ILE F 280 53.71 16.46 -30.11
N ILE F 281 53.68 17.15 -28.97
CA ILE F 281 53.33 18.58 -28.95
C ILE F 281 54.39 19.44 -29.67
N SER F 282 55.67 19.12 -29.45
CA SER F 282 56.78 19.78 -30.16
C SER F 282 56.60 19.75 -31.69
N SER F 283 56.01 18.68 -32.20
CA SER F 283 55.87 18.50 -33.65
C SER F 283 54.68 19.26 -34.23
N ILE F 284 53.78 19.73 -33.37
CA ILE F 284 52.56 20.41 -33.82
C ILE F 284 52.35 21.80 -33.20
N LYS F 285 53.31 22.24 -32.39
CA LYS F 285 53.17 23.47 -31.61
C LYS F 285 52.99 24.75 -32.46
N GLU F 286 53.53 24.75 -33.68
CA GLU F 286 53.39 25.90 -34.58
C GLU F 286 52.02 25.94 -35.29
N GLU F 287 51.23 24.89 -35.09
CA GLU F 287 49.89 24.76 -35.69
C GLU F 287 48.79 25.03 -34.66
N MET F 288 49.20 25.14 -33.40
CA MET F 288 48.30 25.43 -32.29
C MET F 288 47.92 26.91 -32.27
N GLU F 289 46.70 27.20 -31.83
CA GLU F 289 46.24 28.56 -31.58
C GLU F 289 47.20 29.25 -30.60
N PRO F 290 47.51 30.53 -30.82
CA PRO F 290 48.49 31.24 -29.97
C PRO F 290 48.08 31.37 -28.48
N GLY F 291 46.82 31.05 -28.16
CA GLY F 291 46.36 30.98 -26.77
C GLY F 291 46.95 29.80 -26.01
N PHE F 292 47.38 28.79 -26.78
CA PHE F 292 47.98 27.56 -26.23
C PHE F 292 49.25 27.86 -25.43
N ARG F 293 50.03 28.85 -25.86
CA ARG F 293 51.21 29.31 -25.12
C ARG F 293 50.91 29.55 -23.64
N GLU F 294 49.87 30.35 -23.38
CA GLU F 294 49.57 30.85 -22.04
C GLU F 294 48.86 29.87 -21.09
N VAL F 295 48.07 28.96 -21.65
CA VAL F 295 47.25 28.04 -20.82
C VAL F 295 47.82 26.64 -20.63
N SER F 296 48.80 26.26 -21.46
CA SER F 296 49.27 24.87 -21.55
C SER F 296 50.35 24.50 -20.55
N PHE F 297 50.37 23.22 -20.15
CA PHE F 297 51.47 22.65 -19.36
C PHE F 297 52.79 22.70 -20.13
N TYR F 298 52.70 22.54 -21.44
CA TYR F 298 53.89 22.46 -22.29
C TYR F 298 54.78 23.71 -22.21
N TYR F 299 54.18 24.89 -22.27
CA TYR F 299 54.94 26.14 -22.17
C TYR F 299 55.12 26.65 -20.74
N SER F 300 54.56 25.92 -19.77
CA SER F 300 54.56 26.34 -18.37
C SER F 300 55.96 26.27 -17.73
N GLU F 301 56.06 26.75 -16.49
CA GLU F 301 57.29 26.64 -15.71
C GLU F 301 57.45 25.23 -15.18
N GLU F 302 56.32 24.60 -14.87
CA GLU F 302 56.28 23.20 -14.37
C GLU F 302 57.02 22.26 -15.32
N ASN F 303 56.94 22.57 -16.61
CA ASN F 303 57.59 21.74 -17.62
C ASN F 303 59.11 21.93 -17.65
N LYS F 304 59.80 21.02 -16.96
CA LYS F 304 61.26 20.94 -16.95
C LYS F 304 61.70 19.49 -17.12
N ALA G 1 20.01 -31.98 15.50
CA ALA G 1 21.38 -31.79 14.94
C ALA G 1 21.42 -30.68 13.90
N ALA G 2 22.35 -29.74 14.09
CA ALA G 2 22.53 -28.57 13.22
C ALA G 2 24.02 -28.32 13.02
N ASP G 3 24.40 -27.71 11.90
CA ASP G 3 25.81 -27.46 11.57
C ASP G 3 26.28 -26.01 11.76
N VAL G 4 25.39 -25.15 12.26
CA VAL G 4 25.62 -23.69 12.29
C VAL G 4 26.51 -23.17 13.44
N TYR G 5 26.80 -21.87 13.42
CA TYR G 5 27.47 -21.20 14.54
C TYR G 5 26.62 -21.28 15.81
N VAL G 6 27.17 -21.94 16.83
CA VAL G 6 26.56 -21.99 18.16
C VAL G 6 27.29 -20.99 19.07
N PRO G 7 26.57 -19.95 19.52
CA PRO G 7 27.11 -18.99 20.49
C PRO G 7 27.73 -19.69 21.70
N ASP G 8 28.88 -19.19 22.15
CA ASP G 8 29.61 -19.85 23.22
C ASP G 8 30.19 -18.86 24.21
N GLU G 9 31.10 -19.34 25.05
CA GLU G 9 31.76 -18.51 26.06
C GLU G 9 32.41 -17.23 25.49
N TRP G 10 32.66 -17.23 24.18
CA TRP G 10 33.26 -16.08 23.50
C TRP G 10 32.25 -14.98 23.23
N GLU G 11 30.96 -15.31 23.38
CA GLU G 11 29.88 -14.37 23.07
C GLU G 11 29.91 -13.16 24.00
N VAL G 12 29.63 -12.00 23.42
CA VAL G 12 29.57 -10.74 24.16
C VAL G 12 28.30 -9.98 23.76
N ALA G 13 27.58 -9.44 24.74
CA ALA G 13 26.43 -8.59 24.44
C ALA G 13 26.89 -7.30 23.78
N ARG G 14 26.16 -6.90 22.74
CA ARG G 14 26.44 -5.70 21.94
C ARG G 14 26.58 -4.42 22.78
N GLU G 15 25.80 -4.33 23.86
CA GLU G 15 25.78 -3.14 24.72
C GLU G 15 27.06 -2.95 25.54
N LYS G 16 27.86 -4.00 25.65
CA LYS G 16 29.14 -3.94 26.35
C LYS G 16 30.25 -3.29 25.50
N ILE G 17 29.87 -2.85 24.31
CA ILE G 17 30.81 -2.47 23.26
C ILE G 17 30.38 -1.16 22.59
N THR G 18 31.31 -0.22 22.49
CA THR G 18 31.08 1.01 21.72
C THR G 18 32.23 1.19 20.72
N MET G 19 31.91 1.75 19.55
CA MET G 19 32.89 1.94 18.48
C MET G 19 33.21 3.42 18.31
N SER G 20 34.49 3.76 18.42
CA SER G 20 34.91 5.16 18.54
C SER G 20 35.23 5.87 17.22
N ARG G 21 35.74 5.11 16.23
CA ARG G 21 36.23 5.65 14.95
C ARG G 21 36.82 4.55 14.04
N GLU G 22 36.99 4.89 12.75
CA GLU G 22 37.46 3.96 11.71
C GLU G 22 38.98 3.77 11.69
N LEU G 23 39.41 2.50 11.70
CA LEU G 23 40.84 2.15 11.62
C LEU G 23 41.29 1.68 10.23
N GLY G 24 40.32 1.24 9.42
CA GLY G 24 40.61 0.75 8.08
C GLY G 24 39.84 -0.49 7.68
N GLN G 25 39.85 -0.81 6.38
CA GLN G 25 39.15 -2.00 5.89
C GLN G 25 40.10 -3.00 5.23
N GLY G 26 40.21 -4.20 5.81
CA GLY G 26 40.91 -5.32 5.20
C GLY G 26 39.89 -6.28 4.62
N SER G 27 39.94 -7.54 5.03
CA SER G 27 38.92 -8.52 4.61
C SER G 27 37.59 -8.16 5.28
N PHE G 28 36.48 -8.52 4.64
CA PHE G 28 35.15 -8.22 5.18
C PHE G 28 34.95 -6.70 5.38
N GLY G 29 34.39 -6.29 6.52
CA GLY G 29 33.96 -4.90 6.71
C GLY G 29 34.97 -4.04 7.47
N MET G 30 34.54 -2.82 7.78
CA MET G 30 35.35 -1.81 8.46
C MET G 30 35.78 -2.26 9.85
N VAL G 31 37.04 -1.95 10.19
CA VAL G 31 37.57 -2.17 11.52
C VAL G 31 37.54 -0.85 12.33
N TYR G 32 36.91 -0.91 13.49
CA TYR G 32 36.73 0.28 14.33
C TYR G 32 37.52 0.19 15.62
N GLU G 33 38.09 1.31 16.03
CA GLU G 33 38.61 1.48 17.39
C GLU G 33 37.42 1.52 18.33
N GLY G 34 37.52 0.87 19.49
CA GLY G 34 36.40 0.90 20.44
C GLY G 34 36.74 0.61 21.89
N VAL G 35 35.70 0.32 22.67
CA VAL G 35 35.84 -0.07 24.07
C VAL G 35 34.94 -1.27 24.36
N ALA G 36 35.50 -2.30 24.98
CA ALA G 36 34.73 -3.46 25.41
C ALA G 36 34.80 -3.68 26.93
N LYS G 37 33.64 -3.96 27.52
CA LYS G 37 33.53 -4.20 28.96
C LYS G 37 33.49 -5.69 29.28
N GLY G 38 34.24 -6.08 30.32
CA GLY G 38 34.24 -7.45 30.84
C GLY G 38 34.83 -8.51 29.92
N VAL G 39 35.82 -8.12 29.13
CA VAL G 39 36.44 -9.07 28.19
C VAL G 39 37.90 -9.41 28.52
N VAL G 40 38.35 -8.96 29.69
CA VAL G 40 39.65 -9.35 30.22
C VAL G 40 39.51 -9.59 31.73
N LYS G 41 40.12 -10.68 32.19
CA LYS G 41 40.16 -11.03 33.61
C LYS G 41 40.92 -9.95 34.39
N ASP G 42 40.34 -9.52 35.51
CA ASP G 42 40.89 -8.45 36.38
C ASP G 42 40.86 -7.06 35.70
N GLU G 43 40.10 -6.94 34.62
CA GLU G 43 40.03 -5.70 33.85
C GLU G 43 38.59 -5.32 33.53
N PRO G 44 38.18 -4.11 33.92
CA PRO G 44 36.79 -3.68 33.74
C PRO G 44 36.46 -3.32 32.29
N GLU G 45 37.20 -2.37 31.71
CA GLU G 45 37.01 -2.03 30.30
C GLU G 45 38.33 -2.03 29.54
N THR G 46 38.27 -2.45 28.27
CA THR G 46 39.46 -2.64 27.45
C THR G 46 39.34 -1.92 26.10
N ARG G 47 40.44 -1.28 25.69
CA ARG G 47 40.53 -0.70 24.35
C ARG G 47 40.66 -1.82 23.32
N VAL G 48 39.71 -1.87 22.39
CA VAL G 48 39.60 -2.99 21.46
C VAL G 48 39.50 -2.55 20.00
N ALA G 49 39.89 -3.44 19.09
CA ALA G 49 39.54 -3.29 17.68
C ALA G 49 38.24 -4.04 17.42
N ILE G 50 37.35 -3.43 16.65
CA ILE G 50 36.08 -4.08 16.33
C ILE G 50 35.96 -4.26 14.84
N LYS G 51 35.95 -5.52 14.41
CA LYS G 51 35.81 -5.83 13.00
C LYS G 51 34.37 -6.18 12.68
N THR G 52 33.85 -5.55 11.64
CA THR G 52 32.52 -5.84 11.14
C THR G 52 32.56 -6.66 9.86
N VAL G 53 31.40 -7.21 9.49
CA VAL G 53 31.14 -7.68 8.13
C VAL G 53 30.28 -6.60 7.47
N ASN G 54 30.36 -6.43 6.14
CA ASN G 54 29.57 -5.39 5.44
C ASN G 54 28.08 -5.48 5.78
N GLU G 55 27.34 -4.39 5.64
CA GLU G 55 25.91 -4.38 6.02
C GLU G 55 25.03 -5.18 5.07
N ALA G 56 25.17 -4.94 3.78
CA ALA G 56 24.38 -5.67 2.78
C ALA G 56 24.92 -7.10 2.63
N ALA G 57 25.19 -7.74 3.76
CA ALA G 57 25.88 -9.03 3.77
C ALA G 57 24.93 -10.20 3.70
N SER G 58 25.17 -11.10 2.75
CA SER G 58 24.44 -12.35 2.68
C SER G 58 24.66 -13.20 3.95
N MET G 59 23.72 -14.09 4.20
CA MET G 59 23.86 -15.11 5.23
C MET G 59 25.21 -15.84 5.05
N ARG G 60 25.51 -16.20 3.81
CA ARG G 60 26.70 -16.98 3.49
C ARG G 60 27.99 -16.28 3.89
N GLU G 61 28.08 -14.98 3.60
CA GLU G 61 29.22 -14.15 3.99
C GLU G 61 29.31 -14.01 5.52
N ARG G 62 28.16 -13.99 6.19
CA ARG G 62 28.10 -13.91 7.65
C ARG G 62 28.58 -15.16 8.34
N ILE G 63 28.12 -16.32 7.87
CA ILE G 63 28.56 -17.61 8.35
C ILE G 63 30.07 -17.82 8.13
N GLU G 64 30.59 -17.33 7.00
CA GLU G 64 32.02 -17.44 6.68
C GLU G 64 32.86 -16.57 7.61
N PHE G 65 32.38 -15.33 7.83
CA PHE G 65 33.00 -14.38 8.75
C PHE G 65 33.19 -15.00 10.13
N LEU G 66 32.11 -15.56 10.67
CA LEU G 66 32.10 -16.22 11.97
C LEU G 66 32.99 -17.47 12.01
N ASN G 67 33.04 -18.20 10.90
CA ASN G 67 33.90 -19.38 10.82
C ASN G 67 35.37 -19.01 10.88
N GLU G 68 35.72 -17.91 10.23
CA GLU G 68 37.12 -17.47 10.22
C GLU G 68 37.51 -16.91 11.58
N ALA G 69 36.59 -16.17 12.20
CA ALA G 69 36.72 -15.77 13.59
C ALA G 69 36.97 -16.96 14.52
N SER G 70 36.16 -18.01 14.37
CA SER G 70 36.25 -19.21 15.23
C SER G 70 37.61 -19.88 15.19
N VAL G 71 38.30 -19.75 14.06
CA VAL G 71 39.70 -20.19 13.91
C VAL G 71 40.59 -19.48 14.94
N MET G 72 40.40 -18.17 15.11
CA MET G 72 41.20 -17.36 16.04
C MET G 72 41.05 -17.76 17.50
N LYS G 73 39.86 -18.22 17.87
CA LYS G 73 39.59 -18.72 19.23
C LYS G 73 40.72 -19.59 19.78
N GLU G 74 41.29 -20.43 18.93
CA GLU G 74 42.31 -21.39 19.34
C GLU G 74 43.71 -20.78 19.50
N PHE G 75 43.91 -19.57 18.99
CA PHE G 75 45.24 -18.93 18.97
C PHE G 75 45.56 -18.21 20.28
N ASN G 76 46.67 -18.59 20.91
CA ASN G 76 47.18 -17.91 22.11
C ASN G 76 48.69 -17.73 22.00
N CYS G 77 49.09 -16.61 21.40
CA CYS G 77 50.48 -16.38 21.10
C CYS G 77 50.73 -14.88 21.12
N HIS G 78 51.83 -14.48 21.76
CA HIS G 78 52.20 -13.07 21.90
C HIS G 78 52.38 -12.40 20.55
N HIS G 79 52.79 -13.19 19.56
CA HIS G 79 53.10 -12.67 18.23
C HIS G 79 51.97 -12.88 17.19
N VAL G 80 50.79 -13.25 17.69
CA VAL G 80 49.57 -13.33 16.88
C VAL G 80 48.46 -12.50 17.55
N VAL G 81 47.88 -11.57 16.79
CA VAL G 81 46.78 -10.74 17.28
C VAL G 81 45.70 -11.64 17.85
N ARG G 82 45.30 -11.33 19.09
CA ARG G 82 44.40 -12.17 19.84
C ARG G 82 42.93 -11.82 19.57
N LEU G 83 42.08 -12.85 19.50
CA LEU G 83 40.64 -12.64 19.50
C LEU G 83 40.24 -12.38 20.94
N LEU G 84 39.25 -11.53 21.16
CA LEU G 84 38.80 -11.21 22.53
C LEU G 84 37.33 -11.57 22.77
N GLY G 85 36.52 -11.50 21.71
CA GLY G 85 35.09 -11.77 21.82
C GLY G 85 34.36 -11.75 20.49
N VAL G 86 33.17 -12.33 20.50
CA VAL G 86 32.32 -12.41 19.33
C VAL G 86 30.92 -11.90 19.68
N VAL G 87 30.38 -11.06 18.82
CA VAL G 87 28.96 -10.66 18.89
C VAL G 87 28.25 -11.28 17.69
N SER G 88 27.66 -12.44 17.89
CA SER G 88 27.07 -13.22 16.81
C SER G 88 25.55 -13.09 16.75
N GLN G 89 24.99 -12.34 17.71
CA GLN G 89 23.56 -12.08 17.78
C GLN G 89 23.23 -10.69 17.25
N GLY G 90 22.29 -10.61 16.31
CA GLY G 90 21.87 -9.34 15.72
C GLY G 90 22.89 -8.77 14.73
N GLN G 91 22.59 -7.59 14.21
CA GLN G 91 23.38 -6.96 13.16
C GLN G 91 23.92 -5.63 13.68
N PRO G 92 25.11 -5.21 13.24
CA PRO G 92 25.99 -6.02 12.41
C PRO G 92 26.77 -7.05 13.23
N THR G 93 27.20 -8.13 12.57
CA THR G 93 28.05 -9.11 13.21
C THR G 93 29.42 -8.50 13.42
N LEU G 94 29.97 -8.71 14.61
CA LEU G 94 31.20 -8.07 15.07
C LEU G 94 32.17 -9.08 15.64
N VAL G 95 33.46 -8.80 15.47
CA VAL G 95 34.48 -9.51 16.20
C VAL G 95 35.35 -8.48 16.92
N ILE G 96 35.69 -8.80 18.17
CA ILE G 96 36.48 -7.92 19.02
C ILE G 96 37.88 -8.50 19.17
N MET G 97 38.89 -7.69 18.87
CA MET G 97 40.28 -8.15 18.91
C MET G 97 41.18 -7.19 19.65
N GLU G 98 42.29 -7.75 20.12
CA GLU G 98 43.43 -7.00 20.60
C GLU G 98 43.70 -5.81 19.69
N LEU G 99 43.58 -4.60 20.23
CA LEU G 99 43.81 -3.40 19.43
C LEU G 99 45.30 -3.19 19.21
N MET G 100 45.69 -3.04 17.95
CA MET G 100 47.07 -2.77 17.57
C MET G 100 47.20 -1.29 17.24
N THR G 101 47.79 -0.54 18.18
CA THR G 101 47.72 0.91 18.17
C THR G 101 48.51 1.60 17.06
N ARG G 102 49.50 0.92 16.50
CA ARG G 102 50.35 1.54 15.48
C ARG G 102 50.10 1.05 14.05
N GLY G 103 48.95 0.43 13.82
CA GLY G 103 48.53 0.03 12.47
C GLY G 103 49.27 -1.16 11.86
N ASP G 104 49.21 -1.27 10.54
CA ASP G 104 49.83 -2.41 9.85
C ASP G 104 51.28 -2.10 9.55
N LEU G 105 52.08 -3.15 9.47
CA LEU G 105 53.51 -3.02 9.28
C LEU G 105 53.86 -2.18 8.05
N LYS G 106 53.14 -2.38 6.94
CA LYS G 106 53.48 -1.66 5.72
C LYS G 106 53.35 -0.16 5.86
N SER G 107 52.26 0.28 6.50
CA SER G 107 51.99 1.70 6.73
C SER G 107 53.09 2.30 7.59
N TYR G 108 53.45 1.57 8.65
CA TYR G 108 54.56 1.92 9.51
C TYR G 108 55.87 2.07 8.73
N LEU G 109 56.17 1.12 7.85
CA LEU G 109 57.44 1.16 7.13
C LEU G 109 57.50 2.38 6.20
N ARG G 110 56.37 2.70 5.57
CA ARG G 110 56.32 3.86 4.66
C ARG G 110 56.59 5.18 5.38
N SER G 111 56.20 5.25 6.65
CA SER G 111 56.35 6.46 7.46
C SER G 111 57.81 6.76 7.85
N LEU G 112 58.68 5.75 7.77
CA LEU G 112 60.09 5.92 8.12
C LEU G 112 60.96 6.45 6.96
N ARG G 113 60.33 6.65 5.79
CA ARG G 113 61.03 7.01 4.55
C ARG G 113 61.55 8.45 4.40
N PRO G 114 60.67 9.45 4.38
CA PRO G 114 60.90 10.72 3.67
C PRO G 114 62.34 11.24 3.72
N ALA G 123 67.83 7.83 10.38
CA ALA G 123 67.98 6.69 9.48
C ALA G 123 66.80 5.71 9.57
N PRO G 124 66.67 4.80 8.60
CA PRO G 124 65.76 3.65 8.72
C PRO G 124 66.13 2.72 9.90
N PRO G 125 65.40 1.62 10.08
CA PRO G 125 65.70 0.66 11.15
C PRO G 125 67.09 0.04 11.02
N SER G 126 67.72 -0.19 12.17
CA SER G 126 69.02 -0.82 12.23
C SER G 126 68.82 -2.31 12.02
N LEU G 127 69.92 -3.01 11.73
CA LEU G 127 69.88 -4.44 11.52
C LEU G 127 69.14 -5.19 12.63
N SER G 128 69.48 -4.88 13.88
CA SER G 128 68.98 -5.65 15.01
C SER G 128 67.49 -5.40 15.26
N LYS G 129 67.01 -4.21 14.84
CA LYS G 129 65.58 -3.91 14.86
C LYS G 129 64.85 -4.66 13.74
N MET G 130 65.50 -4.82 12.59
CA MET G 130 64.91 -5.55 11.47
C MET G 130 64.82 -7.03 11.81
N ILE G 131 65.87 -7.58 12.43
CA ILE G 131 65.91 -8.96 12.92
C ILE G 131 64.84 -9.23 13.99
N GLN G 132 64.63 -8.27 14.89
CA GLN G 132 63.63 -8.43 15.93
C GLN G 132 62.21 -8.48 15.34
N MET G 133 61.95 -7.62 14.36
CA MET G 133 60.71 -7.69 13.60
C MET G 133 60.57 -9.05 12.91
N ALA G 134 61.61 -9.47 12.20
CA ALA G 134 61.69 -10.76 11.50
C ALA G 134 61.43 -11.97 12.40
N GLY G 135 62.09 -12.00 13.56
CA GLY G 135 61.89 -13.06 14.53
C GLY G 135 60.52 -13.06 15.19
N GLU G 136 59.88 -11.90 15.29
CA GLU G 136 58.55 -11.80 15.86
C GLU G 136 57.57 -12.43 14.86
N ILE G 137 57.65 -11.99 13.60
CA ILE G 137 56.80 -12.53 12.54
C ILE G 137 57.00 -14.03 12.44
N ALA G 138 58.25 -14.47 12.28
CA ALA G 138 58.62 -15.89 12.24
C ALA G 138 58.04 -16.69 13.40
N ASP G 139 58.10 -16.10 14.59
CA ASP G 139 57.54 -16.72 15.80
C ASP G 139 56.00 -16.92 15.81
N GLY G 140 55.26 -15.92 15.35
CA GLY G 140 53.82 -16.04 15.24
C GLY G 140 53.46 -17.07 14.17
N MET G 141 54.20 -17.03 13.05
CA MET G 141 54.06 -18.00 11.95
C MET G 141 54.39 -19.44 12.35
N ALA G 142 55.50 -19.62 13.08
CA ALA G 142 55.86 -20.93 13.66
C ALA G 142 54.76 -21.47 14.58
N TYR G 143 54.16 -20.58 15.37
CA TYR G 143 53.05 -20.95 16.22
C TYR G 143 51.84 -21.40 15.39
N LEU G 144 51.45 -20.58 14.42
CA LEU G 144 50.29 -20.90 13.58
C LEU G 144 50.52 -22.21 12.86
N ASN G 145 51.72 -22.36 12.27
CA ASN G 145 52.09 -23.57 11.53
C ASN G 145 52.05 -24.81 12.42
N ALA G 146 52.54 -24.68 13.66
CA ALA G 146 52.48 -25.75 14.67
C ALA G 146 51.04 -26.11 15.05
N ASN G 147 50.14 -25.15 14.88
CA ASN G 147 48.72 -25.37 15.09
C ASN G 147 47.96 -25.66 13.78
N LYS G 148 48.70 -26.16 12.79
CA LYS G 148 48.17 -26.60 11.49
C LYS G 148 47.38 -25.53 10.74
N PHE G 149 47.87 -24.31 10.82
CA PHE G 149 47.25 -23.17 10.16
C PHE G 149 48.20 -22.60 9.12
N VAL G 150 47.69 -22.40 7.91
CA VAL G 150 48.47 -21.85 6.81
C VAL G 150 47.83 -20.50 6.57
N HIS G 151 48.64 -19.46 6.66
CA HIS G 151 48.11 -18.11 6.59
C HIS G 151 47.60 -17.75 5.17
N ARG G 152 48.48 -17.92 4.17
CA ARG G 152 48.16 -17.72 2.73
C ARG G 152 48.27 -16.27 2.26
N ASP G 153 48.39 -15.33 3.20
CA ASP G 153 48.48 -13.92 2.81
C ASP G 153 49.46 -13.13 3.71
N LEU G 154 50.55 -13.78 4.12
CA LEU G 154 51.58 -13.08 4.86
C LEU G 154 52.14 -11.97 3.98
N ALA G 155 52.09 -10.75 4.51
CA ALA G 155 52.62 -9.56 3.86
C ALA G 155 52.72 -8.48 4.94
N ALA G 156 53.49 -7.43 4.69
CA ALA G 156 53.60 -6.33 5.65
C ALA G 156 52.23 -5.73 5.96
N ARG G 157 51.39 -5.61 4.94
CA ARG G 157 50.04 -5.02 5.10
C ARG G 157 49.16 -5.83 6.05
N ASN G 158 49.60 -7.05 6.36
CA ASN G 158 48.82 -7.99 7.17
C ASN G 158 49.50 -8.39 8.48
N CYS G 159 50.64 -7.77 8.78
CA CYS G 159 51.22 -7.83 10.12
C CYS G 159 50.89 -6.52 10.80
N MET G 160 50.64 -6.58 12.11
CA MET G 160 50.21 -5.41 12.89
C MET G 160 51.28 -4.97 13.89
N VAL G 161 51.32 -3.67 14.19
CA VAL G 161 52.30 -3.10 15.13
C VAL G 161 51.66 -2.66 16.46
N ALA G 162 52.19 -3.17 17.56
CA ALA G 162 51.75 -2.81 18.92
C ALA G 162 52.28 -1.46 19.37
N GLU G 163 51.66 -0.93 20.43
CA GLU G 163 52.14 0.24 21.16
C GLU G 163 53.65 0.15 21.42
N ASP G 164 54.11 -0.98 21.99
CA ASP G 164 55.54 -1.21 22.26
C ASP G 164 56.36 -1.66 21.03
N PHE G 165 55.75 -1.56 19.86
CA PHE G 165 56.37 -1.87 18.55
C PHE G 165 56.53 -3.36 18.24
N THR G 166 55.94 -4.21 19.08
CA THR G 166 55.83 -5.64 18.77
C THR G 166 55.04 -5.85 17.48
N VAL G 167 55.62 -6.60 16.57
CA VAL G 167 54.95 -6.95 15.32
C VAL G 167 54.22 -8.28 15.50
N LYS G 168 52.92 -8.28 15.18
CA LYS G 168 52.10 -9.51 15.29
C LYS G 168 51.44 -9.90 13.95
N ILE G 169 51.18 -11.18 13.75
CA ILE G 169 50.46 -11.68 12.56
C ILE G 169 48.99 -11.25 12.56
N GLY G 170 48.53 -10.60 11.47
CA GLY G 170 47.15 -10.14 11.38
C GLY G 170 46.29 -10.82 10.29
N ASP G 171 45.43 -10.00 9.71
CA ASP G 171 44.38 -10.38 8.78
C ASP G 171 44.74 -11.51 7.80
N PHE G 172 43.96 -12.59 7.85
CA PHE G 172 44.14 -13.77 6.96
C PHE G 172 42.91 -14.03 6.09
N GLY G 173 41.94 -13.13 6.16
CA GLY G 173 40.65 -13.35 5.51
C GLY G 173 40.56 -12.98 4.04
N MET G 174 41.55 -12.22 3.53
CA MET G 174 41.43 -11.63 2.19
C MET G 174 41.31 -12.62 1.03
N THR G 175 42.00 -13.75 1.12
CA THR G 175 42.06 -14.66 -0.01
C THR G 175 41.27 -15.95 0.23
N ARG G 176 40.55 -16.00 1.35
CA ARG G 176 39.72 -17.17 1.63
C ARG G 176 38.37 -17.12 0.91
N ASP G 177 38.17 -18.07 0.01
CA ASP G 177 36.96 -18.18 -0.80
C ASP G 177 35.91 -18.98 -0.03
N ILE G 178 34.65 -18.57 -0.15
CA ILE G 178 33.56 -19.19 0.60
C ILE G 178 33.45 -20.71 0.40
N TYR G 179 33.58 -21.16 -0.85
CA TYR G 179 33.33 -22.56 -1.19
C TYR G 179 34.57 -23.46 -1.31
N GLU G 180 35.76 -22.86 -1.23
CA GLU G 180 37.06 -23.49 -1.56
C GLU G 180 37.33 -24.92 -1.10
N THR G 181 36.86 -25.29 0.11
CA THR G 181 37.08 -26.62 0.68
C THR G 181 36.45 -27.77 -0.11
N ASP G 182 35.23 -27.56 -0.58
CA ASP G 182 34.46 -28.62 -1.23
C ASP G 182 34.26 -28.36 -2.70
N TYR G 183 34.44 -27.12 -3.12
CA TYR G 183 34.16 -26.72 -4.47
C TYR G 183 35.25 -25.82 -5.02
N TYR G 184 35.52 -26.04 -6.30
CA TYR G 184 36.39 -25.23 -7.08
C TYR G 184 35.51 -24.42 -8.04
N ARG G 185 35.89 -23.18 -8.28
CA ARG G 185 35.25 -22.39 -9.33
C ARG G 185 36.12 -22.48 -10.56
N LYS G 186 35.52 -22.77 -11.71
CA LYS G 186 36.33 -22.94 -12.93
C LYS G 186 37.06 -21.63 -13.27
N GLY G 187 38.36 -21.76 -13.61
CA GLY G 187 39.26 -20.60 -13.63
C GLY G 187 39.43 -20.05 -12.23
N GLY G 188 38.84 -18.89 -11.95
CA GLY G 188 38.82 -18.36 -10.58
C GLY G 188 38.74 -16.85 -10.43
N LYS G 189 37.68 -16.38 -9.77
CA LYS G 189 37.58 -14.96 -9.42
C LYS G 189 38.33 -14.61 -8.12
N GLY G 190 38.92 -15.63 -7.49
CA GLY G 190 39.65 -15.47 -6.22
C GLY G 190 40.82 -14.50 -6.28
N LEU G 191 41.09 -13.83 -5.15
CA LEU G 191 42.17 -12.87 -5.01
C LEU G 191 43.50 -13.54 -4.76
N LEU G 192 44.49 -13.17 -5.57
CA LEU G 192 45.81 -13.78 -5.48
C LEU G 192 46.89 -12.73 -5.22
N PRO G 193 47.56 -12.80 -4.06
CA PRO G 193 48.67 -11.88 -3.75
C PRO G 193 49.92 -12.35 -4.47
N VAL G 194 49.89 -12.22 -5.81
CA VAL G 194 50.91 -12.80 -6.67
C VAL G 194 52.35 -12.38 -6.34
N ARG G 195 52.55 -11.14 -5.88
CA ARG G 195 53.90 -10.64 -5.52
C ARG G 195 54.47 -11.26 -4.24
N TRP G 196 53.61 -11.87 -3.43
CA TRP G 196 54.01 -12.57 -2.23
C TRP G 196 53.95 -14.10 -2.37
N MET G 197 53.53 -14.59 -3.53
CA MET G 197 53.28 -16.04 -3.77
C MET G 197 54.46 -16.84 -4.31
N SER G 198 54.60 -18.05 -3.79
CA SER G 198 55.62 -19.00 -4.20
C SER G 198 55.30 -19.50 -5.61
N PRO G 199 56.30 -20.01 -6.31
CA PRO G 199 56.07 -20.59 -7.63
C PRO G 199 54.95 -21.64 -7.65
N GLU G 200 54.88 -22.50 -6.64
CA GLU G 200 53.88 -23.59 -6.61
C GLU G 200 52.48 -23.06 -6.32
N SER G 201 52.40 -21.94 -5.60
CA SER G 201 51.13 -21.26 -5.35
C SER G 201 50.61 -20.61 -6.62
N LEU G 202 51.53 -20.00 -7.35
CA LEU G 202 51.20 -19.38 -8.63
C LEU G 202 50.82 -20.43 -9.67
N LYS G 203 51.50 -21.58 -9.62
CA LYS G 203 51.27 -22.65 -10.56
C LYS G 203 49.93 -23.36 -10.34
N ASP G 204 49.69 -23.84 -9.12
CA ASP G 204 48.60 -24.81 -8.86
C ASP G 204 47.70 -24.44 -7.68
N GLY G 205 47.84 -23.23 -7.14
CA GLY G 205 47.11 -22.82 -5.95
C GLY G 205 47.43 -23.67 -4.71
N VAL G 206 48.63 -24.24 -4.68
CA VAL G 206 49.15 -24.93 -3.50
C VAL G 206 49.57 -23.92 -2.42
N PHE G 207 49.03 -24.09 -1.20
CA PHE G 207 49.45 -23.29 -0.06
C PHE G 207 49.80 -24.19 1.12
N THR G 208 51.02 -24.05 1.62
CA THR G 208 51.51 -24.82 2.75
C THR G 208 52.32 -23.87 3.62
N THR G 209 52.85 -24.40 4.71
CA THR G 209 53.78 -23.68 5.58
C THR G 209 55.00 -23.25 4.77
N TYR G 210 55.35 -24.04 3.76
CA TYR G 210 56.49 -23.76 2.89
C TYR G 210 56.28 -22.51 2.05
N SER G 211 55.05 -22.34 1.57
CA SER G 211 54.72 -21.15 0.80
C SER G 211 54.56 -19.93 1.71
N ASP G 212 54.13 -20.13 2.95
CA ASP G 212 54.16 -19.07 3.93
C ASP G 212 55.60 -18.57 4.16
N VAL G 213 56.55 -19.49 4.19
CA VAL G 213 57.95 -19.12 4.35
C VAL G 213 58.43 -18.30 3.16
N TRP G 214 57.94 -18.64 1.97
CA TRP G 214 58.25 -17.86 0.78
C TRP G 214 57.79 -16.40 0.95
N SER G 215 56.55 -16.23 1.43
CA SER G 215 55.94 -14.94 1.64
C SER G 215 56.68 -14.16 2.71
N PHE G 216 57.19 -14.89 3.72
CA PHE G 216 58.00 -14.31 4.81
C PHE G 216 59.24 -13.62 4.26
N GLY G 217 59.95 -14.31 3.36
CA GLY G 217 61.12 -13.74 2.70
C GLY G 217 60.80 -12.44 2.01
N VAL G 218 59.62 -12.36 1.40
CA VAL G 218 59.16 -11.12 0.75
C VAL G 218 58.91 -10.04 1.79
N VAL G 219 58.38 -10.43 2.96
CA VAL G 219 58.14 -9.46 4.03
C VAL G 219 59.45 -8.86 4.54
N LEU G 220 60.50 -9.67 4.59
CA LEU G 220 61.85 -9.19 4.95
C LEU G 220 62.35 -8.15 3.96
N TRP G 221 62.09 -8.41 2.69
CA TRP G 221 62.45 -7.53 1.61
C TRP G 221 61.68 -6.20 1.72
N GLU G 222 60.41 -6.29 2.12
CA GLU G 222 59.60 -5.10 2.35
C GLU G 222 60.17 -4.33 3.53
N ILE G 223 60.59 -5.04 4.58
CA ILE G 223 61.23 -4.39 5.73
C ILE G 223 62.52 -3.68 5.28
N ALA G 224 63.37 -4.41 4.56
CA ALA G 224 64.66 -3.89 4.10
C ALA G 224 64.57 -2.70 3.11
N THR G 225 63.43 -2.58 2.42
CA THR G 225 63.23 -1.49 1.46
C THR G 225 62.33 -0.39 1.98
N LEU G 226 61.80 -0.55 3.19
CA LEU G 226 60.75 0.32 3.73
C LEU G 226 59.50 0.26 2.84
N ALA G 227 58.98 -0.96 2.70
CA ALA G 227 57.80 -1.28 1.92
C ALA G 227 57.76 -0.63 0.54
N GLU G 228 58.81 -0.85 -0.24
CA GLU G 228 58.71 -0.68 -1.67
C GLU G 228 57.80 -1.79 -2.21
N GLN G 229 57.20 -1.57 -3.37
CA GLN G 229 56.37 -2.60 -4.04
C GLN G 229 57.26 -3.67 -4.67
N PRO G 230 57.12 -4.94 -4.27
CA PRO G 230 57.92 -6.02 -4.85
C PRO G 230 57.63 -6.14 -6.35
N TYR G 231 58.67 -6.37 -7.15
CA TYR G 231 58.59 -6.50 -8.61
C TYR G 231 57.97 -5.25 -9.23
N GLN G 232 58.27 -4.10 -8.62
CA GLN G 232 57.83 -2.80 -9.12
C GLN G 232 58.16 -2.70 -10.60
N GLY G 233 57.23 -2.16 -11.38
CA GLY G 233 57.46 -2.02 -12.81
C GLY G 233 57.14 -3.27 -13.61
N LEU G 234 56.69 -4.32 -12.93
CA LEU G 234 56.11 -5.47 -13.62
C LEU G 234 54.64 -5.50 -13.29
N SER G 235 53.83 -5.87 -14.28
CA SER G 235 52.41 -6.10 -14.06
C SER G 235 52.22 -7.41 -13.30
N ASN G 236 51.00 -7.61 -12.79
CA ASN G 236 50.63 -8.81 -12.07
C ASN G 236 50.90 -10.11 -12.87
N GLU G 237 50.43 -10.11 -14.11
CA GLU G 237 50.67 -11.21 -15.07
C GLU G 237 52.15 -11.43 -15.39
N GLN G 238 52.90 -10.34 -15.53
CA GLN G 238 54.35 -10.45 -15.68
C GLN G 238 55.02 -11.01 -14.42
N VAL G 239 54.52 -10.67 -13.24
CA VAL G 239 55.12 -11.18 -12.00
C VAL G 239 54.90 -12.69 -11.89
N LEU G 240 53.67 -13.13 -12.15
CA LEU G 240 53.36 -14.56 -12.15
C LEU G 240 54.35 -15.36 -13.03
N ARG G 241 54.56 -14.94 -14.27
CA ARG G 241 55.49 -15.61 -15.18
C ARG G 241 56.93 -15.54 -14.74
N PHE G 242 57.40 -14.32 -14.45
CA PHE G 242 58.75 -14.04 -13.93
C PHE G 242 59.17 -14.98 -12.80
N VAL G 243 58.31 -15.13 -11.79
CA VAL G 243 58.61 -15.95 -10.62
C VAL G 243 58.55 -17.45 -10.93
N MET G 244 57.50 -17.86 -11.65
CA MET G 244 57.43 -19.23 -12.14
C MET G 244 58.63 -19.66 -12.97
N GLU G 245 59.26 -18.70 -13.67
CA GLU G 245 60.45 -18.97 -14.48
C GLU G 245 61.77 -18.78 -13.71
N GLY G 246 61.70 -18.57 -12.39
CA GLY G 246 62.90 -18.54 -11.56
C GLY G 246 63.32 -17.16 -11.09
N GLY G 247 62.65 -16.11 -11.58
CA GLY G 247 62.98 -14.74 -11.21
C GLY G 247 62.89 -14.44 -9.72
N LEU G 248 63.80 -13.59 -9.23
CA LEU G 248 63.86 -13.25 -7.81
C LEU G 248 63.95 -11.73 -7.60
N LEU G 249 63.57 -11.26 -6.42
CA LEU G 249 63.74 -9.85 -6.07
C LEU G 249 65.21 -9.56 -5.85
N ASP G 250 65.66 -8.39 -6.29
CA ASP G 250 67.08 -7.99 -6.12
C ASP G 250 67.40 -7.63 -4.69
N LYS G 251 68.64 -7.87 -4.30
CA LYS G 251 69.13 -7.43 -2.99
C LYS G 251 68.91 -5.93 -2.83
N PRO G 252 68.19 -5.53 -1.80
CA PRO G 252 67.95 -4.12 -1.51
C PRO G 252 69.23 -3.32 -1.31
N ASP G 253 69.17 -2.04 -1.67
CA ASP G 253 70.27 -1.09 -1.45
C ASP G 253 70.69 -1.10 0.01
N ASN G 254 71.96 -1.39 0.25
CA ASN G 254 72.52 -1.38 1.61
C ASN G 254 71.83 -2.35 2.57
N CYS G 255 71.25 -3.41 2.00
CA CYS G 255 70.74 -4.53 2.77
C CYS G 255 71.89 -5.29 3.45
N PRO G 256 71.76 -5.52 4.75
CA PRO G 256 72.69 -6.39 5.47
C PRO G 256 72.69 -7.81 4.89
N ASP G 257 73.89 -8.30 4.55
CA ASP G 257 74.09 -9.61 3.92
C ASP G 257 73.28 -10.72 4.56
N MET G 258 73.31 -10.76 5.89
CA MET G 258 72.65 -11.81 6.65
C MET G 258 71.13 -11.86 6.41
N LEU G 259 70.52 -10.71 6.14
CA LEU G 259 69.10 -10.64 5.86
C LEU G 259 68.81 -11.11 4.44
N PHE G 260 69.63 -10.69 3.48
CA PHE G 260 69.48 -11.18 2.12
C PHE G 260 69.70 -12.69 2.04
N GLU G 261 70.65 -13.18 2.84
CA GLU G 261 70.88 -14.61 2.96
C GLU G 261 69.62 -15.38 3.40
N LEU G 262 68.90 -14.82 4.39
CA LEU G 262 67.60 -15.36 4.82
C LEU G 262 66.58 -15.40 3.69
N MET G 263 66.46 -14.27 2.96
CA MET G 263 65.56 -14.16 1.83
C MET G 263 65.82 -15.30 0.82
N ARG G 264 67.07 -15.39 0.38
CA ARG G 264 67.55 -16.49 -0.49
C ARG G 264 67.06 -17.86 -0.07
N MET G 265 67.15 -18.15 1.23
CA MET G 265 66.74 -19.46 1.75
C MET G 265 65.24 -19.61 1.67
N CYS G 266 64.51 -18.53 1.94
CA CYS G 266 63.05 -18.54 1.85
C CYS G 266 62.56 -18.70 0.40
N TRP G 267 63.40 -18.26 -0.55
CA TRP G 267 63.05 -18.23 -1.97
C TRP G 267 63.64 -19.37 -2.79
N GLN G 268 63.94 -20.50 -2.15
CA GLN G 268 64.26 -21.70 -2.90
C GLN G 268 63.01 -22.08 -3.71
N TYR G 269 63.21 -22.40 -4.98
CA TYR G 269 62.09 -22.72 -5.87
C TYR G 269 61.33 -23.94 -5.35
N ASN G 270 62.08 -24.98 -5.00
CA ASN G 270 61.56 -26.22 -4.45
C ASN G 270 61.19 -25.98 -2.98
N PRO G 271 59.91 -26.15 -2.64
CA PRO G 271 59.42 -25.92 -1.27
C PRO G 271 60.14 -26.74 -0.18
N LYS G 272 60.59 -27.95 -0.50
CA LYS G 272 61.28 -28.82 0.46
C LYS G 272 62.66 -28.31 0.86
N MET G 273 63.17 -27.32 0.11
CA MET G 273 64.53 -26.81 0.31
C MET G 273 64.54 -25.53 1.15
N ARG G 274 63.34 -25.05 1.50
CA ARG G 274 63.17 -23.85 2.30
C ARG G 274 63.25 -24.24 3.78
N PRO G 275 63.73 -23.32 4.62
CA PRO G 275 63.71 -23.56 6.05
C PRO G 275 62.29 -23.40 6.56
N SER G 276 61.94 -24.16 7.60
CA SER G 276 60.74 -23.91 8.40
C SER G 276 60.90 -22.60 9.17
N PHE G 277 59.81 -22.07 9.73
CA PHE G 277 59.88 -20.88 10.55
C PHE G 277 60.70 -21.11 11.81
N LEU G 278 60.66 -22.33 12.34
CA LEU G 278 61.43 -22.67 13.53
C LEU G 278 62.92 -22.61 13.22
N GLU G 279 63.31 -23.17 12.06
CA GLU G 279 64.70 -23.12 11.60
C GLU G 279 65.20 -21.70 11.39
N ILE G 280 64.31 -20.84 10.86
CA ILE G 280 64.58 -19.42 10.69
C ILE G 280 64.92 -18.75 12.03
N ILE G 281 64.06 -18.96 13.02
CA ILE G 281 64.23 -18.39 14.35
C ILE G 281 65.52 -18.91 14.96
N SER G 282 65.73 -20.22 14.84
CA SER G 282 66.93 -20.85 15.33
C SER G 282 68.21 -20.22 14.76
N SER G 283 68.17 -19.80 13.51
CA SER G 283 69.34 -19.17 12.89
C SER G 283 69.59 -17.73 13.35
N ILE G 284 68.60 -17.09 13.97
CA ILE G 284 68.70 -15.68 14.37
C ILE G 284 68.52 -15.45 15.88
N LYS G 285 68.30 -16.53 16.63
CA LYS G 285 67.94 -16.44 18.04
C LYS G 285 68.95 -15.67 18.90
N GLU G 286 70.24 -15.75 18.56
CA GLU G 286 71.27 -15.04 19.34
C GLU G 286 71.26 -13.53 19.06
N GLU G 287 70.56 -13.15 18.00
CA GLU G 287 70.49 -11.76 17.57
C GLU G 287 69.19 -11.10 17.99
N MET G 288 68.34 -11.86 18.66
CA MET G 288 67.05 -11.38 19.18
C MET G 288 67.19 -10.67 20.53
N GLU G 289 66.30 -9.72 20.82
CA GLU G 289 66.23 -9.06 22.12
C GLU G 289 66.01 -10.08 23.22
N PRO G 290 66.61 -9.86 24.41
CA PRO G 290 66.52 -10.81 25.52
C PRO G 290 65.09 -11.07 26.00
N GLY G 291 64.22 -10.09 25.82
CA GLY G 291 62.79 -10.25 26.13
C GLY G 291 62.08 -11.31 25.28
N PHE G 292 62.62 -11.60 24.10
CA PHE G 292 62.05 -12.62 23.21
C PHE G 292 61.94 -13.98 23.90
N ARG G 293 62.99 -14.36 24.62
CA ARG G 293 63.04 -15.65 25.33
C ARG G 293 61.86 -15.90 26.28
N GLU G 294 61.24 -14.82 26.75
CA GLU G 294 60.13 -14.94 27.70
C GLU G 294 58.73 -14.88 27.07
N VAL G 295 58.60 -14.20 25.94
CA VAL G 295 57.29 -14.00 25.30
C VAL G 295 57.08 -14.84 24.04
N SER G 296 58.14 -15.50 23.57
CA SER G 296 58.07 -16.24 22.31
C SER G 296 57.45 -17.62 22.44
N PHE G 297 56.75 -18.04 21.37
CA PHE G 297 56.34 -19.44 21.23
C PHE G 297 57.58 -20.33 21.12
N TYR G 298 58.63 -19.82 20.48
CA TYR G 298 59.84 -20.59 20.26
C TYR G 298 60.47 -21.15 21.54
N TYR G 299 60.61 -20.29 22.55
CA TYR G 299 61.21 -20.72 23.81
C TYR G 299 60.16 -21.25 24.80
N SER G 300 58.89 -21.20 24.40
CA SER G 300 57.80 -21.72 25.22
C SER G 300 57.88 -23.23 25.44
N GLU G 301 57.16 -23.71 26.45
CA GLU G 301 57.02 -25.14 26.73
C GLU G 301 56.28 -25.85 25.60
N GLU G 302 55.38 -25.12 24.93
CA GLU G 302 54.54 -25.64 23.84
C GLU G 302 55.35 -26.13 22.64
N ASN G 303 56.48 -25.48 22.38
CA ASN G 303 57.38 -25.87 21.30
C ASN G 303 58.10 -27.20 21.60
N LYS G 304 57.60 -28.28 21.02
CA LYS G 304 58.21 -29.60 21.20
C LYS G 304 58.90 -30.06 19.92
N ALA H 1 11.73 -27.25 -16.19
CA ALA H 1 12.57 -26.01 -16.12
C ALA H 1 11.81 -24.81 -16.67
N ALA H 2 11.20 -24.04 -15.77
CA ALA H 2 10.27 -22.98 -16.17
C ALA H 2 10.82 -21.55 -16.10
N ASP H 3 10.04 -20.62 -16.64
CA ASP H 3 10.37 -19.19 -16.66
C ASP H 3 9.33 -18.48 -15.80
N VAL H 4 8.52 -19.28 -15.10
CA VAL H 4 7.54 -18.83 -14.12
C VAL H 4 7.38 -19.94 -13.09
N TYR H 5 6.72 -19.61 -11.98
CA TYR H 5 6.18 -20.63 -11.10
C TYR H 5 4.69 -20.38 -10.95
N VAL H 6 3.91 -21.42 -11.24
CA VAL H 6 2.47 -21.40 -11.05
C VAL H 6 2.10 -22.28 -9.85
N PRO H 7 1.55 -21.69 -8.79
CA PRO H 7 1.20 -22.42 -7.58
C PRO H 7 0.21 -23.55 -7.86
N ASP H 8 0.37 -24.66 -7.17
CA ASP H 8 -0.38 -25.87 -7.44
C ASP H 8 -0.75 -26.58 -6.14
N GLU H 9 -1.08 -27.87 -6.23
CA GLU H 9 -1.53 -28.63 -5.07
C GLU H 9 -0.48 -28.74 -3.95
N TRP H 10 0.78 -28.37 -4.24
CA TRP H 10 1.86 -28.39 -3.25
C TRP H 10 1.94 -27.11 -2.42
N GLU H 11 1.17 -26.11 -2.79
CA GLU H 11 1.15 -24.82 -2.07
C GLU H 11 0.63 -24.99 -0.65
N VAL H 12 1.24 -24.24 0.28
CA VAL H 12 0.84 -24.26 1.69
C VAL H 12 0.76 -22.82 2.17
N ALA H 13 -0.23 -22.53 3.02
CA ALA H 13 -0.41 -21.18 3.54
C ALA H 13 0.69 -20.92 4.55
N ARG H 14 1.33 -19.76 4.44
CA ARG H 14 2.42 -19.34 5.33
C ARG H 14 2.10 -19.46 6.83
N GLU H 15 0.85 -19.19 7.20
CA GLU H 15 0.41 -19.25 8.60
C GLU H 15 0.34 -20.66 9.17
N LYS H 16 0.36 -21.66 8.29
CA LYS H 16 0.41 -23.07 8.69
C LYS H 16 1.83 -23.52 9.04
N ILE H 17 2.79 -22.59 8.98
CA ILE H 17 4.21 -22.91 9.19
C ILE H 17 4.85 -22.01 10.24
N THR H 18 5.61 -22.62 11.15
CA THR H 18 6.48 -21.86 12.05
C THR H 18 7.91 -22.43 11.98
N MET H 19 8.89 -21.53 12.09
CA MET H 19 10.29 -21.92 12.04
C MET H 19 10.93 -21.50 13.34
N SER H 20 11.79 -22.35 13.88
CA SER H 20 12.52 -21.99 15.08
C SER H 20 14.01 -21.90 14.80
N ARG H 21 14.74 -22.97 15.05
CA ARG H 21 16.21 -22.87 15.00
C ARG H 21 16.84 -23.13 13.62
N GLU H 22 18.01 -22.53 13.45
CA GLU H 22 18.84 -22.71 12.27
C GLU H 22 19.38 -24.13 12.19
N LEU H 23 19.27 -24.75 11.03
CA LEU H 23 19.88 -26.06 10.80
C LEU H 23 21.18 -25.93 10.00
N GLY H 24 21.22 -24.97 9.09
CA GLY H 24 22.42 -24.75 8.29
C GLY H 24 22.10 -24.27 6.89
N GLN H 25 23.14 -23.83 6.18
CA GLN H 25 22.95 -23.33 4.83
C GLN H 25 23.71 -24.25 3.89
N GLY H 26 22.99 -24.80 2.90
CA GLY H 26 23.61 -25.49 1.74
C GLY H 26 23.43 -24.62 0.52
N SER H 27 22.73 -25.13 -0.49
CA SER H 27 22.42 -24.31 -1.65
C SER H 27 21.34 -23.31 -1.21
N PHE H 28 21.34 -22.14 -1.83
CA PHE H 28 20.35 -21.10 -1.53
C PHE H 28 20.41 -20.68 -0.06
N GLY H 29 19.26 -20.55 0.61
CA GLY H 29 19.19 -19.91 1.93
C GLY H 29 19.29 -20.84 3.11
N MET H 30 19.36 -20.25 4.31
CA MET H 30 19.36 -20.99 5.55
C MET H 30 18.18 -21.97 5.63
N VAL H 31 18.47 -23.18 6.12
CA VAL H 31 17.45 -24.18 6.46
C VAL H 31 17.14 -24.05 7.96
N TYR H 32 15.85 -24.08 8.29
CA TYR H 32 15.36 -24.00 9.68
C TYR H 32 14.57 -25.24 10.08
N GLU H 33 14.60 -25.57 11.37
CA GLU H 33 13.70 -26.58 11.90
C GLU H 33 12.36 -25.89 12.19
N GLY H 34 11.26 -26.56 11.90
CA GLY H 34 9.96 -25.98 12.14
C GLY H 34 8.85 -26.97 12.23
N VAL H 35 7.63 -26.46 12.19
CA VAL H 35 6.42 -27.27 12.31
C VAL H 35 5.43 -26.85 11.21
N ALA H 36 4.85 -27.82 10.51
CA ALA H 36 3.86 -27.55 9.46
C ALA H 36 2.53 -28.27 9.72
N LYS H 37 1.42 -27.58 9.40
CA LYS H 37 0.06 -28.09 9.61
C LYS H 37 -0.54 -28.66 8.31
N GLY H 38 -1.13 -29.85 8.41
CA GLY H 38 -1.80 -30.52 7.30
C GLY H 38 -0.92 -30.89 6.10
N VAL H 39 0.26 -31.45 6.36
CA VAL H 39 1.16 -31.83 5.27
C VAL H 39 1.34 -33.34 5.15
N VAL H 40 0.90 -34.07 6.17
CA VAL H 40 0.84 -35.54 6.11
C VAL H 40 -0.58 -36.00 6.45
N LYS H 41 -1.06 -36.99 5.69
CA LYS H 41 -2.40 -37.57 5.85
C LYS H 41 -2.55 -38.23 7.21
N ASP H 42 -3.64 -37.89 7.90
CA ASP H 42 -3.94 -38.38 9.25
C ASP H 42 -2.97 -37.82 10.31
N GLU H 43 -2.22 -36.77 9.93
CA GLU H 43 -1.37 -36.07 10.88
C GLU H 43 -1.72 -34.59 10.86
N PRO H 44 -2.14 -34.04 12.00
CA PRO H 44 -2.51 -32.62 12.07
C PRO H 44 -1.29 -31.69 12.06
N GLU H 45 -0.17 -32.15 12.61
CA GLU H 45 1.03 -31.34 12.74
C GLU H 45 2.29 -32.18 12.48
N THR H 46 3.25 -31.61 11.75
CA THR H 46 4.49 -32.32 11.41
C THR H 46 5.74 -31.48 11.64
N ARG H 47 6.73 -32.07 12.31
CA ARG H 47 8.07 -31.49 12.38
C ARG H 47 8.70 -31.54 10.99
N VAL H 48 9.27 -30.42 10.55
CA VAL H 48 9.74 -30.28 9.18
C VAL H 48 11.05 -29.49 9.12
N ALA H 49 11.75 -29.60 8.00
CA ALA H 49 12.82 -28.68 7.65
C ALA H 49 12.25 -27.68 6.65
N ILE H 50 12.64 -26.41 6.81
CA ILE H 50 12.13 -25.35 5.99
C ILE H 50 13.31 -24.66 5.34
N LYS H 51 13.40 -24.79 4.03
CA LYS H 51 14.47 -24.19 3.29
C LYS H 51 14.05 -22.86 2.70
N THR H 52 14.84 -21.83 2.98
CA THR H 52 14.59 -20.49 2.50
C THR H 52 15.51 -20.08 1.35
N VAL H 53 15.12 -18.97 0.75
CA VAL H 53 15.95 -18.21 -0.16
C VAL H 53 16.02 -16.77 0.40
N ASN H 54 17.11 -16.06 0.13
CA ASN H 54 17.26 -14.68 0.57
C ASN H 54 16.04 -13.78 0.27
N GLU H 55 15.70 -12.90 1.21
CA GLU H 55 14.53 -12.00 1.12
C GLU H 55 14.62 -11.01 -0.06
N ALA H 56 15.82 -10.52 -0.32
CA ALA H 56 16.09 -9.66 -1.47
C ALA H 56 16.31 -10.41 -2.79
N ALA H 57 16.03 -11.71 -2.82
CA ALA H 57 16.22 -12.51 -4.04
C ALA H 57 15.42 -11.93 -5.19
N SER H 58 16.06 -11.83 -6.36
CA SER H 58 15.41 -11.32 -7.55
C SER H 58 14.40 -12.34 -8.07
N MET H 59 13.57 -11.92 -9.02
CA MET H 59 12.64 -12.83 -9.68
C MET H 59 13.40 -14.04 -10.24
N ARG H 60 14.50 -13.78 -10.92
CA ARG H 60 15.33 -14.83 -11.50
C ARG H 60 15.78 -15.89 -10.47
N GLU H 61 16.32 -15.47 -9.34
CA GLU H 61 16.73 -16.40 -8.27
C GLU H 61 15.54 -17.20 -7.71
N ARG H 62 14.43 -16.51 -7.49
CA ARG H 62 13.22 -17.09 -6.88
C ARG H 62 12.66 -18.19 -7.79
N ILE H 63 12.56 -17.88 -9.08
CA ILE H 63 12.18 -18.89 -10.09
C ILE H 63 13.13 -20.10 -10.14
N GLU H 64 14.44 -19.86 -10.11
CA GLU H 64 15.39 -20.98 -10.05
C GLU H 64 15.21 -21.82 -8.79
N PHE H 65 15.16 -21.17 -7.65
CA PHE H 65 14.89 -21.81 -6.37
C PHE H 65 13.65 -22.72 -6.42
N LEU H 66 12.55 -22.16 -6.91
CA LEU H 66 11.28 -22.89 -6.99
C LEU H 66 11.32 -23.98 -8.05
N ASN H 67 12.04 -23.74 -9.15
CA ASN H 67 12.19 -24.77 -10.19
C ASN H 67 12.97 -25.99 -9.70
N GLU H 68 14.00 -25.74 -8.90
CA GLU H 68 14.79 -26.85 -8.39
C GLU H 68 13.97 -27.61 -7.35
N ALA H 69 13.26 -26.88 -6.50
CA ALA H 69 12.39 -27.51 -5.52
C ALA H 69 11.33 -28.38 -6.21
N SER H 70 10.78 -27.89 -7.32
CA SER H 70 9.73 -28.59 -8.04
C SER H 70 10.14 -29.95 -8.64
N VAL H 71 11.42 -30.12 -8.99
CA VAL H 71 11.96 -31.45 -9.29
C VAL H 71 11.53 -32.53 -8.23
N MET H 72 11.64 -32.18 -6.95
CA MET H 72 11.31 -33.09 -5.84
C MET H 72 9.84 -33.55 -5.81
N LYS H 73 8.93 -32.79 -6.43
CA LYS H 73 7.52 -33.18 -6.52
C LYS H 73 7.37 -34.55 -7.19
N GLU H 74 8.34 -34.91 -8.01
CA GLU H 74 8.28 -36.18 -8.72
C GLU H 74 8.83 -37.36 -7.89
N PHE H 75 9.49 -37.08 -6.78
CA PHE H 75 10.19 -38.15 -6.03
C PHE H 75 9.36 -38.71 -4.88
N ASN H 76 9.31 -40.04 -4.84
CA ASN H 76 8.66 -40.75 -3.75
C ASN H 76 9.47 -42.01 -3.48
N CYS H 77 10.50 -41.85 -2.66
CA CYS H 77 11.41 -42.93 -2.36
C CYS H 77 11.83 -42.79 -0.91
N HIS H 78 11.94 -43.93 -0.24
CA HIS H 78 12.30 -43.96 1.17
C HIS H 78 13.74 -43.44 1.40
N HIS H 79 14.58 -43.50 0.38
CA HIS H 79 16.00 -43.17 0.51
C HIS H 79 16.38 -41.84 -0.14
N VAL H 80 15.35 -41.05 -0.45
CA VAL H 80 15.49 -39.67 -0.91
C VAL H 80 14.66 -38.80 0.02
N VAL H 81 15.29 -37.77 0.61
CA VAL H 81 14.55 -36.78 1.41
C VAL H 81 13.33 -36.26 0.63
N ARG H 82 12.16 -36.33 1.28
CA ARG H 82 10.88 -36.02 0.65
C ARG H 82 10.54 -34.54 0.73
N LEU H 83 9.93 -34.01 -0.35
CA LEU H 83 9.32 -32.66 -0.34
C LEU H 83 7.95 -32.75 0.33
N LEU H 84 7.59 -31.74 1.11
CA LEU H 84 6.27 -31.71 1.78
C LEU H 84 5.35 -30.58 1.33
N GLY H 85 5.92 -29.45 0.92
CA GLY H 85 5.13 -28.29 0.53
C GLY H 85 5.99 -27.14 0.06
N VAL H 86 5.32 -26.15 -0.52
CA VAL H 86 5.95 -24.97 -1.09
C VAL H 86 5.16 -23.72 -0.66
N VAL H 87 5.87 -22.71 -0.16
CA VAL H 87 5.28 -21.38 0.07
C VAL H 87 5.93 -20.40 -0.93
N SER H 88 5.24 -20.19 -2.04
CA SER H 88 5.77 -19.39 -3.15
C SER H 88 5.24 -17.96 -3.11
N GLN H 89 4.26 -17.73 -2.23
CA GLN H 89 3.58 -16.44 -2.11
C GLN H 89 4.14 -15.68 -0.91
N GLY H 90 4.66 -14.48 -1.15
CA GLY H 90 5.23 -13.68 -0.09
C GLY H 90 6.70 -13.95 0.18
N GLN H 91 7.20 -13.32 1.24
CA GLN H 91 8.60 -13.38 1.63
C GLN H 91 8.80 -14.00 3.01
N PRO H 92 9.89 -14.74 3.22
CA PRO H 92 10.67 -15.37 2.15
C PRO H 92 9.99 -16.59 1.52
N THR H 93 10.38 -16.90 0.28
CA THR H 93 10.00 -18.16 -0.37
C THR H 93 10.54 -19.32 0.48
N LEU H 94 9.70 -20.32 0.69
CA LEU H 94 10.01 -21.45 1.56
C LEU H 94 9.76 -22.74 0.83
N VAL H 95 10.55 -23.74 1.14
CA VAL H 95 10.31 -25.08 0.69
C VAL H 95 10.27 -25.94 1.94
N ILE H 96 9.21 -26.73 2.09
CA ILE H 96 9.02 -27.53 3.28
C ILE H 96 9.39 -28.99 3.01
N MET H 97 10.23 -29.55 3.86
CA MET H 97 10.77 -30.90 3.63
C MET H 97 10.69 -31.81 4.84
N GLU H 98 10.66 -33.11 4.56
CA GLU H 98 10.96 -34.16 5.55
C GLU H 98 12.14 -33.73 6.42
N LEU H 99 11.96 -33.77 7.74
CA LEU H 99 12.99 -33.37 8.67
C LEU H 99 13.94 -34.53 8.94
N MET H 100 15.22 -34.28 8.68
CA MET H 100 16.27 -35.26 8.93
C MET H 100 16.97 -34.79 10.21
N THR H 101 16.67 -35.44 11.33
CA THR H 101 17.01 -34.91 12.66
C THR H 101 18.44 -35.14 13.08
N ARG H 102 19.15 -35.99 12.35
CA ARG H 102 20.57 -36.25 12.63
C ARG H 102 21.57 -35.58 11.68
N GLY H 103 21.08 -34.69 10.82
CA GLY H 103 21.94 -33.84 9.98
C GLY H 103 22.64 -34.55 8.83
N ASP H 104 23.66 -33.89 8.26
CA ASP H 104 24.31 -34.39 7.06
C ASP H 104 25.25 -35.53 7.41
N LEU H 105 25.44 -36.42 6.44
CA LEU H 105 26.24 -37.59 6.66
C LEU H 105 27.73 -37.29 6.92
N LYS H 106 28.28 -36.24 6.32
CA LYS H 106 29.65 -35.88 6.63
C LYS H 106 29.84 -35.61 8.13
N SER H 107 29.03 -34.71 8.69
CA SER H 107 29.03 -34.40 10.11
C SER H 107 28.82 -35.62 10.96
N TYR H 108 27.82 -36.43 10.60
CA TYR H 108 27.54 -37.66 11.30
C TYR H 108 28.77 -38.58 11.32
N LEU H 109 29.43 -38.73 10.17
CA LEU H 109 30.66 -39.54 10.08
C LEU H 109 31.79 -38.97 10.95
N ARG H 110 31.98 -37.65 10.93
CA ARG H 110 32.97 -37.03 11.82
C ARG H 110 32.69 -37.27 13.31
N SER H 111 31.42 -37.32 13.69
CA SER H 111 31.02 -37.53 15.08
C SER H 111 31.33 -38.95 15.57
N LEU H 112 31.58 -39.87 14.65
CA LEU H 112 31.83 -41.28 14.99
C LEU H 112 33.30 -41.57 15.23
N ARG H 113 34.15 -40.56 15.03
CA ARG H 113 35.58 -40.73 15.23
C ARG H 113 35.91 -40.99 16.70
N PRO H 114 36.78 -41.96 16.96
CA PRO H 114 37.26 -42.21 18.33
C PRO H 114 37.77 -40.91 18.94
N ALA H 115 37.32 -40.62 20.15
CA ALA H 115 37.73 -39.40 20.83
C ALA H 115 39.22 -39.47 21.18
N MET H 116 39.70 -40.67 21.47
CA MET H 116 41.11 -40.90 21.78
C MET H 116 41.61 -42.11 21.00
N ALA H 117 42.90 -42.16 20.71
CA ALA H 117 43.46 -43.29 19.94
C ALA H 117 44.03 -44.42 20.81
N ASN H 118 44.46 -45.48 20.14
CA ASN H 118 45.15 -46.61 20.80
C ASN H 118 44.23 -47.44 21.71
N ASN H 119 42.92 -47.27 21.57
CA ASN H 119 41.96 -47.93 22.45
C ASN H 119 40.77 -48.50 21.68
N PRO H 120 40.68 -49.84 21.59
CA PRO H 120 39.66 -50.53 20.77
C PRO H 120 38.23 -50.36 21.27
N VAL H 121 38.08 -49.91 22.51
CA VAL H 121 36.80 -49.54 23.08
C VAL H 121 36.26 -48.28 22.37
N LEU H 122 37.18 -47.45 21.90
CA LEU H 122 36.80 -46.26 21.13
C LEU H 122 37.05 -46.61 19.67
N ALA H 123 36.01 -47.10 19.00
CA ALA H 123 36.15 -47.75 17.68
C ALA H 123 35.30 -47.07 16.59
N PRO H 124 35.71 -47.24 15.32
CA PRO H 124 34.90 -46.79 14.18
C PRO H 124 33.71 -47.72 13.99
N PRO H 125 32.69 -47.32 13.22
CA PRO H 125 31.54 -48.19 12.95
C PRO H 125 31.95 -49.53 12.33
N SER H 126 31.12 -50.54 12.52
CA SER H 126 31.36 -51.86 11.93
C SER H 126 31.17 -51.83 10.43
N LEU H 127 31.66 -52.88 9.77
CA LEU H 127 31.43 -53.12 8.36
C LEU H 127 29.94 -53.13 8.06
N SER H 128 29.20 -53.89 8.86
CA SER H 128 27.77 -54.01 8.75
C SER H 128 27.07 -52.65 8.69
N LYS H 129 27.45 -51.74 9.59
CA LYS H 129 26.90 -50.37 9.63
C LYS H 129 27.26 -49.58 8.35
N MET H 130 28.50 -49.75 7.89
CA MET H 130 28.99 -49.12 6.66
C MET H 130 28.23 -49.59 5.41
N ILE H 131 28.08 -50.90 5.25
CA ILE H 131 27.31 -51.48 4.13
C ILE H 131 25.85 -51.00 4.10
N GLN H 132 25.18 -51.00 5.25
CA GLN H 132 23.81 -50.47 5.37
C GLN H 132 23.71 -49.01 4.83
N MET H 133 24.59 -48.14 5.28
CA MET H 133 24.66 -46.78 4.76
C MET H 133 24.86 -46.76 3.24
N ALA H 134 25.77 -47.58 2.76
CA ALA H 134 26.09 -47.68 1.34
C ALA H 134 24.89 -48.12 0.52
N GLY H 135 24.18 -49.15 0.99
CA GLY H 135 23.02 -49.67 0.27
C GLY H 135 21.84 -48.71 0.23
N GLU H 136 21.72 -47.92 1.29
CA GLU H 136 20.69 -46.88 1.39
C GLU H 136 20.95 -45.76 0.36
N ILE H 137 22.19 -45.28 0.34
CA ILE H 137 22.63 -44.27 -0.62
C ILE H 137 22.43 -44.80 -2.05
N ALA H 138 22.94 -46.01 -2.33
CA ALA H 138 22.82 -46.63 -3.67
C ALA H 138 21.37 -46.83 -4.09
N ASP H 139 20.49 -47.16 -3.15
CA ASP H 139 19.05 -47.34 -3.45
C ASP H 139 18.35 -46.04 -3.84
N GLY H 140 18.62 -44.98 -3.09
CA GLY H 140 18.08 -43.66 -3.44
C GLY H 140 18.58 -43.20 -4.79
N MET H 141 19.86 -43.47 -5.07
CA MET H 141 20.47 -43.12 -6.36
C MET H 141 19.94 -43.97 -7.52
N ALA H 142 19.69 -45.26 -7.27
CA ALA H 142 19.10 -46.12 -8.30
C ALA H 142 17.72 -45.58 -8.66
N TYR H 143 16.96 -45.21 -7.64
CA TYR H 143 15.63 -44.62 -7.82
C TYR H 143 15.73 -43.35 -8.66
N LEU H 144 16.58 -42.41 -8.24
CA LEU H 144 16.78 -41.15 -8.99
C LEU H 144 17.15 -41.39 -10.44
N ASN H 145 18.14 -42.26 -10.64
CA ASN H 145 18.64 -42.56 -11.98
C ASN H 145 17.52 -43.21 -12.82
N ALA H 146 16.77 -44.16 -12.25
CA ALA H 146 15.61 -44.74 -12.96
C ALA H 146 14.54 -43.70 -13.34
N ASN H 147 14.44 -42.63 -12.55
CA ASN H 147 13.57 -41.50 -12.87
C ASN H 147 14.24 -40.38 -13.66
N LYS H 148 15.31 -40.72 -14.36
CA LYS H 148 16.05 -39.83 -15.26
C LYS H 148 16.64 -38.57 -14.59
N PHE H 149 16.98 -38.70 -13.32
CA PHE H 149 17.60 -37.60 -12.57
C PHE H 149 19.06 -37.92 -12.26
N VAL H 150 19.96 -37.06 -12.72
CA VAL H 150 21.38 -37.11 -12.40
C VAL H 150 21.62 -36.10 -11.28
N HIS H 151 22.21 -36.55 -10.17
CA HIS H 151 22.30 -35.71 -8.97
C HIS H 151 23.36 -34.64 -9.17
N ARG H 152 24.54 -35.06 -9.65
CA ARG H 152 25.67 -34.16 -9.96
C ARG H 152 26.52 -33.72 -8.76
N ASP H 153 25.98 -33.82 -7.54
CA ASP H 153 26.73 -33.35 -6.37
C ASP H 153 26.70 -34.37 -5.22
N LEU H 154 26.84 -35.65 -5.57
CA LEU H 154 26.76 -36.71 -4.57
C LEU H 154 28.03 -36.69 -3.74
N ALA H 155 27.84 -36.67 -2.43
CA ALA H 155 28.92 -36.49 -1.45
C ALA H 155 28.27 -36.69 -0.13
N ALA H 156 29.06 -36.95 0.91
CA ALA H 156 28.50 -37.20 2.23
C ALA H 156 27.81 -35.96 2.75
N ARG H 157 28.38 -34.78 2.49
CA ARG H 157 27.74 -33.51 2.92
C ARG H 157 26.32 -33.33 2.40
N ASN H 158 25.97 -34.07 1.35
CA ASN H 158 24.69 -33.93 0.66
C ASN H 158 23.80 -35.16 0.83
N CYS H 159 24.24 -36.09 1.67
CA CYS H 159 23.36 -37.13 2.19
C CYS H 159 22.98 -36.73 3.61
N MET H 160 21.78 -37.14 4.00
CA MET H 160 21.17 -36.76 5.29
C MET H 160 20.83 -38.00 6.14
N VAL H 161 20.88 -37.84 7.46
CA VAL H 161 20.69 -38.97 8.39
C VAL H 161 19.40 -38.76 9.22
N ALA H 162 18.49 -39.72 9.12
CA ALA H 162 17.22 -39.69 9.88
C ALA H 162 17.39 -40.09 11.36
N GLU H 163 16.33 -39.87 12.13
CA GLU H 163 16.25 -40.29 13.53
C GLU H 163 16.64 -41.76 13.73
N ASP H 164 16.12 -42.65 12.89
CA ASP H 164 16.44 -44.07 13.02
C ASP H 164 17.76 -44.47 12.32
N PHE H 165 18.55 -43.46 11.92
CA PHE H 165 19.89 -43.65 11.33
C PHE H 165 19.90 -44.00 9.84
N THR H 166 18.72 -44.01 9.23
CA THR H 166 18.59 -44.17 7.78
C THR H 166 19.25 -42.98 7.05
N VAL H 167 20.02 -43.30 6.01
CA VAL H 167 20.68 -42.30 5.18
C VAL H 167 19.86 -42.05 3.90
N LYS H 168 19.70 -40.78 3.56
CA LYS H 168 18.87 -40.39 2.41
C LYS H 168 19.61 -39.36 1.55
N ILE H 169 19.27 -39.32 0.27
CA ILE H 169 19.86 -38.37 -0.67
C ILE H 169 19.29 -36.97 -0.48
N GLY H 170 20.16 -35.99 -0.34
CA GLY H 170 19.75 -34.61 -0.10
C GLY H 170 20.14 -33.62 -1.19
N ASP H 171 20.55 -32.44 -0.74
CA ASP H 171 20.83 -31.25 -1.54
C ASP H 171 21.55 -31.44 -2.89
N PHE H 172 20.86 -31.13 -3.98
CA PHE H 172 21.43 -31.19 -5.34
C PHE H 172 21.56 -29.79 -5.95
N GLY H 173 21.24 -28.76 -5.16
CA GLY H 173 21.19 -27.41 -5.66
C GLY H 173 22.50 -26.66 -5.83
N MET H 174 23.57 -27.11 -5.15
CA MET H 174 24.84 -26.36 -5.13
C MET H 174 25.49 -26.06 -6.50
N THR H 175 25.35 -26.95 -7.48
CA THR H 175 26.13 -26.84 -8.72
C THR H 175 25.28 -26.48 -9.93
N ARG H 176 23.97 -26.38 -9.73
CA ARG H 176 23.05 -26.06 -10.80
C ARG H 176 23.08 -24.58 -11.12
N ASP H 177 23.24 -24.26 -12.40
CA ASP H 177 23.30 -22.86 -12.82
C ASP H 177 22.00 -22.46 -13.49
N ILE H 178 21.63 -21.19 -13.33
CA ILE H 178 20.33 -20.70 -13.82
C ILE H 178 20.12 -20.89 -15.32
N TYR H 179 21.18 -20.75 -16.10
CA TYR H 179 21.05 -20.70 -17.56
C TYR H 179 21.44 -22.00 -18.29
N GLU H 180 22.00 -22.94 -17.53
CA GLU H 180 22.81 -24.06 -18.07
C GLU H 180 22.26 -24.87 -19.24
N THR H 181 20.95 -25.08 -19.31
CA THR H 181 20.45 -25.93 -20.38
C THR H 181 20.44 -25.30 -21.78
N ASP H 182 20.23 -23.98 -21.86
CA ASP H 182 20.23 -23.29 -23.16
C ASP H 182 21.45 -22.41 -23.39
N TYR H 183 22.15 -22.05 -22.31
CA TYR H 183 23.28 -21.15 -22.39
C TYR H 183 24.48 -21.73 -21.68
N TYR H 184 25.65 -21.44 -22.23
CA TYR H 184 26.92 -21.76 -21.61
C TYR H 184 27.58 -20.45 -21.18
N ARG H 185 28.27 -20.44 -20.04
CA ARG H 185 29.12 -19.31 -19.66
C ARG H 185 30.58 -19.60 -19.98
N LYS H 186 31.20 -18.75 -20.80
CA LYS H 186 32.53 -19.02 -21.38
C LYS H 186 33.63 -19.26 -20.33
N GLY H 187 34.26 -20.42 -20.39
CA GLY H 187 35.00 -20.96 -19.25
C GLY H 187 33.97 -21.19 -18.15
N GLY H 188 33.77 -20.16 -17.33
CA GLY H 188 32.65 -20.12 -16.37
C GLY H 188 33.11 -20.06 -14.93
N LYS H 189 32.21 -19.63 -14.04
CA LYS H 189 32.49 -19.62 -12.58
C LYS H 189 31.51 -20.48 -11.77
N GLY H 190 30.98 -21.53 -12.39
CA GLY H 190 30.11 -22.46 -11.69
C GLY H 190 30.91 -23.27 -10.69
N LEU H 191 30.27 -23.73 -9.63
CA LEU H 191 30.93 -24.51 -8.58
C LEU H 191 31.12 -25.96 -9.03
N LEU H 192 32.35 -26.46 -8.92
CA LEU H 192 32.68 -27.82 -9.29
C LEU H 192 33.21 -28.56 -8.07
N PRO H 193 32.53 -29.63 -7.67
CA PRO H 193 33.03 -30.46 -6.56
C PRO H 193 34.11 -31.43 -7.08
N VAL H 194 35.30 -30.90 -7.38
CA VAL H 194 36.34 -31.65 -8.10
C VAL H 194 36.78 -32.97 -7.47
N ARG H 195 36.77 -33.05 -6.15
CA ARG H 195 37.20 -34.26 -5.44
C ARG H 195 36.15 -35.38 -5.55
N TRP H 196 34.94 -35.06 -6.01
CA TRP H 196 33.84 -36.05 -6.21
C TRP H 196 33.54 -36.35 -7.69
N MET H 197 34.24 -35.64 -8.60
CA MET H 197 33.97 -35.69 -10.07
C MET H 197 34.80 -36.68 -10.89
N SER H 198 34.08 -37.39 -11.78
CA SER H 198 34.64 -38.37 -12.69
C SER H 198 35.58 -37.66 -13.67
N PRO H 199 36.52 -38.38 -14.28
CA PRO H 199 37.37 -37.75 -15.27
C PRO H 199 36.58 -37.02 -16.38
N GLU H 200 35.49 -37.62 -16.88
CA GLU H 200 34.74 -36.99 -17.99
C GLU H 200 34.01 -35.72 -17.53
N SER H 201 33.57 -35.69 -16.27
CA SER H 201 32.98 -34.50 -15.70
C SER H 201 34.02 -33.40 -15.57
N LEU H 202 35.22 -33.78 -15.12
CA LEU H 202 36.32 -32.83 -15.01
C LEU H 202 36.72 -32.29 -16.37
N LYS H 203 36.69 -33.17 -17.37
CA LYS H 203 37.19 -32.86 -18.70
C LYS H 203 36.22 -31.94 -19.47
N ASP H 204 34.94 -32.31 -19.51
CA ASP H 204 34.02 -31.73 -20.47
C ASP H 204 32.66 -31.44 -19.82
N GLY H 205 32.59 -31.45 -18.50
CA GLY H 205 31.33 -31.15 -17.83
C GLY H 205 30.20 -32.14 -18.14
N VAL H 206 30.57 -33.37 -18.52
CA VAL H 206 29.66 -34.49 -18.72
C VAL H 206 29.20 -35.02 -17.37
N PHE H 207 27.88 -35.04 -17.16
CA PHE H 207 27.26 -35.64 -15.96
C PHE H 207 26.16 -36.59 -16.38
N THR H 208 26.27 -37.82 -15.91
CA THR H 208 25.38 -38.94 -16.26
C THR H 208 25.21 -39.81 -15.03
N THR H 209 24.40 -40.86 -15.15
CA THR H 209 24.27 -41.85 -14.07
C THR H 209 25.64 -42.45 -13.76
N TYR H 210 26.43 -42.67 -14.80
CA TYR H 210 27.81 -43.19 -14.67
C TYR H 210 28.74 -42.31 -13.84
N SER H 211 28.57 -41.00 -13.91
CA SER H 211 29.44 -40.09 -13.11
C SER H 211 28.95 -39.96 -11.66
N ASP H 212 27.63 -40.05 -11.49
CA ASP H 212 27.04 -40.24 -10.15
C ASP H 212 27.60 -41.47 -9.44
N VAL H 213 27.80 -42.53 -10.19
CA VAL H 213 28.44 -43.75 -9.70
C VAL H 213 29.89 -43.52 -9.27
N TRP H 214 30.65 -42.77 -10.07
CA TRP H 214 31.99 -42.34 -9.64
C TRP H 214 31.90 -41.67 -8.28
N SER H 215 31.06 -40.64 -8.18
CA SER H 215 30.86 -39.89 -6.91
C SER H 215 30.50 -40.83 -5.73
N PHE H 216 29.71 -41.85 -6.01
CA PHE H 216 29.31 -42.81 -4.97
C PHE H 216 30.53 -43.55 -4.44
N GLY H 217 31.44 -43.93 -5.32
CA GLY H 217 32.70 -44.55 -4.91
C GLY H 217 33.40 -43.60 -3.94
N VAL H 218 33.33 -42.30 -4.19
CA VAL H 218 34.01 -41.35 -3.28
C VAL H 218 33.31 -41.28 -1.92
N VAL H 219 31.98 -41.37 -1.94
CA VAL H 219 31.19 -41.42 -0.73
C VAL H 219 31.55 -42.63 0.16
N LEU H 220 31.64 -43.82 -0.44
CA LEU H 220 32.19 -45.03 0.24
C LEU H 220 33.52 -44.79 0.95
N TRP H 221 34.44 -44.12 0.26
CA TRP H 221 35.73 -43.77 0.84
C TRP H 221 35.54 -42.79 2.01
N GLU H 222 34.62 -41.83 1.87
CA GLU H 222 34.31 -40.98 3.02
C GLU H 222 33.78 -41.79 4.19
N ILE H 223 32.97 -42.81 3.91
CA ILE H 223 32.38 -43.67 4.95
C ILE H 223 33.53 -44.45 5.62
N ALA H 224 34.34 -45.11 4.79
CA ALA H 224 35.53 -45.83 5.28
C ALA H 224 36.57 -45.00 6.07
N THR H 225 36.71 -43.71 5.79
CA THR H 225 37.73 -42.89 6.46
C THR H 225 37.14 -42.01 7.56
N LEU H 226 35.83 -42.13 7.77
CA LEU H 226 35.05 -41.24 8.64
C LEU H 226 35.17 -39.79 8.26
N ALA H 227 34.95 -39.52 6.97
CA ALA H 227 34.92 -38.18 6.39
C ALA H 227 36.25 -37.44 6.45
N GLU H 228 37.30 -38.14 6.06
CA GLU H 228 38.54 -37.47 5.65
C GLU H 228 38.30 -36.68 4.34
N GLN H 229 39.09 -35.64 4.11
CA GLN H 229 39.02 -34.91 2.85
C GLN H 229 39.66 -35.76 1.74
N PRO H 230 38.94 -36.11 0.68
CA PRO H 230 39.56 -36.85 -0.44
C PRO H 230 40.72 -36.08 -1.08
N TYR H 231 41.80 -36.77 -1.44
CA TYR H 231 43.00 -36.15 -2.03
C TYR H 231 43.58 -35.03 -1.14
N GLN H 232 43.45 -35.19 0.18
CA GLN H 232 43.99 -34.21 1.15
C GLN H 232 45.43 -33.86 0.79
N GLY H 233 45.77 -32.58 0.88
CA GLY H 233 47.15 -32.18 0.51
C GLY H 233 47.34 -31.85 -0.97
N LEU H 234 46.37 -32.20 -1.81
CA LEU H 234 46.34 -31.67 -3.19
C LEU H 234 45.40 -30.48 -3.23
N SER H 235 45.80 -29.42 -3.92
CA SER H 235 44.89 -28.33 -4.18
C SER H 235 43.84 -28.79 -5.17
N ASN H 236 42.80 -27.97 -5.35
CA ASN H 236 41.74 -28.22 -6.30
C ASN H 236 42.27 -28.44 -7.72
N GLU H 237 43.20 -27.61 -8.16
CA GLU H 237 43.80 -27.73 -9.50
C GLU H 237 44.68 -28.97 -9.65
N GLN H 238 45.33 -29.40 -8.56
CA GLN H 238 46.13 -30.61 -8.63
C GLN H 238 45.21 -31.82 -8.71
N VAL H 239 44.04 -31.74 -8.06
CA VAL H 239 43.10 -32.85 -8.04
C VAL H 239 42.55 -33.12 -9.45
N LEU H 240 42.06 -32.05 -10.09
CA LEU H 240 41.56 -32.13 -11.46
C LEU H 240 42.60 -32.79 -12.40
N ARG H 241 43.85 -32.32 -12.40
CA ARG H 241 44.91 -32.95 -13.20
C ARG H 241 45.21 -34.42 -12.79
N PHE H 242 45.37 -34.66 -11.49
CA PHE H 242 45.63 -35.98 -10.94
C PHE H 242 44.62 -37.03 -11.41
N VAL H 243 43.34 -36.73 -11.22
CA VAL H 243 42.26 -37.65 -11.60
C VAL H 243 42.15 -37.83 -13.11
N MET H 244 42.29 -36.75 -13.87
CA MET H 244 42.29 -36.83 -15.34
C MET H 244 43.42 -37.65 -15.94
N GLU H 245 44.51 -37.75 -15.18
CA GLU H 245 45.67 -38.52 -15.60
C GLU H 245 45.59 -39.92 -14.99
N GLY H 246 44.44 -40.26 -14.40
CA GLY H 246 44.25 -41.62 -13.91
C GLY H 246 44.53 -41.88 -12.43
N GLY H 247 44.88 -40.84 -11.68
CA GLY H 247 45.04 -40.96 -10.24
C GLY H 247 43.80 -41.42 -9.50
N LEU H 248 44.03 -42.18 -8.44
CA LEU H 248 42.98 -42.74 -7.62
C LEU H 248 43.32 -42.50 -6.15
N LEU H 249 42.29 -42.37 -5.33
CA LEU H 249 42.40 -42.41 -3.87
C LEU H 249 42.91 -43.78 -3.42
N ASP H 250 43.70 -43.78 -2.34
CA ASP H 250 44.22 -45.03 -1.74
C ASP H 250 43.20 -45.69 -0.85
N LYS H 251 43.33 -47.01 -0.78
CA LYS H 251 42.55 -47.83 0.16
C LYS H 251 42.77 -47.25 1.55
N PRO H 252 41.69 -46.89 2.24
CA PRO H 252 41.79 -46.43 3.62
C PRO H 252 42.46 -47.49 4.50
N ASP H 253 43.12 -47.06 5.57
CA ASP H 253 43.66 -47.99 6.56
C ASP H 253 42.56 -48.87 7.13
N ASN H 254 42.83 -50.17 7.19
CA ASN H 254 41.89 -51.13 7.77
C ASN H 254 40.55 -51.14 7.05
N CYS H 255 40.55 -50.69 5.80
CA CYS H 255 39.32 -50.70 5.00
C CYS H 255 38.97 -52.14 4.63
N PRO H 256 37.72 -52.53 4.84
CA PRO H 256 37.26 -53.86 4.42
C PRO H 256 37.47 -54.05 2.92
N ASP H 257 38.12 -55.15 2.57
CA ASP H 257 38.38 -55.47 1.18
C ASP H 257 37.19 -55.24 0.24
N MET H 258 36.00 -55.61 0.69
CA MET H 258 34.82 -55.55 -0.16
C MET H 258 34.40 -54.11 -0.46
N LEU H 259 34.62 -53.20 0.49
CA LEU H 259 34.36 -51.78 0.28
C LEU H 259 35.32 -51.18 -0.74
N PHE H 260 36.60 -51.54 -0.65
CA PHE H 260 37.57 -51.06 -1.62
C PHE H 260 37.32 -51.62 -3.02
N GLU H 261 36.92 -52.89 -3.10
CA GLU H 261 36.53 -53.52 -4.35
C GLU H 261 35.40 -52.75 -5.04
N LEU H 262 34.40 -52.33 -4.26
CA LEU H 262 33.33 -51.49 -4.82
C LEU H 262 33.86 -50.15 -5.34
N MET H 263 34.66 -49.48 -4.52
CA MET H 263 35.31 -48.24 -4.91
C MET H 263 36.02 -48.33 -6.27
N ARG H 264 36.80 -49.39 -6.47
CA ARG H 264 37.62 -49.41 -7.65
C ARG H 264 36.83 -49.73 -8.91
N MET H 265 35.71 -50.40 -8.72
CA MET H 265 34.70 -50.57 -9.77
C MET H 265 34.03 -49.24 -10.10
N CYS H 266 33.67 -48.48 -9.07
CA CYS H 266 33.04 -47.19 -9.27
C CYS H 266 33.99 -46.24 -9.99
N TRP H 267 35.29 -46.45 -9.79
CA TRP H 267 36.28 -45.51 -10.30
C TRP H 267 36.95 -46.01 -11.56
N GLN H 268 36.27 -46.85 -12.35
CA GLN H 268 36.78 -47.17 -13.65
C GLN H 268 36.85 -45.86 -14.46
N TYR H 269 37.96 -45.63 -15.14
CA TYR H 269 38.13 -44.39 -15.89
C TYR H 269 37.05 -44.24 -16.98
N ASN H 270 36.83 -45.32 -17.72
CA ASN H 270 35.82 -45.34 -18.78
C ASN H 270 34.45 -45.55 -18.11
N PRO H 271 33.56 -44.58 -18.29
CA PRO H 271 32.23 -44.60 -17.68
C PRO H 271 31.41 -45.87 -17.95
N LYS H 272 31.60 -46.47 -19.12
CA LYS H 272 30.85 -47.64 -19.54
C LYS H 272 31.33 -48.94 -18.88
N MET H 273 32.46 -48.86 -18.18
CA MET H 273 33.00 -49.97 -17.44
C MET H 273 32.61 -49.96 -15.95
N ARG H 274 31.90 -48.90 -15.54
CA ARG H 274 31.44 -48.80 -14.15
C ARG H 274 30.15 -49.60 -13.96
N PRO H 275 29.92 -50.08 -12.74
CA PRO H 275 28.65 -50.73 -12.41
C PRO H 275 27.53 -49.69 -12.30
N SER H 276 26.29 -50.13 -12.50
CA SER H 276 25.13 -49.28 -12.24
C SER H 276 24.80 -49.36 -10.75
N PHE H 277 23.98 -48.46 -10.26
CA PHE H 277 23.56 -48.50 -8.87
C PHE H 277 22.77 -49.80 -8.55
N LEU H 278 22.00 -50.31 -9.52
CA LEU H 278 21.29 -51.57 -9.36
C LEU H 278 22.24 -52.75 -9.20
N GLU H 279 23.34 -52.74 -9.97
CA GLU H 279 24.36 -53.78 -9.88
C GLU H 279 25.12 -53.74 -8.56
N ILE H 280 25.34 -52.53 -8.06
CA ILE H 280 25.97 -52.31 -6.77
C ILE H 280 25.09 -52.87 -5.66
N ILE H 281 23.78 -52.63 -5.76
CA ILE H 281 22.86 -53.14 -4.72
C ILE H 281 22.80 -54.66 -4.72
N SER H 282 22.66 -55.29 -5.90
CA SER H 282 22.70 -56.76 -5.99
C SER H 282 23.90 -57.33 -5.28
N SER H 283 25.04 -56.65 -5.41
CA SER H 283 26.29 -57.17 -4.87
C SER H 283 26.31 -57.17 -3.35
N ILE H 284 25.46 -56.33 -2.74
CA ILE H 284 25.44 -56.20 -1.27
C ILE H 284 24.09 -56.50 -0.61
N LYS H 285 23.07 -56.86 -1.38
CA LYS H 285 21.71 -57.02 -0.84
C LYS H 285 21.64 -57.99 0.36
N GLU H 286 22.43 -59.06 0.31
CA GLU H 286 22.43 -60.08 1.37
C GLU H 286 23.05 -59.59 2.69
N GLU H 287 23.75 -58.46 2.62
CA GLU H 287 24.37 -57.87 3.80
C GLU H 287 23.50 -56.76 4.38
N MET H 288 22.35 -56.52 3.75
CA MET H 288 21.44 -55.48 4.19
C MET H 288 20.52 -56.00 5.29
N GLU H 289 20.15 -55.11 6.21
CA GLU H 289 19.16 -55.38 7.25
C GLU H 289 17.83 -55.82 6.61
N PRO H 290 17.16 -56.82 7.22
CA PRO H 290 15.88 -57.36 6.72
C PRO H 290 14.85 -56.32 6.25
N GLY H 291 14.71 -55.22 6.99
CA GLY H 291 13.79 -54.14 6.61
C GLY H 291 13.99 -53.59 5.19
N PHE H 292 15.20 -53.73 4.66
CA PHE H 292 15.57 -53.19 3.34
C PHE H 292 14.59 -53.65 2.25
N ARG H 293 14.26 -54.93 2.25
CA ARG H 293 13.32 -55.51 1.28
C ARG H 293 11.93 -54.85 1.28
N GLU H 294 11.55 -54.22 2.40
CA GLU H 294 10.23 -53.59 2.50
C GLU H 294 10.17 -52.12 2.07
N VAL H 295 11.26 -51.39 2.30
CA VAL H 295 11.31 -49.94 2.02
C VAL H 295 12.04 -49.57 0.73
N SER H 296 12.80 -50.50 0.18
CA SER H 296 13.72 -50.20 -0.90
C SER H 296 13.07 -50.08 -2.27
N PHE H 297 13.59 -49.16 -3.10
CA PHE H 297 13.20 -49.10 -4.50
C PHE H 297 13.65 -50.37 -5.22
N TYR H 298 14.79 -50.92 -4.79
CA TYR H 298 15.35 -52.10 -5.42
C TYR H 298 14.35 -53.26 -5.46
N TYR H 299 13.68 -53.51 -4.33
CA TYR H 299 12.72 -54.60 -4.22
C TYR H 299 11.26 -54.17 -4.51
N SER H 300 11.06 -52.92 -4.89
CA SER H 300 9.73 -52.39 -5.15
C SER H 300 9.19 -52.86 -6.51
N GLU H 301 7.87 -52.70 -6.69
CA GLU H 301 7.16 -52.98 -7.95
C GLU H 301 7.70 -52.10 -9.08
N GLU H 302 8.15 -50.90 -8.72
CA GLU H 302 8.68 -49.89 -9.65
C GLU H 302 9.97 -50.32 -10.36
N ASN H 303 10.77 -51.14 -9.69
CA ASN H 303 12.04 -51.57 -10.28
C ASN H 303 11.83 -52.63 -11.36
C10 66A I . -34.26 38.62 18.02
C11 66A I . -34.78 37.37 17.65
C12 66A I . -35.80 36.83 18.41
C13 66A I . -36.28 37.49 19.53
C14 66A I . -35.72 38.69 19.94
C15 66A I . -34.68 39.22 19.19
C19 66A I . -39.25 34.82 16.38
C20 66A I . -39.88 33.81 15.66
C21 66A I . -39.77 32.50 16.11
C22 66A I . -39.04 32.18 17.26
C27 66A I . -28.40 37.39 15.78
C31 66A I . -26.70 36.16 18.15
C32 66A I . -26.26 34.71 18.43
C33 66A I . -26.65 34.28 17.01
N24 66A I . -34.70 42.06 17.79
C29 66A I . -28.40 35.93 16.24
C26 66A I . -29.58 37.87 14.94
C28 66A I . -28.66 38.50 16.80
C25 66A I . -29.76 39.05 15.90
N30 66A I . -27.06 35.68 16.81
C06 66A I . -33.47 41.87 17.27
N05 66A I . -32.80 42.96 16.89
C04 66A I . -31.58 42.93 16.36
C07 66A I . -32.79 40.67 17.10
C02 66A I . -31.61 40.58 16.57
N03 66A I . -30.92 41.78 16.17
N01 66A I . -31.10 39.34 16.48
C08 66A I . -33.12 39.24 17.34
C09 66A I . -32.04 38.46 16.98
O16 66A I . -36.40 35.65 18.07
C17 66A I . -37.83 35.62 18.31
C18 66A I . -38.53 34.51 17.54
C23 66A I . -38.43 33.20 17.98
O1 MES J . -34.06 26.99 14.79
C2 MES J . -35.27 26.25 14.92
C3 MES J . -35.13 25.19 16.02
N4 MES J . -33.87 24.43 15.84
C5 MES J . -32.63 25.10 15.42
C6 MES J . -33.00 26.14 14.34
C7 MES J . -33.76 22.98 16.13
C8 MES J . -34.87 22.50 17.09
S MES J . -34.48 21.07 17.89
O1S MES J . -35.74 20.35 18.21
O2S MES J . -33.79 21.44 19.15
O3S MES J . -33.68 20.16 17.03
S SO4 K . -43.59 19.92 5.13
O1 SO4 K . -44.50 20.40 6.17
O2 SO4 K . -42.27 19.66 5.73
O3 SO4 K . -43.46 20.94 4.10
O4 SO4 K . -44.15 18.71 4.56
C10 66A L . -58.26 13.73 8.31
C11 66A L . -57.01 13.27 7.87
C12 66A L . -56.79 11.90 7.72
C13 66A L . -57.80 11.00 8.05
C14 66A L . -59.05 11.46 8.50
C15 66A L . -59.26 12.83 8.65
C19 66A L . -54.57 9.97 4.53
C20 66A L . -53.54 9.68 3.63
C21 66A L . -52.34 9.15 4.09
C22 66A L . -52.17 8.90 5.45
C27 66A L . -55.94 19.10 11.01
C31 66A L . -55.45 18.30 14.10
C32 66A L . -54.13 17.98 14.81
C33 66A L . -53.32 18.56 13.65
N24 66A L . -61.18 14.47 7.05
C29 66A L . -54.83 18.28 11.67
C26 66A L . -56.10 18.89 9.50
C28 66A L . -57.38 18.64 11.22
C25 66A L . -57.57 18.53 9.70
N30 66A L . -54.62 18.83 13.02
C06 66A L . -60.83 15.71 7.49
N05 66A L . -61.69 16.74 7.31
C04 66A L . -61.40 17.99 7.73
C07 66A L . -59.66 16.01 8.14
C02 66A L . -59.32 17.18 8.56
N03 66A L . -60.25 18.28 8.35
N01 66A L . -58.11 17.26 9.15
C08 66A L . -58.48 15.19 8.49
C09 66A L . -57.57 16.02 9.14
O16 66A L . -55.57 11.43 7.28
C17 66A L . -55.49 10.04 6.88
C18 66A L . -54.37 9.73 5.89
C23 66A L . -53.18 9.19 6.36
O1 MES M . -45.80 13.08 8.50
C2 MES M . -45.56 11.81 7.88
C3 MES M . -45.05 10.80 8.92
N4 MES M . -43.92 11.41 9.64
C5 MES M . -43.98 12.79 10.11
C6 MES M . -44.58 13.65 9.00
C7 MES M . -42.72 10.63 9.90
C8 MES M . -43.05 9.55 10.94
S MES M . -41.73 9.03 11.81
O1S MES M . -41.00 10.21 12.36
O2S MES M . -42.19 8.16 12.92
O3S MES M . -40.81 8.25 10.97
C10 66A N . -32.73 -4.57 -9.31
C11 66A N . -32.10 -3.51 -8.68
C12 66A N . -30.74 -3.61 -8.34
C13 66A N . -30.02 -4.77 -8.63
C14 66A N . -30.66 -5.85 -9.25
C15 66A N . -32.02 -5.74 -9.57
C19 66A N . -27.67 -0.43 -8.53
C20 66A N . -27.12 0.84 -8.35
C21 66A N . -26.93 1.32 -7.05
C22 66A N . -27.30 0.55 -5.95
C27 66A N . -38.62 -3.34 -7.05
C31 66A N . -38.98 -5.06 -4.21
C32 66A N . -39.20 -4.38 -2.86
C33 66A N . -39.34 -3.02 -3.53
N24 66A N . -33.14 -5.94 -12.28
C29 66A N . -38.05 -3.21 -5.65
C26 66A N . -37.92 -2.53 -8.14
C28 66A N . -38.32 -4.63 -7.81
C25 66A N . -37.72 -3.81 -8.94
N30 66A N . -39.11 -3.72 -4.78
C06 66A N . -34.44 -5.66 -12.00
N05 66A N . -35.38 -6.00 -12.92
C04 66A N . -36.70 -5.75 -12.71
C07 66A N . -34.89 -5.05 -10.86
C02 66A N . -36.14 -4.78 -10.60
N03 66A N . -37.14 -5.15 -11.58
N01 66A N . -36.36 -4.18 -9.41
C08 66A N . -34.19 -4.53 -9.65
C09 66A N . -35.15 -4.02 -8.78
O16 66A N . -30.08 -2.56 -7.73
C17 66A N . -28.65 -2.58 -7.65
C18 66A N . -28.05 -1.21 -7.43
C23 66A N . -27.86 -0.73 -6.13
O1 MES O . -31.54 3.88 -0.66
C2 MES O . -30.17 4.29 -0.58
C3 MES O . -29.57 3.95 0.78
N4 MES O . -30.48 4.37 1.85
C5 MES O . -31.93 4.20 1.72
C6 MES O . -32.35 4.59 0.29
C7 MES O . -29.93 4.96 3.08
C8 MES O . -29.60 3.80 4.04
S MES O . -29.07 4.25 5.57
O1S MES O . -30.15 4.86 6.37
O2S MES O . -28.55 3.02 6.22
O3S MES O . -27.95 5.24 5.48
S SO4 P . -24.17 18.10 -1.95
O1 SO4 P . -24.99 18.61 -0.85
O2 SO4 P . -23.82 16.72 -1.63
O3 SO4 P . -22.98 18.94 -2.12
O4 SO4 P . -24.97 18.16 -3.19
C10 66A Q . -8.93 20.72 -0.02
C11 66A Q . -10.09 20.98 0.71
C12 66A Q . -10.00 21.67 1.93
C13 66A Q . -8.75 22.06 2.42
C14 66A Q . -7.59 21.77 1.69
C15 66A Q . -7.67 21.06 0.49
C19 66A Q . -13.08 24.76 3.01
C20 66A Q . -14.35 25.25 3.34
C21 66A Q . -15.03 24.73 4.43
C22 66A Q . -14.44 23.73 5.21
C27 66A Q . -11.35 15.33 -2.72
C31 66A Q . -10.44 12.90 -0.84
C32 66A Q . -11.26 12.04 0.12
C33 66A Q . -12.57 12.57 -0.45
N24 66A Q . -6.76 22.00 -2.13
C29 66A Q . -12.03 14.81 -1.46
C26 66A Q . -11.66 16.75 -3.18
C28 66A Q . -9.87 15.68 -2.63
C25 66A Q . -10.16 17.06 -3.24
N30 66A Q . -11.73 13.37 -1.34
C06 66A Q . -7.19 20.95 -2.88
N05 66A Q . -6.65 20.74 -4.10
C04 66A Q . -7.03 19.72 -4.90
C07 66A Q . -8.13 20.03 -2.49
C02 66A Q . -8.57 19.04 -3.20
N03 66A Q . -7.98 18.85 -4.52
N01 66A Q . -9.54 18.27 -2.62
C08 66A Q . -8.97 19.93 -1.27
C09 66A Q . -9.78 18.80 -1.39
O16 66A Q . -11.14 21.99 2.63
C17 66A Q . -11.12 23.21 3.41
C18 66A Q . -12.50 23.75 3.78
C23 66A Q . -13.18 23.24 4.90
O1 MES R . -19.81 18.17 5.12
C2 MES R . -20.22 19.05 6.18
C3 MES R . -20.23 18.36 7.56
N4 MES R . -20.83 17.02 7.46
C5 MES R . -20.55 16.16 6.30
C6 MES R . -20.62 17.00 5.02
C7 MES R . -21.71 16.45 8.51
C8 MES R . -21.52 17.13 9.86
S MES R . -21.98 16.20 11.20
O1S MES R . -22.52 17.16 12.20
O2S MES R . -20.76 15.57 11.76
O3S MES R . -23.02 15.17 10.89
C10 66A S . 9.07 -10.43 -25.73
C11 66A S . 10.20 -9.89 -25.14
C12 66A S . 11.06 -9.14 -25.92
C13 66A S . 10.82 -8.94 -27.27
C14 66A S . 9.71 -9.51 -27.87
C15 66A S . 8.85 -10.30 -27.10
C19 66A S . 13.01 -5.42 -24.35
C20 66A S . 13.88 -4.68 -23.56
C21 66A S . 15.25 -5.00 -23.56
C22 66A S . 15.73 -6.04 -24.36
C27 66A S . 8.76 -15.50 -21.75
C31 66A S . 10.34 -17.88 -23.12
C32 66A S . 11.75 -18.41 -22.89
C33 66A S . 11.83 -17.73 -21.53
N24 66A S . 5.82 -9.71 -26.63
C29 66A S . 10.28 -15.75 -21.69
C26 66A S . 8.18 -14.11 -21.39
C28 66A S . 8.11 -15.39 -23.14
C25 66A S . 7.43 -14.09 -22.72
N30 66A S . 10.49 -17.21 -21.80
C06 66A S . 5.68 -10.73 -25.75
N05 66A S . 4.43 -11.18 -25.55
C04 66A S . 4.13 -12.19 -24.72
C07 66A S . 6.66 -11.42 -25.08
C02 66A S . 6.44 -12.40 -24.24
N03 66A S . 5.09 -12.85 -24.05
N01 66A S . 7.51 -12.95 -23.67
C08 66A S . 8.14 -11.29 -24.99
C09 66A S . 8.63 -12.27 -24.13
O16 66A S . 12.16 -8.53 -25.36
C17 66A S . 12.54 -7.26 -25.99
C18 66A S . 13.49 -6.46 -25.14
C23 66A S . 14.86 -6.77 -25.15
O1 MES T . 19.31 -10.44 -19.36
C2 MES T . 20.27 -9.41 -19.54
C3 MES T . 21.57 -9.96 -20.15
N4 MES T . 22.00 -11.18 -19.44
C5 MES T . 21.02 -12.16 -18.96
C6 MES T . 19.79 -11.41 -18.43
C7 MES T . 23.43 -11.47 -19.21
C8 MES T . 24.30 -10.76 -20.27
S MES T . 25.84 -11.41 -20.53
O1S MES T . 26.39 -12.01 -19.30
O2S MES T . 26.75 -10.32 -20.95
O3S MES T . 25.72 -12.38 -21.66
S SO4 U . 24.97 0.94 -10.77
O1 SO4 U . 23.66 1.01 -10.12
O2 SO4 U . 25.95 1.68 -9.98
O3 SO4 U . 24.89 1.57 -12.09
O4 SO4 U . 25.35 -0.46 -10.95
C10 66A V . 33.75 13.60 -15.69
C11 66A V . 33.92 12.52 -14.82
C12 66A V . 35.16 12.27 -14.24
C13 66A V . 36.26 13.08 -14.57
C14 66A V . 36.09 14.13 -15.47
C15 66A V . 34.84 14.39 -16.04
C19 66A V . 36.00 10.88 -10.27
C20 66A V . 35.92 10.19 -9.07
C21 66A V . 36.34 8.87 -9.00
C22 66A V . 36.83 8.24 -10.13
C27 66A V . 29.03 10.90 -19.08
C31 66A V . 30.66 9.58 -21.59
C32 66A V . 30.80 8.09 -21.90
C33 66A V . 29.78 7.71 -20.85
N24 66A V . 33.16 16.78 -15.48
C29 66A V . 29.87 9.63 -19.21
C26 66A V . 28.85 11.46 -17.66
C28 66A V . 29.66 12.23 -19.51
C25 66A V . 29.40 12.81 -18.13
N30 66A V . 29.70 9.15 -20.57
C06 66A V . 32.03 16.42 -16.14
N05 66A V . 31.13 17.38 -16.48
C04 66A V . 29.99 17.07 -17.14
C07 66A V . 31.72 15.14 -16.52
C02 66A V . 30.65 14.77 -17.15
N03 66A V . 29.70 15.80 -17.49
N01 66A V . 30.54 13.44 -17.41
C08 66A V . 32.43 13.86 -16.32
C09 66A V . 31.66 12.85 -16.90
O16 66A V . 35.31 11.21 -13.37
C17 66A V . 36.59 10.98 -12.73
C18 66A V . 36.49 10.24 -11.42
C23 66A V . 36.92 8.91 -11.35
O1 MES W . 32.86 1.67 -12.36
C2 MES W . 33.85 1.47 -11.36
C3 MES W . 34.99 0.61 -11.90
N4 MES W . 34.41 -0.61 -12.50
C5 MES W . 33.25 -0.53 -13.38
C6 MES W . 32.23 0.43 -12.75
C7 MES W . 35.01 -1.91 -12.22
C8 MES W . 36.33 -2.02 -12.99
S MES W . 36.86 -3.60 -13.24
O1S MES W . 35.77 -4.38 -13.87
O2S MES W . 37.21 -4.26 -11.96
O3S MES W . 38.06 -3.56 -14.11
C10 66A X . 43.10 -7.07 12.46
C11 66A X . 42.15 -7.81 11.73
C12 66A X . 42.15 -9.22 11.80
C13 66A X . 43.11 -9.89 12.58
C14 66A X . 44.06 -9.14 13.28
C15 66A X . 44.06 -7.75 13.20
C19 66A X . 38.60 -11.74 11.90
C20 66A X . 37.34 -12.20 11.52
C21 66A X . 37.17 -12.81 10.28
C22 66A X . 38.27 -12.94 9.42
C27 66A X . 43.33 -2.02 8.49
C31 66A X . 45.78 -2.73 6.29
C32 66A X . 45.51 -2.88 4.80
C33 66A X . 44.06 -2.42 4.97
N24 66A X . 43.66 -5.88 15.50
C29 66A X . 43.51 -2.99 7.34
C26 66A X . 42.17 -2.37 9.42
C28 66A X . 44.33 -2.12 9.64
C25 66A X . 43.16 -2.37 10.59
N30 66A X . 44.39 -2.31 6.38
C06 66A X . 43.65 -4.72 14.81
N05 66A X . 43.86 -3.57 15.48
C04 66A X . 43.86 -2.37 14.88
C07 66A X . 43.44 -4.59 13.46
C02 66A X . 43.43 -3.46 12.81
N03 66A X . 43.66 -2.24 13.56
N01 66A X . 43.21 -3.56 11.48
C08 66A X . 43.16 -5.58 12.38
C09 66A X . 43.05 -4.89 11.18
O16 66A X . 41.23 -9.97 11.12
C17 66A X . 41.05 -11.36 11.45
C18 66A X . 39.70 -11.87 11.03
C23 66A X . 39.54 -12.49 9.79
O1 MES Y . 37.05 -10.08 2.26
C2 MES Y . 36.42 -11.35 2.44
C3 MES Y . 37.04 -12.38 1.50
N4 MES Y . 37.06 -11.84 0.14
C5 MES Y . 37.43 -10.45 -0.13
C6 MES Y . 36.82 -9.54 0.96
C7 MES Y . 36.73 -12.72 -0.99
C8 MES Y . 38.04 -13.39 -1.45
S MES Y . 37.92 -14.27 -2.88
O1S MES Y . 36.87 -15.32 -2.79
O2S MES Y . 39.23 -14.93 -3.08
O3S MES Y . 37.59 -13.38 -4.02
S SO4 Z . 22.07 -15.82 1.31
O1 SO4 Z . 21.03 -16.83 1.48
O2 SO4 Z . 21.79 -14.70 2.20
O3 SO4 Z . 22.10 -15.34 -0.08
O4 SO4 Z . 23.39 -16.40 1.57
C10 66A AA . 17.90 -30.78 2.71
C11 66A AA . 17.98 -29.86 1.67
C12 66A AA . 17.62 -30.23 0.37
C13 66A AA . 17.20 -31.54 0.13
C14 66A AA . 17.14 -32.47 1.16
C15 66A AA . 17.53 -32.10 2.45
C19 66A AA . 15.31 -27.48 -2.23
C20 66A AA . 15.02 -26.30 -2.94
C21 66A AA . 15.82 -25.93 -4.00
C22 66A AA . 16.92 -26.72 -4.37
C27 66A AA . 22.70 -28.03 6.11
C31 66A AA . 25.41 -29.60 5.39
C32 66A AA . 26.60 -29.14 4.56
C33 66A AA . 26.11 -27.70 4.57
N24 66A AA . 15.85 -32.17 4.83
C29 66A AA . 23.64 -27.82 4.93
C26 66A AA . 21.27 -27.47 6.04
C28 66A AA . 22.12 -29.42 6.37
C25 66A AA . 20.70 -28.83 6.44
N30 66A AA . 24.98 -28.20 5.36
C06 66A AA . 16.71 -31.61 5.72
N05 66A AA . 16.50 -31.80 7.04
C04 66A AA . 17.28 -31.25 7.98
C07 66A AA . 17.81 -30.85 5.38
C02 66A AA . 18.61 -30.29 6.24
N03 66A AA . 18.35 -30.49 7.65
N01 66A AA . 19.62 -29.55 5.67
C08 66A AA . 18.34 -30.43 4.09
C09 66A AA . 19.48 -29.65 4.32
O16 66A AA . 17.64 -29.32 -0.66
C17 66A AA . 16.75 -29.54 -1.79
C18 66A AA . 16.41 -28.28 -2.58
C23 66A AA . 17.22 -27.89 -3.67
O1 MES BA . 23.17 -22.15 -4.14
C2 MES BA . 22.66 -22.03 -5.48
C3 MES BA . 23.74 -22.35 -6.54
N4 MES BA . 25.03 -21.74 -6.20
C5 MES BA . 25.46 -21.60 -4.79
C6 MES BA . 24.27 -21.27 -3.89
C7 MES BA . 25.98 -21.26 -7.23
C8 MES BA . 25.60 -21.76 -8.63
S MES BA . 26.89 -21.77 -9.73
O1S MES BA . 27.86 -20.66 -9.48
O2S MES BA . 27.57 -23.09 -9.67
O3S MES BA . 26.30 -21.61 -11.08
#